data_6A7S
# 
_entry.id   6A7S 
# 
_audit_conform.dict_name       mmcif_pdbx.dic 
_audit_conform.dict_version    5.398 
_audit_conform.dict_location   http://mmcif.pdb.org/dictionaries/ascii/mmcif_pdbx.dic 
# 
loop_
_database_2.database_id 
_database_2.database_code 
_database_2.pdbx_database_accession 
_database_2.pdbx_DOI 
PDB   6A7S         pdb_00006a7s 10.2210/pdb6a7s/pdb 
WWPDB D_1300008287 ?            ?                   
# 
loop_
_pdbx_audit_revision_history.ordinal 
_pdbx_audit_revision_history.data_content_type 
_pdbx_audit_revision_history.major_revision 
_pdbx_audit_revision_history.minor_revision 
_pdbx_audit_revision_history.revision_date 
1 'Structure model' 1 0 2019-03-20 
2 'Structure model' 1 1 2019-04-03 
3 'Structure model' 1 2 2020-07-29 
4 'Structure model' 1 3 2024-11-20 
# 
loop_
_pdbx_audit_revision_details.ordinal 
_pdbx_audit_revision_details.revision_ordinal 
_pdbx_audit_revision_details.data_content_type 
_pdbx_audit_revision_details.provider 
_pdbx_audit_revision_details.type 
_pdbx_audit_revision_details.description 
_pdbx_audit_revision_details.details 
1 1 'Structure model' repository 'Initial release' ?                          ? 
2 3 'Structure model' repository Remediation       'Carbohydrate remediation' ? 
# 
loop_
_pdbx_audit_revision_group.ordinal 
_pdbx_audit_revision_group.revision_ordinal 
_pdbx_audit_revision_group.data_content_type 
_pdbx_audit_revision_group.group 
1 2 'Structure model' 'Data collection'      
2 2 'Structure model' 'Database references'  
3 2 'Structure model' 'Structure summary'    
4 3 'Structure model' 'Data collection'      
5 3 'Structure model' 'Derived calculations' 
6 3 'Structure model' 'Structure summary'    
7 4 'Structure model' 'Data collection'      
8 4 'Structure model' 'Database references'  
9 4 'Structure model' 'Structure summary'    
# 
loop_
_pdbx_audit_revision_category.ordinal 
_pdbx_audit_revision_category.revision_ordinal 
_pdbx_audit_revision_category.data_content_type 
_pdbx_audit_revision_category.category 
1  2 'Structure model' citation                  
2  2 'Structure model' citation_author           
3  2 'Structure model' entity_name_com           
4  2 'Structure model' struct                    
5  3 'Structure model' chem_comp                 
6  3 'Structure model' entity                    
7  3 'Structure model' pdbx_chem_comp_identifier 
8  3 'Structure model' pdbx_entity_nonpoly       
9  3 'Structure model' struct_conn               
10 3 'Structure model' struct_site               
11 3 'Structure model' struct_site_gen           
12 4 'Structure model' chem_comp                 
13 4 'Structure model' chem_comp_atom            
14 4 'Structure model' chem_comp_bond            
15 4 'Structure model' database_2                
16 4 'Structure model' pdbx_entry_details        
17 4 'Structure model' pdbx_modification_feature 
# 
loop_
_pdbx_audit_revision_item.ordinal 
_pdbx_audit_revision_item.revision_ordinal 
_pdbx_audit_revision_item.data_content_type 
_pdbx_audit_revision_item.item 
1  2 'Structure model' '_struct.pdbx_descriptor'             
2  3 'Structure model' '_chem_comp.name'                     
3  3 'Structure model' '_chem_comp.type'                     
4  3 'Structure model' '_entity.pdbx_description'            
5  3 'Structure model' '_pdbx_entity_nonpoly.name'           
6  3 'Structure model' '_struct_conn.pdbx_dist_value'        
7  3 'Structure model' '_struct_conn.ptnr1_auth_seq_id'      
8  3 'Structure model' '_struct_conn.ptnr1_label_seq_id'     
9  3 'Structure model' '_struct_conn.ptnr2_auth_seq_id'      
10 3 'Structure model' '_struct_conn.ptnr2_label_seq_id'     
11 3 'Structure model' '_struct_conn.ptnr2_symmetry'         
12 4 'Structure model' '_chem_comp.pdbx_synonyms'            
13 4 'Structure model' '_database_2.pdbx_DOI'                
14 4 'Structure model' '_database_2.pdbx_database_accession' 
# 
_pdbx_database_status.status_code                     REL 
_pdbx_database_status.status_code_sf                  REL 
_pdbx_database_status.status_code_mr                  ? 
_pdbx_database_status.entry_id                        6A7S 
_pdbx_database_status.recvd_initial_deposition_date   2018-07-04 
_pdbx_database_status.SG_entry                        N 
_pdbx_database_status.deposit_site                    PDBJ 
_pdbx_database_status.process_site                    PDBJ 
_pdbx_database_status.status_code_cs                  ? 
_pdbx_database_status.methods_development_category    ? 
_pdbx_database_status.pdb_format_compatible           Y 
_pdbx_database_status.status_code_nmr_data            ? 
# 
_pdbx_database_related.db_name        PDB 
_pdbx_database_related.details        . 
_pdbx_database_related.db_id          6A7T 
_pdbx_database_related.content_type   unspecified 
# 
loop_
_audit_author.name 
_audit_author.pdbx_ordinal 
_audit_author.identifier_ORCID 
'Unno, H.'       1 0000-0001-5917-269X 
'Hatakeyama, T.' 2 ?                   
# 
_citation.abstract                  ? 
_citation.abstract_id_CAS           ? 
_citation.book_id_ISBN              ? 
_citation.book_publisher            ? 
_citation.book_publisher_city       ? 
_citation.book_title                ? 
_citation.coordinate_linkage        ? 
_citation.country                   US 
_citation.database_id_Medline       ? 
_citation.details                   ? 
_citation.id                        primary 
_citation.journal_abbrev            'Protein Sci.' 
_citation.journal_id_ASTM           PRCIEI 
_citation.journal_id_CSD            0795 
_citation.journal_id_ISSN           1469-896X 
_citation.journal_full              ? 
_citation.journal_issue             ? 
_citation.journal_volume            28 
_citation.language                  ? 
_citation.page_first                766 
_citation.page_last                 778 
_citation.title                     
'Novel Ca2+-independent carbohydrate recognition of the C-type lectins, SPL-1 and SPL-2, from the bivalve Saxidomus purpuratus.' 
_citation.year                      2019 
_citation.database_id_CSD           ? 
_citation.pdbx_database_id_DOI      10.1002/pro.3592 
_citation.pdbx_database_id_PubMed   30793424 
_citation.unpublished_flag          ? 
# 
loop_
_citation_author.citation_id 
_citation_author.name 
_citation_author.ordinal 
_citation_author.identifier_ORCID 
primary 'Unno, H.'       1 ? 
primary 'Itakura, S.'    2 ? 
primary 'Higuchi, S.'    3 ? 
primary 'Goda, S.'       4 ? 
primary 'Yamaguchi, K.'  5 ? 
primary 'Hatakeyama, T.' 6 ? 
# 
loop_
_entity.id 
_entity.type 
_entity.src_method 
_entity.pdbx_description 
_entity.formula_weight 
_entity.pdbx_number_of_molecules 
_entity.pdbx_ec 
_entity.pdbx_mutation 
_entity.pdbx_fragment 
_entity.details 
1 polymer     nat 'N-acetylglucosamine-specific lectin'      17898.779 1  ? ? ? ? 
2 non-polymer man 2-acetamido-2-deoxy-beta-D-galactopyranose 221.208   1  ? ? ? ? 
3 non-polymer syn 2-AMINO-2-HYDROXYMETHYL-PROPANE-1,3-DIOL   122.143   1  ? ? ? ? 
4 non-polymer syn 'CALCIUM ION'                              40.078    1  ? ? ? ? 
5 non-polymer syn 'SULFATE ION'                              96.063    1  ? ? ? ? 
6 water       nat water                                      18.015    87 ? ? ? ? 
# 
_entity_poly.entity_id                      1 
_entity_poly.type                           'polypeptide(L)' 
_entity_poly.nstd_linkage                   no 
_entity_poly.nstd_monomer                   no 
_entity_poly.pdbx_seq_one_letter_code       
;MLNGASIIVSLFLCFVGGAYACCSEDDCPSGWKFFGGSCYLFDEGSRGWEGSKAFCESKDASLVTVECSKEDDFIRGILS
GQTAKHYYWIGARWNEEHNDYRWIDGSPFTFIGWGPGKPDNNKGCLDYLNYKEVVWQWNDHVDCENTNGPCICEIDCSD
;
_entity_poly.pdbx_seq_one_letter_code_can   
;MLNGASIIVSLFLCFVGGAYACCSEDDCPSGWKFFGGSCYLFDEGSRGWEGSKAFCESKDASLVTVECSKEDDFIRGILS
GQTAKHYYWIGARWNEEHNDYRWIDGSPFTFIGWGPGKPDNNKGCLDYLNYKEVVWQWNDHVDCENTNGPCICEIDCSD
;
_entity_poly.pdbx_strand_id                 B 
_entity_poly.pdbx_target_identifier         ? 
# 
loop_
_pdbx_entity_nonpoly.entity_id 
_pdbx_entity_nonpoly.name 
_pdbx_entity_nonpoly.comp_id 
2 2-acetamido-2-deoxy-beta-D-galactopyranose NGA 
3 2-AMINO-2-HYDROXYMETHYL-PROPANE-1,3-DIOL   TRS 
4 'CALCIUM ION'                              CA  
5 'SULFATE ION'                              SO4 
6 water                                      HOH 
# 
loop_
_entity_poly_seq.entity_id 
_entity_poly_seq.num 
_entity_poly_seq.mon_id 
_entity_poly_seq.hetero 
1 1   MET n 
1 2   LEU n 
1 3   ASN n 
1 4   GLY n 
1 5   ALA n 
1 6   SER n 
1 7   ILE n 
1 8   ILE n 
1 9   VAL n 
1 10  SER n 
1 11  LEU n 
1 12  PHE n 
1 13  LEU n 
1 14  CYS n 
1 15  PHE n 
1 16  VAL n 
1 17  GLY n 
1 18  GLY n 
1 19  ALA n 
1 20  TYR n 
1 21  ALA n 
1 22  CYS n 
1 23  CYS n 
1 24  SER n 
1 25  GLU n 
1 26  ASP n 
1 27  ASP n 
1 28  CYS n 
1 29  PRO n 
1 30  SER n 
1 31  GLY n 
1 32  TRP n 
1 33  LYS n 
1 34  PHE n 
1 35  PHE n 
1 36  GLY n 
1 37  GLY n 
1 38  SER n 
1 39  CYS n 
1 40  TYR n 
1 41  LEU n 
1 42  PHE n 
1 43  ASP n 
1 44  GLU n 
1 45  GLY n 
1 46  SER n 
1 47  ARG n 
1 48  GLY n 
1 49  TRP n 
1 50  GLU n 
1 51  GLY n 
1 52  SER n 
1 53  LYS n 
1 54  ALA n 
1 55  PHE n 
1 56  CYS n 
1 57  GLU n 
1 58  SER n 
1 59  LYS n 
1 60  ASP n 
1 61  ALA n 
1 62  SER n 
1 63  LEU n 
1 64  VAL n 
1 65  THR n 
1 66  VAL n 
1 67  GLU n 
1 68  CYS n 
1 69  SER n 
1 70  LYS n 
1 71  GLU n 
1 72  ASP n 
1 73  ASP n 
1 74  PHE n 
1 75  ILE n 
1 76  ARG n 
1 77  GLY n 
1 78  ILE n 
1 79  LEU n 
1 80  SER n 
1 81  GLY n 
1 82  GLN n 
1 83  THR n 
1 84  ALA n 
1 85  LYS n 
1 86  HIS n 
1 87  TYR n 
1 88  TYR n 
1 89  TRP n 
1 90  ILE n 
1 91  GLY n 
1 92  ALA n 
1 93  ARG n 
1 94  TRP n 
1 95  ASN n 
1 96  GLU n 
1 97  GLU n 
1 98  HIS n 
1 99  ASN n 
1 100 ASP n 
1 101 TYR n 
1 102 ARG n 
1 103 TRP n 
1 104 ILE n 
1 105 ASP n 
1 106 GLY n 
1 107 SER n 
1 108 PRO n 
1 109 PHE n 
1 110 THR n 
1 111 PHE n 
1 112 ILE n 
1 113 GLY n 
1 114 TRP n 
1 115 GLY n 
1 116 PRO n 
1 117 GLY n 
1 118 LYS n 
1 119 PRO n 
1 120 ASP n 
1 121 ASN n 
1 122 ASN n 
1 123 LYS n 
1 124 GLY n 
1 125 CYS n 
1 126 LEU n 
1 127 ASP n 
1 128 TYR n 
1 129 LEU n 
1 130 ASN n 
1 131 TYR n 
1 132 LYS n 
1 133 GLU n 
1 134 VAL n 
1 135 VAL n 
1 136 TRP n 
1 137 GLN n 
1 138 TRP n 
1 139 ASN n 
1 140 ASP n 
1 141 HIS n 
1 142 VAL n 
1 143 ASP n 
1 144 CYS n 
1 145 GLU n 
1 146 ASN n 
1 147 THR n 
1 148 ASN n 
1 149 GLY n 
1 150 PRO n 
1 151 CYS n 
1 152 ILE n 
1 153 CYS n 
1 154 GLU n 
1 155 ILE n 
1 156 ASP n 
1 157 CYS n 
1 158 SER n 
1 159 ASP n 
# 
_entity_src_nat.entity_id                  1 
_entity_src_nat.pdbx_src_id                1 
_entity_src_nat.pdbx_alt_source_flag       sample 
_entity_src_nat.pdbx_beg_seq_num           1 
_entity_src_nat.pdbx_end_seq_num           159 
_entity_src_nat.common_name                ? 
_entity_src_nat.pdbx_organism_scientific   'Saxidomus purpuratus' 
_entity_src_nat.pdbx_ncbi_taxonomy_id      311201 
_entity_src_nat.genus                      ? 
_entity_src_nat.species                    ? 
_entity_src_nat.strain                     ? 
_entity_src_nat.tissue                     ? 
_entity_src_nat.tissue_fraction            ? 
_entity_src_nat.pdbx_secretion             ? 
_entity_src_nat.pdbx_fragment              ? 
_entity_src_nat.pdbx_variant               ? 
_entity_src_nat.pdbx_cell_line             ? 
_entity_src_nat.pdbx_atcc                  ? 
_entity_src_nat.pdbx_cellular_location     ? 
_entity_src_nat.pdbx_organ                 ? 
_entity_src_nat.pdbx_organelle             ? 
_entity_src_nat.pdbx_cell                  ? 
_entity_src_nat.pdbx_plasmid_name          ? 
_entity_src_nat.pdbx_plasmid_details       ? 
_entity_src_nat.details                    ? 
# 
loop_
_chem_comp.id 
_chem_comp.type 
_chem_comp.mon_nstd_flag 
_chem_comp.name 
_chem_comp.pdbx_synonyms 
_chem_comp.formula 
_chem_comp.formula_weight 
ALA 'L-peptide linking'          y ALANINE                                    ? 'C3 H7 N O2'     89.093  
ARG 'L-peptide linking'          y ARGININE                                   ? 'C6 H15 N4 O2 1' 175.209 
ASN 'L-peptide linking'          y ASPARAGINE                                 ? 'C4 H8 N2 O3'    132.118 
ASP 'L-peptide linking'          y 'ASPARTIC ACID'                            ? 'C4 H7 N O4'     133.103 
CA  non-polymer                  . 'CALCIUM ION'                              ? 'Ca 2'           40.078  
CYS 'L-peptide linking'          y CYSTEINE                                   ? 'C3 H7 N O2 S'   121.158 
GLN 'L-peptide linking'          y GLUTAMINE                                  ? 'C5 H10 N2 O3'   146.144 
GLU 'L-peptide linking'          y 'GLUTAMIC ACID'                            ? 'C5 H9 N O4'     147.129 
GLY 'peptide linking'            y GLYCINE                                    ? 'C2 H5 N O2'     75.067  
HIS 'L-peptide linking'          y HISTIDINE                                  ? 'C6 H10 N3 O2 1' 156.162 
HOH non-polymer                  . WATER                                      ? 'H2 O'           18.015  
ILE 'L-peptide linking'          y ISOLEUCINE                                 ? 'C6 H13 N O2'    131.173 
LEU 'L-peptide linking'          y LEUCINE                                    ? 'C6 H13 N O2'    131.173 
LYS 'L-peptide linking'          y LYSINE                                     ? 'C6 H15 N2 O2 1' 147.195 
MET 'L-peptide linking'          y METHIONINE                                 ? 'C5 H11 N O2 S'  149.211 
NGA 'D-saccharide, beta linking' . 2-acetamido-2-deoxy-beta-D-galactopyranose 
;N-acetyl-beta-D-galactosamine; 2-acetamido-2-deoxy-beta-D-galactose; 2-acetamido-2-deoxy-D-galactose; 2-acetamido-2-deoxy-galactose; N-ACETYL-D-GALACTOSAMINE
;
'C8 H15 N O6'    221.208 
PHE 'L-peptide linking'          y PHENYLALANINE                              ? 'C9 H11 N O2'    165.189 
PRO 'L-peptide linking'          y PROLINE                                    ? 'C5 H9 N O2'     115.130 
SER 'L-peptide linking'          y SERINE                                     ? 'C3 H7 N O3'     105.093 
SO4 non-polymer                  . 'SULFATE ION'                              ? 'O4 S -2'        96.063  
THR 'L-peptide linking'          y THREONINE                                  ? 'C4 H9 N O3'     119.119 
TRP 'L-peptide linking'          y TRYPTOPHAN                                 ? 'C11 H12 N2 O2'  204.225 
TRS non-polymer                  . 2-AMINO-2-HYDROXYMETHYL-PROPANE-1,3-DIOL   'TRIS BUFFER' 'C4 H12 N O3 1'  122.143 
TYR 'L-peptide linking'          y TYROSINE                                   ? 'C9 H11 N O3'    181.189 
VAL 'L-peptide linking'          y VALINE                                     ? 'C5 H11 N O2'    117.146 
# 
loop_
_pdbx_chem_comp_identifier.comp_id 
_pdbx_chem_comp_identifier.type 
_pdbx_chem_comp_identifier.program 
_pdbx_chem_comp_identifier.program_version 
_pdbx_chem_comp_identifier.identifier 
NGA 'CONDENSED IUPAC CARBOHYDRATE SYMBOL' GMML     1.0 DGalpNAcb                        
NGA 'COMMON NAME'                         GMML     1.0 N-acetyl-b-D-galactopyranosamine 
NGA 'IUPAC CARBOHYDRATE SYMBOL'           PDB-CARE 1.0 b-D-GalpNAc                      
NGA 'SNFG CARBOHYDRATE SYMBOL'            GMML     1.0 GalNAc                           
# 
loop_
_pdbx_poly_seq_scheme.asym_id 
_pdbx_poly_seq_scheme.entity_id 
_pdbx_poly_seq_scheme.seq_id 
_pdbx_poly_seq_scheme.mon_id 
_pdbx_poly_seq_scheme.ndb_seq_num 
_pdbx_poly_seq_scheme.pdb_seq_num 
_pdbx_poly_seq_scheme.auth_seq_num 
_pdbx_poly_seq_scheme.pdb_mon_id 
_pdbx_poly_seq_scheme.auth_mon_id 
_pdbx_poly_seq_scheme.pdb_strand_id 
_pdbx_poly_seq_scheme.pdb_ins_code 
_pdbx_poly_seq_scheme.hetero 
A 1 1   MET 1   -20 ?   ?   ?   B . n 
A 1 2   LEU 2   -19 ?   ?   ?   B . n 
A 1 3   ASN 3   -18 ?   ?   ?   B . n 
A 1 4   GLY 4   -17 ?   ?   ?   B . n 
A 1 5   ALA 5   -16 ?   ?   ?   B . n 
A 1 6   SER 6   -15 ?   ?   ?   B . n 
A 1 7   ILE 7   -14 ?   ?   ?   B . n 
A 1 8   ILE 8   -13 ?   ?   ?   B . n 
A 1 9   VAL 9   -12 ?   ?   ?   B . n 
A 1 10  SER 10  -11 ?   ?   ?   B . n 
A 1 11  LEU 11  -10 ?   ?   ?   B . n 
A 1 12  PHE 12  -9  ?   ?   ?   B . n 
A 1 13  LEU 13  -8  ?   ?   ?   B . n 
A 1 14  CYS 14  -7  ?   ?   ?   B . n 
A 1 15  PHE 15  -6  ?   ?   ?   B . n 
A 1 16  VAL 16  -5  ?   ?   ?   B . n 
A 1 17  GLY 17  -4  ?   ?   ?   B . n 
A 1 18  GLY 18  -3  ?   ?   ?   B . n 
A 1 19  ALA 19  -2  ?   ?   ?   B . n 
A 1 20  TYR 20  -1  ?   ?   ?   B . n 
A 1 21  ALA 21  0   ?   ?   ?   B . n 
A 1 22  CYS 22  1   1   CYS CYS B . n 
A 1 23  CYS 23  2   2   CYS CYS B . n 
A 1 24  SER 24  3   3   SER SER B . n 
A 1 25  GLU 25  4   4   GLU GLU B . n 
A 1 26  ASP 26  5   5   ASP ASP B . n 
A 1 27  ASP 27  6   6   ASP ASP B . n 
A 1 28  CYS 28  7   7   CYS CYS B . n 
A 1 29  PRO 29  8   8   PRO PRO B . n 
A 1 30  SER 30  9   9   SER SER B . n 
A 1 31  GLY 31  10  10  GLY GLY B . n 
A 1 32  TRP 32  11  11  TRP TRP B . n 
A 1 33  LYS 33  12  12  LYS LYS B . n 
A 1 34  PHE 34  13  13  PHE PHE B . n 
A 1 35  PHE 35  14  14  PHE PHE B . n 
A 1 36  GLY 36  15  15  GLY GLY B . n 
A 1 37  GLY 37  16  16  GLY GLY B . n 
A 1 38  SER 38  17  17  SER SER B . n 
A 1 39  CYS 39  18  18  CYS CYS B . n 
A 1 40  TYR 40  19  19  TYR TYR B . n 
A 1 41  LEU 41  20  20  LEU LEU B . n 
A 1 42  PHE 42  21  21  PHE PHE B . n 
A 1 43  ASP 43  22  22  ASP ASP B . n 
A 1 44  GLU 44  23  23  GLU GLU B . n 
A 1 45  GLY 45  24  24  GLY GLY B . n 
A 1 46  SER 46  25  25  SER SER B . n 
A 1 47  ARG 47  26  26  ARG ARG B . n 
A 1 48  GLY 48  27  27  GLY GLY B . n 
A 1 49  TRP 49  28  28  TRP TRP B . n 
A 1 50  GLU 50  29  29  GLU GLU B . n 
A 1 51  GLY 51  30  30  GLY GLY B . n 
A 1 52  SER 52  31  31  SER SER B . n 
A 1 53  LYS 53  32  32  LYS LYS B . n 
A 1 54  ALA 54  33  33  ALA ALA B . n 
A 1 55  PHE 55  34  34  PHE PHE B . n 
A 1 56  CYS 56  35  35  CYS CYS B . n 
A 1 57  GLU 57  36  36  GLU GLU B . n 
A 1 58  SER 58  37  37  SER SER B . n 
A 1 59  LYS 59  38  38  LYS LYS B . n 
A 1 60  ASP 60  39  39  ASP ASP B . n 
A 1 61  ALA 61  40  40  ALA ALA B . n 
A 1 62  SER 62  41  41  SER SER B . n 
A 1 63  LEU 63  42  42  LEU LEU B . n 
A 1 64  VAL 64  43  43  VAL VAL B . n 
A 1 65  THR 65  44  44  THR THR B . n 
A 1 66  VAL 66  45  45  VAL VAL B . n 
A 1 67  GLU 67  46  46  GLU GLU B . n 
A 1 68  CYS 68  47  47  CYS CYS B . n 
A 1 69  SER 69  48  48  SER SER B . n 
A 1 70  LYS 70  49  49  LYS LYS B . n 
A 1 71  GLU 71  50  50  GLU GLU B . n 
A 1 72  ASP 72  51  51  ASP ASP B . n 
A 1 73  ASP 73  52  52  ASP ASP B . n 
A 1 74  PHE 74  53  53  PHE PHE B . n 
A 1 75  ILE 75  54  54  ILE ILE B . n 
A 1 76  ARG 76  55  55  ARG ARG B . n 
A 1 77  GLY 77  56  56  GLY GLY B . n 
A 1 78  ILE 78  57  57  ILE ILE B . n 
A 1 79  LEU 79  58  58  LEU LEU B . n 
A 1 80  SER 80  59  59  SER SER B . n 
A 1 81  GLY 81  60  60  GLY GLY B . n 
A 1 82  GLN 82  61  61  GLN GLN B . n 
A 1 83  THR 83  62  62  THR THR B . n 
A 1 84  ALA 84  63  63  ALA ALA B . n 
A 1 85  LYS 85  64  64  LYS LYS B . n 
A 1 86  HIS 86  65  65  HIS HIS B . n 
A 1 87  TYR 87  66  66  TYR TYR B . n 
A 1 88  TYR 88  67  67  TYR TYR B . n 
A 1 89  TRP 89  68  68  TRP TRP B . n 
A 1 90  ILE 90  69  69  ILE ILE B . n 
A 1 91  GLY 91  70  70  GLY GLY B . n 
A 1 92  ALA 92  71  71  ALA ALA B . n 
A 1 93  ARG 93  72  72  ARG ARG B . n 
A 1 94  TRP 94  73  73  TRP TRP B . n 
A 1 95  ASN 95  74  74  ASN ASN B . n 
A 1 96  GLU 96  75  75  GLU GLU B . n 
A 1 97  GLU 97  76  76  GLU GLU B . n 
A 1 98  HIS 98  77  77  HIS HIS B . n 
A 1 99  ASN 99  78  78  ASN ASN B . n 
A 1 100 ASP 100 79  79  ASP ASP B . n 
A 1 101 TYR 101 80  80  TYR TYR B . n 
A 1 102 ARG 102 81  81  ARG ARG B . n 
A 1 103 TRP 103 82  82  TRP TRP B . n 
A 1 104 ILE 104 83  83  ILE ILE B . n 
A 1 105 ASP 105 84  84  ASP ASP B . n 
A 1 106 GLY 106 85  85  GLY GLY B . n 
A 1 107 SER 107 86  86  SER SER B . n 
A 1 108 PRO 108 87  87  PRO PRO B . n 
A 1 109 PHE 109 88  88  PHE PHE B . n 
A 1 110 THR 110 89  89  THR THR B . n 
A 1 111 PHE 111 90  90  PHE PHE B . n 
A 1 112 ILE 112 91  91  ILE ILE B . n 
A 1 113 GLY 113 92  92  GLY GLY B . n 
A 1 114 TRP 114 93  93  TRP TRP B . n 
A 1 115 GLY 115 94  94  GLY GLY B . n 
A 1 116 PRO 116 95  95  PRO PRO B . n 
A 1 117 GLY 117 96  96  GLY GLY B . n 
A 1 118 LYS 118 97  97  LYS LYS B . n 
A 1 119 PRO 119 98  98  PRO PRO B . n 
A 1 120 ASP 120 99  99  ASP ASP B . n 
A 1 121 ASN 121 100 100 ASN ASN B . n 
A 1 122 ASN 122 101 101 ASN ASN B . n 
A 1 123 LYS 123 102 102 LYS LYS B . n 
A 1 124 GLY 124 103 103 GLY GLY B . n 
A 1 125 CYS 125 104 104 CYS CYS B . n 
A 1 126 LEU 126 105 105 LEU LEU B . n 
A 1 127 ASP 127 106 106 ASP ASP B . n 
A 1 128 TYR 128 107 107 TYR TYR B . n 
A 1 129 LEU 129 108 108 LEU LEU B . n 
A 1 130 ASN 130 109 109 ASN ASN B . n 
A 1 131 TYR 131 110 110 TYR TYR B . n 
A 1 132 LYS 132 111 111 LYS LYS B . n 
A 1 133 GLU 133 112 112 GLU GLU B . n 
A 1 134 VAL 134 113 113 VAL VAL B . n 
A 1 135 VAL 135 114 114 VAL VAL B . n 
A 1 136 TRP 136 115 115 TRP TRP B . n 
A 1 137 GLN 137 116 116 GLN GLN B . n 
A 1 138 TRP 138 117 117 TRP TRP B . n 
A 1 139 ASN 139 118 118 ASN ASN B . n 
A 1 140 ASP 140 119 119 ASP ASP B . n 
A 1 141 HIS 141 120 120 HIS HIS B . n 
A 1 142 VAL 142 121 121 VAL VAL B . n 
A 1 143 ASP 143 122 122 ASP ASP B . n 
A 1 144 CYS 144 123 123 CYS CYS B . n 
A 1 145 GLU 145 124 124 GLU GLU B . n 
A 1 146 ASN 146 125 125 ASN ASN B . n 
A 1 147 THR 147 126 126 THR THR B . n 
A 1 148 ASN 148 127 127 ASN ASN B . n 
A 1 149 GLY 149 128 128 GLY GLY B . n 
A 1 150 PRO 150 129 129 PRO PRO B . n 
A 1 151 CYS 151 130 130 CYS CYS B . n 
A 1 152 ILE 152 131 131 ILE ILE B . n 
A 1 153 CYS 153 132 132 CYS CYS B . n 
A 1 154 GLU 154 133 133 GLU GLU B . n 
A 1 155 ILE 155 134 134 ILE ILE B . n 
A 1 156 ASP 156 135 135 ASP ASP B . n 
A 1 157 CYS 157 136 136 CYS CYS B . n 
A 1 158 SER 158 137 137 SER SER B . n 
A 1 159 ASP 159 138 138 ASP ASP B . n 
# 
loop_
_pdbx_nonpoly_scheme.asym_id 
_pdbx_nonpoly_scheme.entity_id 
_pdbx_nonpoly_scheme.mon_id 
_pdbx_nonpoly_scheme.ndb_seq_num 
_pdbx_nonpoly_scheme.pdb_seq_num 
_pdbx_nonpoly_scheme.auth_seq_num 
_pdbx_nonpoly_scheme.pdb_mon_id 
_pdbx_nonpoly_scheme.auth_mon_id 
_pdbx_nonpoly_scheme.pdb_strand_id 
_pdbx_nonpoly_scheme.pdb_ins_code 
B 2 NGA 1  201 1002 NGA NGA B . 
C 3 TRS 1  202 1001 TRS TRS B . 
D 4 CA  1  203 1003 CA  CA  B . 
E 5 SO4 1  204 1    SO4 SO4 B . 
F 6 HOH 1  301 1    HOH HOH B . 
F 6 HOH 2  302 97   HOH HOH B . 
F 6 HOH 3  303 94   HOH HOH B . 
F 6 HOH 4  304 56   HOH HOH B . 
F 6 HOH 5  305 11   HOH HOH B . 
F 6 HOH 6  306 96   HOH HOH B . 
F 6 HOH 7  307 28   HOH HOH B . 
F 6 HOH 8  308 14   HOH HOH B . 
F 6 HOH 9  309 37   HOH HOH B . 
F 6 HOH 10 310 45   HOH HOH B . 
F 6 HOH 11 311 84   HOH HOH B . 
F 6 HOH 12 312 16   HOH HOH B . 
F 6 HOH 13 313 7    HOH HOH B . 
F 6 HOH 14 314 25   HOH HOH B . 
F 6 HOH 15 315 41   HOH HOH B . 
F 6 HOH 16 316 77   HOH HOH B . 
F 6 HOH 17 317 67   HOH HOH B . 
F 6 HOH 18 318 8    HOH HOH B . 
F 6 HOH 19 319 79   HOH HOH B . 
F 6 HOH 20 320 2    HOH HOH B . 
F 6 HOH 21 321 72   HOH HOH B . 
F 6 HOH 22 322 23   HOH HOH B . 
F 6 HOH 23 323 2    HOH HOH B . 
F 6 HOH 24 324 60   HOH HOH B . 
F 6 HOH 25 325 55   HOH HOH B . 
F 6 HOH 26 326 101  HOH HOH B . 
F 6 HOH 27 327 76   HOH HOH B . 
F 6 HOH 28 328 78   HOH HOH B . 
F 6 HOH 29 329 82   HOH HOH B . 
F 6 HOH 30 330 20   HOH HOH B . 
F 6 HOH 31 331 12   HOH HOH B . 
F 6 HOH 32 332 50   HOH HOH B . 
F 6 HOH 33 333 48   HOH HOH B . 
F 6 HOH 34 334 4    HOH HOH B . 
F 6 HOH 35 335 21   HOH HOH B . 
F 6 HOH 36 336 5    HOH HOH B . 
F 6 HOH 37 337 29   HOH HOH B . 
F 6 HOH 38 338 6    HOH HOH B . 
F 6 HOH 39 339 68   HOH HOH B . 
F 6 HOH 40 340 31   HOH HOH B . 
F 6 HOH 41 341 52   HOH HOH B . 
F 6 HOH 42 342 64   HOH HOH B . 
F 6 HOH 43 343 38   HOH HOH B . 
F 6 HOH 44 344 18   HOH HOH B . 
F 6 HOH 45 345 30   HOH HOH B . 
F 6 HOH 46 346 93   HOH HOH B . 
F 6 HOH 47 347 11   HOH HOH B . 
F 6 HOH 48 348 95   HOH HOH B . 
F 6 HOH 49 349 65   HOH HOH B . 
F 6 HOH 50 350 69   HOH HOH B . 
F 6 HOH 51 351 54   HOH HOH B . 
F 6 HOH 52 352 27   HOH HOH B . 
F 6 HOH 53 353 39   HOH HOH B . 
F 6 HOH 54 354 10   HOH HOH B . 
F 6 HOH 55 355 57   HOH HOH B . 
F 6 HOH 56 356 40   HOH HOH B . 
F 6 HOH 57 357 24   HOH HOH B . 
F 6 HOH 58 358 47   HOH HOH B . 
F 6 HOH 59 359 42   HOH HOH B . 
F 6 HOH 60 360 33   HOH HOH B . 
F 6 HOH 61 361 23   HOH HOH B . 
F 6 HOH 62 362 61   HOH HOH B . 
F 6 HOH 63 363 53   HOH HOH B . 
F 6 HOH 64 364 1    HOH HOH B . 
F 6 HOH 65 365 9    HOH HOH B . 
F 6 HOH 66 366 26   HOH HOH B . 
F 6 HOH 67 367 19   HOH HOH B . 
F 6 HOH 68 368 89   HOH HOH B . 
F 6 HOH 69 369 34   HOH HOH B . 
F 6 HOH 70 370 74   HOH HOH B . 
F 6 HOH 71 371 36   HOH HOH B . 
F 6 HOH 72 372 46   HOH HOH B . 
F 6 HOH 73 373 75   HOH HOH B . 
F 6 HOH 74 374 13   HOH HOH B . 
F 6 HOH 75 375 71   HOH HOH B . 
F 6 HOH 76 376 49   HOH HOH B . 
F 6 HOH 77 377 32   HOH HOH B . 
F 6 HOH 78 378 15   HOH HOH B . 
F 6 HOH 79 379 88   HOH HOH B . 
F 6 HOH 80 380 3    HOH HOH B . 
F 6 HOH 81 381 100  HOH HOH B . 
F 6 HOH 82 382 22   HOH HOH B . 
F 6 HOH 83 383 92   HOH HOH B . 
F 6 HOH 84 384 35   HOH HOH B . 
F 6 HOH 85 385 58   HOH HOH B . 
F 6 HOH 86 386 62   HOH HOH B . 
F 6 HOH 87 387 63   HOH HOH B . 
# 
loop_
_software.citation_id 
_software.classification 
_software.compiler_name 
_software.compiler_version 
_software.contact_author 
_software.contact_author_email 
_software.date 
_software.description 
_software.dependencies 
_software.hardware 
_software.language 
_software.location 
_software.mods 
_software.name 
_software.os 
_software.os_version 
_software.type 
_software.version 
_software.pdbx_ordinal 
? refinement       ? ? ? ? ? ? ? ? ? ? ? REFMAC   ? ? ? 5.8.0230 1 
? 'data reduction' ? ? ? ? ? ? ? ? ? ? ? HKL-2000 ? ? ? .        2 
? 'data scaling'   ? ? ? ? ? ? ? ? ? ? ? HKL-2000 ? ? ? .        3 
? phasing          ? ? ? ? ? ? ? ? ? ? ? MOLREP   ? ? ? .        4 
# 
_cell.angle_alpha                  90.00 
_cell.angle_alpha_esd              ? 
_cell.angle_beta                   90.00 
_cell.angle_beta_esd               ? 
_cell.angle_gamma                  120.00 
_cell.angle_gamma_esd              ? 
_cell.entry_id                     6A7S 
_cell.details                      ? 
_cell.formula_units_Z              ? 
_cell.length_a                     91.235 
_cell.length_a_esd                 ? 
_cell.length_b                     91.235 
_cell.length_b_esd                 ? 
_cell.length_c                     48.791 
_cell.length_c_esd                 ? 
_cell.volume                       ? 
_cell.volume_esd                   ? 
_cell.Z_PDB                        6 
_cell.reciprocal_angle_alpha       ? 
_cell.reciprocal_angle_beta        ? 
_cell.reciprocal_angle_gamma       ? 
_cell.reciprocal_angle_alpha_esd   ? 
_cell.reciprocal_angle_beta_esd    ? 
_cell.reciprocal_angle_gamma_esd   ? 
_cell.reciprocal_length_a          ? 
_cell.reciprocal_length_b          ? 
_cell.reciprocal_length_c          ? 
_cell.reciprocal_length_a_esd      ? 
_cell.reciprocal_length_b_esd      ? 
_cell.reciprocal_length_c_esd      ? 
_cell.pdbx_unique_axis             ? 
# 
_symmetry.entry_id                         6A7S 
_symmetry.cell_setting                     ? 
_symmetry.Int_Tables_number                152 
_symmetry.space_group_name_Hall            ? 
_symmetry.space_group_name_H-M             'P 31 2 1' 
_symmetry.pdbx_full_space_group_name_H-M   ? 
# 
_exptl.absorpt_coefficient_mu     ? 
_exptl.absorpt_correction_T_max   ? 
_exptl.absorpt_correction_T_min   ? 
_exptl.absorpt_correction_type    ? 
_exptl.absorpt_process_details    ? 
_exptl.entry_id                   6A7S 
_exptl.crystals_number            1 
_exptl.details                    ? 
_exptl.method                     'X-RAY DIFFRACTION' 
_exptl.method_details             ? 
# 
_exptl_crystal.colour                      ? 
_exptl_crystal.density_diffrn              ? 
_exptl_crystal.density_Matthews            3.28 
_exptl_crystal.density_method              ? 
_exptl_crystal.density_percent_sol         62.44 
_exptl_crystal.description                 ? 
_exptl_crystal.F_000                       ? 
_exptl_crystal.id                          1 
_exptl_crystal.preparation                 ? 
_exptl_crystal.size_max                    ? 
_exptl_crystal.size_mid                    ? 
_exptl_crystal.size_min                    ? 
_exptl_crystal.size_rad                    ? 
_exptl_crystal.colour_lustre               ? 
_exptl_crystal.colour_modifier             ? 
_exptl_crystal.colour_primary              ? 
_exptl_crystal.density_meas                ? 
_exptl_crystal.density_meas_esd            ? 
_exptl_crystal.density_meas_gt             ? 
_exptl_crystal.density_meas_lt             ? 
_exptl_crystal.density_meas_temp           ? 
_exptl_crystal.density_meas_temp_esd       ? 
_exptl_crystal.density_meas_temp_gt        ? 
_exptl_crystal.density_meas_temp_lt        ? 
_exptl_crystal.pdbx_crystal_image_url      ? 
_exptl_crystal.pdbx_crystal_image_format   ? 
_exptl_crystal.pdbx_mosaicity              ? 
_exptl_crystal.pdbx_mosaicity_esd          ? 
# 
_exptl_crystal_grow.apparatus       ? 
_exptl_crystal_grow.atmosphere      ? 
_exptl_crystal_grow.crystal_id      1 
_exptl_crystal_grow.details         ? 
_exptl_crystal_grow.method          'VAPOR DIFFUSION' 
_exptl_crystal_grow.method_ref      ? 
_exptl_crystal_grow.pH              8.5 
_exptl_crystal_grow.pressure        ? 
_exptl_crystal_grow.pressure_esd    ? 
_exptl_crystal_grow.seeding         ? 
_exptl_crystal_grow.seeding_ref     ? 
_exptl_crystal_grow.temp            293 
_exptl_crystal_grow.temp_details    ? 
_exptl_crystal_grow.temp_esd        ? 
_exptl_crystal_grow.time            ? 
_exptl_crystal_grow.pdbx_details    '0.2 M lithium sulfate, 0.1 M Tris-HCl (pH8.5), 30% PEG4000, 100 mM GalNAc, 10 mM CaCl2' 
_exptl_crystal_grow.pdbx_pH_range   ? 
# 
_diffrn.ambient_environment    ? 
_diffrn.ambient_temp           95 
_diffrn.ambient_temp_details   ? 
_diffrn.ambient_temp_esd       ? 
_diffrn.crystal_id             1 
_diffrn.crystal_support        ? 
_diffrn.crystal_treatment      ? 
_diffrn.details                ? 
_diffrn.id                     1 
_diffrn.ambient_pressure       ? 
_diffrn.ambient_pressure_esd   ? 
_diffrn.ambient_pressure_gt    ? 
_diffrn.ambient_pressure_lt    ? 
_diffrn.ambient_temp_gt        ? 
_diffrn.ambient_temp_lt        ? 
# 
_diffrn_detector.details                      ? 
_diffrn_detector.detector                     PIXEL 
_diffrn_detector.diffrn_id                    1 
_diffrn_detector.type                         'DECTRIS PILATUS3 2M' 
_diffrn_detector.area_resol_mean              ? 
_diffrn_detector.dtime                        ? 
_diffrn_detector.pdbx_frames_total            ? 
_diffrn_detector.pdbx_collection_time_total   ? 
_diffrn_detector.pdbx_collection_date         2016-05-19 
# 
_diffrn_radiation.collimation                      ? 
_diffrn_radiation.diffrn_id                        1 
_diffrn_radiation.filter_edge                      ? 
_diffrn_radiation.inhomogeneity                    ? 
_diffrn_radiation.monochromator                    ? 
_diffrn_radiation.polarisn_norm                    ? 
_diffrn_radiation.polarisn_ratio                   ? 
_diffrn_radiation.probe                            ? 
_diffrn_radiation.type                             ? 
_diffrn_radiation.xray_symbol                      ? 
_diffrn_radiation.wavelength_id                    1 
_diffrn_radiation.pdbx_monochromatic_or_laue_m_l   M 
_diffrn_radiation.pdbx_wavelength_list             ? 
_diffrn_radiation.pdbx_wavelength                  ? 
_diffrn_radiation.pdbx_diffrn_protocol             'SINGLE WAVELENGTH' 
_diffrn_radiation.pdbx_analyzer                    ? 
_diffrn_radiation.pdbx_scattering_type             x-ray 
# 
_diffrn_radiation_wavelength.id           1 
_diffrn_radiation_wavelength.wavelength   1.000 
_diffrn_radiation_wavelength.wt           1.0 
# 
_diffrn_source.current                     ? 
_diffrn_source.details                     ? 
_diffrn_source.diffrn_id                   1 
_diffrn_source.power                       ? 
_diffrn_source.size                        ? 
_diffrn_source.source                      SYNCHROTRON 
_diffrn_source.target                      ? 
_diffrn_source.type                        'PHOTON FACTORY BEAMLINE AR-NW12A' 
_diffrn_source.voltage                     ? 
_diffrn_source.take-off_angle              ? 
_diffrn_source.pdbx_wavelength_list        1.000 
_diffrn_source.pdbx_wavelength             ? 
_diffrn_source.pdbx_synchrotron_beamline   AR-NW12A 
_diffrn_source.pdbx_synchrotron_site       'Photon Factory' 
# 
_reflns.B_iso_Wilson_estimate            ? 
_reflns.entry_id                         6A7S 
_reflns.data_reduction_details           ? 
_reflns.data_reduction_method            ? 
_reflns.d_resolution_high                2.00 
_reflns.d_resolution_low                 50.0 
_reflns.details                          ? 
_reflns.limit_h_max                      ? 
_reflns.limit_h_min                      ? 
_reflns.limit_k_max                      ? 
_reflns.limit_k_min                      ? 
_reflns.limit_l_max                      ? 
_reflns.limit_l_min                      ? 
_reflns.number_all                       ? 
_reflns.number_obs                       16065 
_reflns.observed_criterion               ? 
_reflns.observed_criterion_F_max         ? 
_reflns.observed_criterion_F_min         ? 
_reflns.observed_criterion_I_max         ? 
_reflns.observed_criterion_I_min         ? 
_reflns.observed_criterion_sigma_F       ? 
_reflns.observed_criterion_sigma_I       ? 
_reflns.percent_possible_obs             99.9 
_reflns.R_free_details                   ? 
_reflns.Rmerge_F_all                     ? 
_reflns.Rmerge_F_obs                     ? 
_reflns.Friedel_coverage                 ? 
_reflns.number_gt                        ? 
_reflns.threshold_expression             ? 
_reflns.pdbx_redundancy                  10.9 
_reflns.pdbx_Rmerge_I_obs                0.068 
_reflns.pdbx_Rmerge_I_all                ? 
_reflns.pdbx_Rsym_value                  ? 
_reflns.pdbx_netI_over_av_sigmaI         ? 
_reflns.pdbx_netI_over_sigmaI            39.6 
_reflns.pdbx_res_netI_over_av_sigmaI_2   ? 
_reflns.pdbx_res_netI_over_sigmaI_2      ? 
_reflns.pdbx_chi_squared                 ? 
_reflns.pdbx_scaling_rejects             ? 
_reflns.pdbx_d_res_high_opt              ? 
_reflns.pdbx_d_res_low_opt               ? 
_reflns.pdbx_d_res_opt_method            ? 
_reflns.phase_calculation_details        ? 
_reflns.pdbx_Rrim_I_all                  ? 
_reflns.pdbx_Rpim_I_all                  ? 
_reflns.pdbx_d_opt                       ? 
_reflns.pdbx_number_measured_all         ? 
_reflns.pdbx_diffrn_id                   1 
_reflns.pdbx_ordinal                     1 
_reflns.pdbx_CC_half                     ? 
_reflns.pdbx_R_split                     ? 
# 
_reflns_shell.d_res_high                  2.00 
_reflns_shell.d_res_low                   2.03 
_reflns_shell.meanI_over_sigI_all         ? 
_reflns_shell.meanI_over_sigI_obs         ? 
_reflns_shell.number_measured_all         ? 
_reflns_shell.number_measured_obs         ? 
_reflns_shell.number_possible             ? 
_reflns_shell.number_unique_all           ? 
_reflns_shell.number_unique_obs           ? 
_reflns_shell.percent_possible_all        ? 
_reflns_shell.percent_possible_obs        ? 
_reflns_shell.Rmerge_F_all                ? 
_reflns_shell.Rmerge_F_obs                ? 
_reflns_shell.Rmerge_I_all                ? 
_reflns_shell.Rmerge_I_obs                0.462 
_reflns_shell.meanI_over_sigI_gt          ? 
_reflns_shell.meanI_over_uI_all           ? 
_reflns_shell.meanI_over_uI_gt            ? 
_reflns_shell.number_measured_gt          ? 
_reflns_shell.number_unique_gt            ? 
_reflns_shell.percent_possible_gt         ? 
_reflns_shell.Rmerge_F_gt                 ? 
_reflns_shell.Rmerge_I_gt                 ? 
_reflns_shell.pdbx_redundancy             ? 
_reflns_shell.pdbx_Rsym_value             ? 
_reflns_shell.pdbx_chi_squared            ? 
_reflns_shell.pdbx_netI_over_sigmaI_all   ? 
_reflns_shell.pdbx_netI_over_sigmaI_obs   ? 
_reflns_shell.pdbx_Rrim_I_all             ? 
_reflns_shell.pdbx_Rpim_I_all             ? 
_reflns_shell.pdbx_rejects                ? 
_reflns_shell.pdbx_ordinal                1 
_reflns_shell.pdbx_diffrn_id              1 
_reflns_shell.pdbx_CC_half                ? 
_reflns_shell.pdbx_R_split                ? 
# 
_refine.aniso_B[1][1]                            0.00 
_refine.aniso_B[1][2]                            0.00 
_refine.aniso_B[1][3]                            0.00 
_refine.aniso_B[2][2]                            0.00 
_refine.aniso_B[2][3]                            0.00 
_refine.aniso_B[3][3]                            0.00 
_refine.B_iso_max                                ? 
_refine.B_iso_mean                               39.559 
_refine.B_iso_min                                ? 
_refine.correlation_coeff_Fo_to_Fc               0.968 
_refine.correlation_coeff_Fo_to_Fc_free          0.961 
_refine.details                                  'HYDROGENS HAVE BEEN ADDED IN THE RIDING POSITIONS' 
_refine.diff_density_max                         ? 
_refine.diff_density_max_esd                     ? 
_refine.diff_density_min                         ? 
_refine.diff_density_min_esd                     ? 
_refine.diff_density_rms                         ? 
_refine.diff_density_rms_esd                     ? 
_refine.entry_id                                 6A7S 
_refine.pdbx_refine_id                           'X-RAY DIFFRACTION' 
_refine.ls_abs_structure_details                 ? 
_refine.ls_abs_structure_Flack                   ? 
_refine.ls_abs_structure_Flack_esd               ? 
_refine.ls_abs_structure_Rogers                  ? 
_refine.ls_abs_structure_Rogers_esd              ? 
_refine.ls_d_res_high                            2.00 
_refine.ls_d_res_low                             30.72 
_refine.ls_extinction_coef                       ? 
_refine.ls_extinction_coef_esd                   ? 
_refine.ls_extinction_expression                 ? 
_refine.ls_extinction_method                     ? 
_refine.ls_goodness_of_fit_all                   ? 
_refine.ls_goodness_of_fit_all_esd               ? 
_refine.ls_goodness_of_fit_obs                   ? 
_refine.ls_goodness_of_fit_obs_esd               ? 
_refine.ls_hydrogen_treatment                    ? 
_refine.ls_matrix_type                           ? 
_refine.ls_number_constraints                    ? 
_refine.ls_number_parameters                     ? 
_refine.ls_number_reflns_all                     ? 
_refine.ls_number_reflns_obs                     15278 
_refine.ls_number_reflns_R_free                  765 
_refine.ls_number_reflns_R_work                  ? 
_refine.ls_number_restraints                     ? 
_refine.ls_percent_reflns_obs                    99.76 
_refine.ls_percent_reflns_R_free                 4.8 
_refine.ls_R_factor_all                          ? 
_refine.ls_R_factor_obs                          0.18079 
_refine.ls_R_factor_R_free                       0.20745 
_refine.ls_R_factor_R_free_error                 ? 
_refine.ls_R_factor_R_free_error_details         ? 
_refine.ls_R_factor_R_work                       0.17943 
_refine.ls_R_Fsqd_factor_obs                     ? 
_refine.ls_R_I_factor_obs                        ? 
_refine.ls_redundancy_reflns_all                 ? 
_refine.ls_redundancy_reflns_obs                 ? 
_refine.ls_restrained_S_all                      ? 
_refine.ls_restrained_S_obs                      ? 
_refine.ls_shift_over_esd_max                    ? 
_refine.ls_shift_over_esd_mean                   ? 
_refine.ls_structure_factor_coef                 ? 
_refine.ls_weighting_details                     ? 
_refine.ls_weighting_scheme                      ? 
_refine.ls_wR_factor_all                         ? 
_refine.ls_wR_factor_obs                         ? 
_refine.ls_wR_factor_R_free                      ? 
_refine.ls_wR_factor_R_work                      ? 
_refine.occupancy_max                            ? 
_refine.occupancy_min                            ? 
_refine.solvent_model_details                    MASK 
_refine.solvent_model_param_bsol                 ? 
_refine.solvent_model_param_ksol                 ? 
_refine.ls_R_factor_gt                           ? 
_refine.ls_goodness_of_fit_gt                    ? 
_refine.ls_goodness_of_fit_ref                   ? 
_refine.ls_shift_over_su_max                     ? 
_refine.ls_shift_over_su_max_lt                  ? 
_refine.ls_shift_over_su_mean                    ? 
_refine.ls_shift_over_su_mean_lt                 ? 
_refine.pdbx_ls_sigma_I                          ? 
_refine.pdbx_ls_sigma_F                          ? 
_refine.pdbx_ls_sigma_Fsqd                       ? 
_refine.pdbx_data_cutoff_high_absF               ? 
_refine.pdbx_data_cutoff_high_rms_absF           ? 
_refine.pdbx_data_cutoff_low_absF                ? 
_refine.pdbx_isotropic_thermal_model             ? 
_refine.pdbx_ls_cross_valid_method               THROUGHOUT 
_refine.pdbx_method_to_determine_struct          'MOLECULAR REPLACEMENT' 
_refine.pdbx_starting_model                      ? 
_refine.pdbx_stereochemistry_target_values       'MAXIMUM LIKELIHOOD' 
_refine.pdbx_R_Free_selection_details            RANDOM 
_refine.pdbx_stereochem_target_val_spec_case     ? 
_refine.pdbx_overall_ESU_R                       0.125 
_refine.pdbx_overall_ESU_R_Free                  0.119 
_refine.pdbx_solvent_vdw_probe_radii             1.20 
_refine.pdbx_solvent_ion_probe_radii             0.80 
_refine.pdbx_solvent_shrinkage_radii             0.80 
_refine.pdbx_real_space_R                        ? 
_refine.pdbx_density_correlation                 ? 
_refine.pdbx_pd_number_of_powder_patterns        ? 
_refine.pdbx_pd_number_of_points                 ? 
_refine.pdbx_pd_meas_number_of_points            ? 
_refine.pdbx_pd_proc_ls_prof_R_factor            ? 
_refine.pdbx_pd_proc_ls_prof_wR_factor           ? 
_refine.pdbx_pd_Marquardt_correlation_coeff      ? 
_refine.pdbx_pd_Fsqrd_R_factor                   ? 
_refine.pdbx_pd_ls_matrix_band_width             ? 
_refine.pdbx_overall_phase_error                 ? 
_refine.pdbx_overall_SU_R_free_Cruickshank_DPI   ? 
_refine.pdbx_overall_SU_R_free_Blow_DPI          ? 
_refine.pdbx_overall_SU_R_Blow_DPI               ? 
_refine.pdbx_TLS_residual_ADP_flag               ? 
_refine.pdbx_diffrn_id                           1 
_refine.overall_SU_B                             3.460 
_refine.overall_SU_ML                            0.092 
_refine.overall_SU_R_Cruickshank_DPI             ? 
_refine.overall_SU_R_free                        ? 
_refine.overall_FOM_free_R_set                   ? 
_refine.overall_FOM_work_R_set                   ? 
_refine.pdbx_average_fsc_overall                 ? 
_refine.pdbx_average_fsc_work                    ? 
_refine.pdbx_average_fsc_free                    ? 
# 
_refine_hist.pdbx_refine_id                   'X-RAY DIFFRACTION' 
_refine_hist.cycle_id                         1 
_refine_hist.pdbx_number_atoms_protein        1106 
_refine_hist.pdbx_number_atoms_nucleic_acid   0 
_refine_hist.pdbx_number_atoms_ligand         29 
_refine_hist.number_atoms_solvent             87 
_refine_hist.number_atoms_total               1222 
_refine_hist.d_res_high                       2.00 
_refine_hist.d_res_low                        30.72 
# 
loop_
_refine_ls_restr.pdbx_refine_id 
_refine_ls_restr.criterion 
_refine_ls_restr.dev_ideal 
_refine_ls_restr.dev_ideal_target 
_refine_ls_restr.number 
_refine_ls_restr.rejects 
_refine_ls_restr.type 
_refine_ls_restr.weight 
_refine_ls_restr.pdbx_restraint_function 
'X-RAY DIFFRACTION' ? 0.014  0.014  1172 ? r_bond_refined_d             ? ? 
'X-RAY DIFFRACTION' ? 0.001  0.018  928  ? r_bond_other_d               ? ? 
'X-RAY DIFFRACTION' ? 1.784  1.672  1592 ? r_angle_refined_deg          ? ? 
'X-RAY DIFFRACTION' ? 1.175  1.692  2187 ? r_angle_other_deg            ? ? 
'X-RAY DIFFRACTION' ? 9.280  5.000  137  ? r_dihedral_angle_1_deg       ? ? 
'X-RAY DIFFRACTION' ? 37.188 24.030 67   ? r_dihedral_angle_2_deg       ? ? 
'X-RAY DIFFRACTION' ? 14.322 15.000 171  ? r_dihedral_angle_3_deg       ? ? 
'X-RAY DIFFRACTION' ? 19.149 15.000 4    ? r_dihedral_angle_4_deg       ? ? 
'X-RAY DIFFRACTION' ? 0.128  0.200  141  ? r_chiral_restr               ? ? 
'X-RAY DIFFRACTION' ? 0.009  0.020  1330 ? r_gen_planes_refined         ? ? 
'X-RAY DIFFRACTION' ? 0.001  0.020  251  ? r_gen_planes_other           ? ? 
'X-RAY DIFFRACTION' ? ?      ?      ?    ? r_nbd_refined                ? ? 
'X-RAY DIFFRACTION' ? ?      ?      ?    ? r_nbd_other                  ? ? 
'X-RAY DIFFRACTION' ? ?      ?      ?    ? r_nbtor_refined              ? ? 
'X-RAY DIFFRACTION' ? ?      ?      ?    ? r_nbtor_other                ? ? 
'X-RAY DIFFRACTION' ? ?      ?      ?    ? r_xyhbond_nbd_refined        ? ? 
'X-RAY DIFFRACTION' ? ?      ?      ?    ? r_xyhbond_nbd_other          ? ? 
'X-RAY DIFFRACTION' ? ?      ?      ?    ? r_metal_ion_refined          ? ? 
'X-RAY DIFFRACTION' ? ?      ?      ?    ? r_metal_ion_other            ? ? 
'X-RAY DIFFRACTION' ? ?      ?      ?    ? r_symmetry_vdw_refined       ? ? 
'X-RAY DIFFRACTION' ? ?      ?      ?    ? r_symmetry_vdw_other         ? ? 
'X-RAY DIFFRACTION' ? ?      ?      ?    ? r_symmetry_hbond_refined     ? ? 
'X-RAY DIFFRACTION' ? ?      ?      ?    ? r_symmetry_hbond_other       ? ? 
'X-RAY DIFFRACTION' ? ?      ?      ?    ? r_symmetry_metal_ion_refined ? ? 
'X-RAY DIFFRACTION' ? ?      ?      ?    ? r_symmetry_metal_ion_other   ? ? 
'X-RAY DIFFRACTION' ? 3.687  3.855  552  ? r_mcbond_it                  ? ? 
'X-RAY DIFFRACTION' ? 3.670  3.846  550  ? r_mcbond_other               ? ? 
'X-RAY DIFFRACTION' ? 4.696  5.759  687  ? r_mcangle_it                 ? ? 
'X-RAY DIFFRACTION' ? 4.693  5.769  688  ? r_mcangle_other              ? ? 
'X-RAY DIFFRACTION' ? 4.348  4.233  620  ? r_scbond_it                  ? ? 
'X-RAY DIFFRACTION' ? 4.208  4.201  616  ? r_scbond_other               ? ? 
'X-RAY DIFFRACTION' ? ?      ?      ?    ? r_scangle_it                 ? ? 
'X-RAY DIFFRACTION' ? 5.886  6.150  900  ? r_scangle_other              ? ? 
'X-RAY DIFFRACTION' ? 7.390  44.694 1401 ? r_long_range_B_refined       ? ? 
'X-RAY DIFFRACTION' ? 7.383  44.602 1394 ? r_long_range_B_other         ? ? 
'X-RAY DIFFRACTION' ? ?      ?      ?    ? r_rigid_bond_restr           ? ? 
'X-RAY DIFFRACTION' ? ?      ?      ?    ? r_sphericity_free            ? ? 
'X-RAY DIFFRACTION' ? ?      ?      ?    ? r_sphericity_bonded          ? ? 
# 
_refine_ls_shell.pdbx_refine_id                   'X-RAY DIFFRACTION' 
_refine_ls_shell.d_res_high                       2.001 
_refine_ls_shell.d_res_low                        2.053 
_refine_ls_shell.number_reflns_all                ? 
_refine_ls_shell.number_reflns_obs                ? 
_refine_ls_shell.number_reflns_R_free             50 
_refine_ls_shell.number_reflns_R_work             1087 
_refine_ls_shell.percent_reflns_obs               98.10 
_refine_ls_shell.percent_reflns_R_free            ? 
_refine_ls_shell.R_factor_all                     ? 
_refine_ls_shell.R_factor_obs                     ? 
_refine_ls_shell.R_factor_R_free                  0.307 
_refine_ls_shell.R_factor_R_free_error            ? 
_refine_ls_shell.R_factor_R_work                  0.260 
_refine_ls_shell.redundancy_reflns_all            ? 
_refine_ls_shell.redundancy_reflns_obs            ? 
_refine_ls_shell.wR_factor_all                    ? 
_refine_ls_shell.wR_factor_obs                    ? 
_refine_ls_shell.wR_factor_R_free                 ? 
_refine_ls_shell.wR_factor_R_work                 ? 
_refine_ls_shell.pdbx_total_number_of_bins_used   20 
_refine_ls_shell.pdbx_phase_error                 ? 
_refine_ls_shell.pdbx_fsc_work                    ? 
_refine_ls_shell.pdbx_fsc_free                    ? 
# 
_struct.entry_id                     6A7S 
_struct.title                        'Ca2+-independent C-type lectin SPL-2 from Saxidomus purpuratus' 
_struct.pdbx_model_details           ? 
_struct.pdbx_formula_weight          ? 
_struct.pdbx_formula_weight_method   ? 
_struct.pdbx_model_type_details      ? 
_struct.pdbx_CASP_flag               N 
# 
_struct_keywords.entry_id        6A7S 
_struct_keywords.text            'SPL-2, lectin, bivalve, Saxidomus purpuratus, C-type, SUGAR BINDING PROTEIN' 
_struct_keywords.pdbx_keywords   'SUGAR BINDING PROTEIN' 
# 
loop_
_struct_asym.id 
_struct_asym.pdbx_blank_PDB_chainid_flag 
_struct_asym.pdbx_modified 
_struct_asym.entity_id 
_struct_asym.details 
A N N 1 ? 
B N N 2 ? 
C N N 3 ? 
D N N 4 ? 
E N N 5 ? 
F N N 6 ? 
# 
_struct_ref.id                         1 
_struct_ref.db_name                    UNP 
_struct_ref.db_code                    A0A2Z6G7U3_9BIVA 
_struct_ref.pdbx_db_accession          A0A2Z6G7U3 
_struct_ref.pdbx_db_isoform            ? 
_struct_ref.entity_id                  1 
_struct_ref.pdbx_seq_one_letter_code   
;MLNGASIIVSLFLCFVGGAYACCSEDDCPSGWKFFGGSCYLFDEGSRGWEGSKAFCESKDASLVTVECSKEDDFIRGILS
GQTAKHYYWIGARWNEEHNDYRWIDGSPFTFIGWGPGKPDNNKGCLDYLNYKEVVWQWNDHVDCENTNGPCICEIDCSD
;
_struct_ref.pdbx_align_begin           1 
# 
_struct_ref_seq.align_id                      1 
_struct_ref_seq.ref_id                        1 
_struct_ref_seq.pdbx_PDB_id_code              6A7S 
_struct_ref_seq.pdbx_strand_id                B 
_struct_ref_seq.seq_align_beg                 1 
_struct_ref_seq.pdbx_seq_align_beg_ins_code   ? 
_struct_ref_seq.seq_align_end                 159 
_struct_ref_seq.pdbx_seq_align_end_ins_code   ? 
_struct_ref_seq.pdbx_db_accession             A0A2Z6G7U3 
_struct_ref_seq.db_align_beg                  1 
_struct_ref_seq.pdbx_db_align_beg_ins_code    ? 
_struct_ref_seq.db_align_end                  159 
_struct_ref_seq.pdbx_db_align_end_ins_code    ? 
_struct_ref_seq.pdbx_auth_seq_align_beg       -20 
_struct_ref_seq.pdbx_auth_seq_align_end       138 
# 
_pdbx_struct_assembly.id                   1 
_pdbx_struct_assembly.details              author_and_software_defined_assembly 
_pdbx_struct_assembly.method_details       PISA 
_pdbx_struct_assembly.oligomeric_details   dimeric 
_pdbx_struct_assembly.oligomeric_count     2 
# 
loop_
_pdbx_struct_assembly_prop.biol_id 
_pdbx_struct_assembly_prop.type 
_pdbx_struct_assembly_prop.value 
_pdbx_struct_assembly_prop.details 
1 'ABSA (A^2)' 2900  ? 
1 MORE         -34   ? 
1 'SSA (A^2)'  12840 ? 
# 
_pdbx_struct_assembly_gen.assembly_id       1 
_pdbx_struct_assembly_gen.oper_expression   1,2 
_pdbx_struct_assembly_gen.asym_id_list      A,B,C,D,E,F 
# 
_pdbx_struct_assembly_auth_evidence.id                     1 
_pdbx_struct_assembly_auth_evidence.assembly_id            1 
_pdbx_struct_assembly_auth_evidence.experimental_support   'light scattering' 
_pdbx_struct_assembly_auth_evidence.details                ? 
# 
loop_
_pdbx_struct_oper_list.id 
_pdbx_struct_oper_list.type 
_pdbx_struct_oper_list.name 
_pdbx_struct_oper_list.symmetry_operation 
_pdbx_struct_oper_list.matrix[1][1] 
_pdbx_struct_oper_list.matrix[1][2] 
_pdbx_struct_oper_list.matrix[1][3] 
_pdbx_struct_oper_list.vector[1] 
_pdbx_struct_oper_list.matrix[2][1] 
_pdbx_struct_oper_list.matrix[2][2] 
_pdbx_struct_oper_list.matrix[2][3] 
_pdbx_struct_oper_list.vector[2] 
_pdbx_struct_oper_list.matrix[3][1] 
_pdbx_struct_oper_list.matrix[3][2] 
_pdbx_struct_oper_list.matrix[3][3] 
_pdbx_struct_oper_list.vector[3] 
1 'identity operation'         1_555 x,y,z         1.0000000000 0.0000000000  0.0000000000  0.0000000000  0.0000000000  1.0000000000  0.0000000000 0.0000000000   0.0000000000  0.0000000000 1.0000000000  0.0000000000   
2 'crystal symmetry operation' 5_555 x-y,-y,-z+2/3 0.9452097043 -0.1374711094 -0.2961086101 -5.1458399233 -0.1374711094 -0.9902846948 0.0209264734 -16.3187197421 -0.2961086101 0.0209264734 -0.9549250095 -26.2281642074 
# 
loop_
_struct_conf.conf_type_id 
_struct_conf.id 
_struct_conf.pdbx_PDB_helix_id 
_struct_conf.beg_label_comp_id 
_struct_conf.beg_label_asym_id 
_struct_conf.beg_label_seq_id 
_struct_conf.pdbx_beg_PDB_ins_code 
_struct_conf.end_label_comp_id 
_struct_conf.end_label_asym_id 
_struct_conf.end_label_seq_id 
_struct_conf.pdbx_end_PDB_ins_code 
_struct_conf.beg_auth_comp_id 
_struct_conf.beg_auth_asym_id 
_struct_conf.beg_auth_seq_id 
_struct_conf.end_auth_comp_id 
_struct_conf.end_auth_asym_id 
_struct_conf.end_auth_seq_id 
_struct_conf.pdbx_PDB_helix_class 
_struct_conf.details 
_struct_conf.pdbx_PDB_helix_length 
HELX_P HELX_P1 AA1 SER A 24 ? CYS A 28 ? SER B 3  CYS B 7  5 ? 5  
HELX_P HELX_P2 AA2 GLY A 48 ? LYS A 59 ? GLY B 27 LYS B 38 1 ? 12 
HELX_P HELX_P3 AA3 CYS A 68 ? SER A 80 ? CYS B 47 SER B 59 1 ? 13 
# 
_struct_conf_type.id          HELX_P 
_struct_conf_type.criteria    ? 
_struct_conf_type.reference   ? 
# 
loop_
_struct_conn.id 
_struct_conn.conn_type_id 
_struct_conn.pdbx_leaving_atom_flag 
_struct_conn.pdbx_PDB_id 
_struct_conn.ptnr1_label_asym_id 
_struct_conn.ptnr1_label_comp_id 
_struct_conn.ptnr1_label_seq_id 
_struct_conn.ptnr1_label_atom_id 
_struct_conn.pdbx_ptnr1_label_alt_id 
_struct_conn.pdbx_ptnr1_PDB_ins_code 
_struct_conn.pdbx_ptnr1_standard_comp_id 
_struct_conn.ptnr1_symmetry 
_struct_conn.ptnr2_label_asym_id 
_struct_conn.ptnr2_label_comp_id 
_struct_conn.ptnr2_label_seq_id 
_struct_conn.ptnr2_label_atom_id 
_struct_conn.pdbx_ptnr2_label_alt_id 
_struct_conn.pdbx_ptnr2_PDB_ins_code 
_struct_conn.ptnr1_auth_asym_id 
_struct_conn.ptnr1_auth_comp_id 
_struct_conn.ptnr1_auth_seq_id 
_struct_conn.ptnr2_auth_asym_id 
_struct_conn.ptnr2_auth_comp_id 
_struct_conn.ptnr2_auth_seq_id 
_struct_conn.ptnr2_symmetry 
_struct_conn.pdbx_ptnr3_label_atom_id 
_struct_conn.pdbx_ptnr3_label_seq_id 
_struct_conn.pdbx_ptnr3_label_comp_id 
_struct_conn.pdbx_ptnr3_label_asym_id 
_struct_conn.pdbx_ptnr3_label_alt_id 
_struct_conn.pdbx_ptnr3_PDB_ins_code 
_struct_conn.details 
_struct_conn.pdbx_dist_value 
_struct_conn.pdbx_value_order 
_struct_conn.pdbx_role 
disulf1 disulf ? ? A CYS 22  SG  ? ? ? 1_555 A CYS 68  SG ? ? B CYS 1   B CYS 47  5_555 ? ? ? ? ? ? ? 2.215 ? ? 
disulf2 disulf ? ? A CYS 23  SG  ? ? ? 1_555 A CYS 157 SG ? ? B CYS 2   B CYS 136 1_555 ? ? ? ? ? ? ? 2.135 ? ? 
disulf3 disulf ? ? A CYS 28  SG  ? ? ? 1_555 A CYS 39  SG ? ? B CYS 7   B CYS 18  1_555 ? ? ? ? ? ? ? 2.005 ? ? 
disulf4 disulf ? ? A CYS 56  SG  ? ? ? 1_555 A CYS 153 SG ? ? B CYS 35  B CYS 132 1_555 ? ? ? ? ? ? ? 2.043 ? ? 
disulf5 disulf ? ? A CYS 125 SG  ? ? ? 1_555 A CYS 144 SG ? ? B CYS 104 B CYS 123 1_555 ? ? ? ? ? ? ? 2.097 ? ? 
metalc1 metalc ? ? A THR 65  O   ? ? ? 1_555 D CA  .   CA ? ? B THR 44  B CA  203 1_555 ? ? ? ? ? ? ? 2.325 ? ? 
metalc2 metalc ? ? A GLU 67  OE1 ? ? ? 1_555 D CA  .   CA ? ? B GLU 46  B CA  203 1_555 ? ? ? ? ? ? ? 2.266 ? ? 
metalc3 metalc ? ? A GLU 71  OE1 ? ? ? 1_555 D CA  .   CA ? ? B GLU 50  B CA  203 1_555 ? ? ? ? ? ? ? 2.795 ? ? 
metalc4 metalc ? ? A GLU 71  OE2 ? ? ? 1_555 D CA  .   CA ? ? B GLU 50  B CA  203 1_555 ? ? ? ? ? ? ? 2.324 ? ? 
metalc5 metalc ? ? A GLU 154 OE1 ? ? ? 1_555 D CA  .   CA ? ? B GLU 133 B CA  203 1_555 ? ? ? ? ? ? ? 2.730 ? ? 
metalc6 metalc ? ? A GLU 154 OE2 ? ? ? 1_555 D CA  .   CA ? ? B GLU 133 B CA  203 1_555 ? ? ? ? ? ? ? 2.439 ? ? 
metalc7 metalc ? ? C TRS .   O3  ? ? ? 1_555 D CA  .   CA ? ? B TRS 202 B CA  203 1_555 ? ? ? ? ? ? ? 2.376 ? ? 
metalc8 metalc ? ? D CA  .   CA  ? ? ? 1_555 F HOH .   O  ? ? B CA  203 B HOH 376 1_555 ? ? ? ? ? ? ? 2.483 ? ? 
# 
loop_
_struct_conn_type.id 
_struct_conn_type.criteria 
_struct_conn_type.reference 
disulf ? ? 
metalc ? ? 
# 
loop_
_pdbx_struct_conn_angle.id 
_pdbx_struct_conn_angle.ptnr1_label_atom_id 
_pdbx_struct_conn_angle.ptnr1_label_alt_id 
_pdbx_struct_conn_angle.ptnr1_label_asym_id 
_pdbx_struct_conn_angle.ptnr1_label_comp_id 
_pdbx_struct_conn_angle.ptnr1_label_seq_id 
_pdbx_struct_conn_angle.ptnr1_auth_atom_id 
_pdbx_struct_conn_angle.ptnr1_auth_asym_id 
_pdbx_struct_conn_angle.ptnr1_auth_comp_id 
_pdbx_struct_conn_angle.ptnr1_auth_seq_id 
_pdbx_struct_conn_angle.ptnr1_PDB_ins_code 
_pdbx_struct_conn_angle.ptnr1_symmetry 
_pdbx_struct_conn_angle.ptnr2_label_atom_id 
_pdbx_struct_conn_angle.ptnr2_label_alt_id 
_pdbx_struct_conn_angle.ptnr2_label_asym_id 
_pdbx_struct_conn_angle.ptnr2_label_comp_id 
_pdbx_struct_conn_angle.ptnr2_label_seq_id 
_pdbx_struct_conn_angle.ptnr2_auth_atom_id 
_pdbx_struct_conn_angle.ptnr2_auth_asym_id 
_pdbx_struct_conn_angle.ptnr2_auth_comp_id 
_pdbx_struct_conn_angle.ptnr2_auth_seq_id 
_pdbx_struct_conn_angle.ptnr2_PDB_ins_code 
_pdbx_struct_conn_angle.ptnr2_symmetry 
_pdbx_struct_conn_angle.ptnr3_label_atom_id 
_pdbx_struct_conn_angle.ptnr3_label_alt_id 
_pdbx_struct_conn_angle.ptnr3_label_asym_id 
_pdbx_struct_conn_angle.ptnr3_label_comp_id 
_pdbx_struct_conn_angle.ptnr3_label_seq_id 
_pdbx_struct_conn_angle.ptnr3_auth_atom_id 
_pdbx_struct_conn_angle.ptnr3_auth_asym_id 
_pdbx_struct_conn_angle.ptnr3_auth_comp_id 
_pdbx_struct_conn_angle.ptnr3_auth_seq_id 
_pdbx_struct_conn_angle.ptnr3_PDB_ins_code 
_pdbx_struct_conn_angle.ptnr3_symmetry 
_pdbx_struct_conn_angle.value 
_pdbx_struct_conn_angle.value_esd 
1  O   ? A THR 65  ? B THR 44  ? 1_555 CA ? D CA . ? B CA 203 ? 1_555 OE1 ? A GLU 67  ? B GLU 46  ? 1_555 83.9  ? 
2  O   ? A THR 65  ? B THR 44  ? 1_555 CA ? D CA . ? B CA 203 ? 1_555 OE1 ? A GLU 71  ? B GLU 50  ? 1_555 74.8  ? 
3  OE1 ? A GLU 67  ? B GLU 46  ? 1_555 CA ? D CA . ? B CA 203 ? 1_555 OE1 ? A GLU 71  ? B GLU 50  ? 1_555 72.1  ? 
4  O   ? A THR 65  ? B THR 44  ? 1_555 CA ? D CA . ? B CA 203 ? 1_555 OE2 ? A GLU 71  ? B GLU 50  ? 1_555 85.3  ? 
5  OE1 ? A GLU 67  ? B GLU 46  ? 1_555 CA ? D CA . ? B CA 203 ? 1_555 OE2 ? A GLU 71  ? B GLU 50  ? 1_555 120.8 ? 
6  OE1 ? A GLU 71  ? B GLU 50  ? 1_555 CA ? D CA . ? B CA 203 ? 1_555 OE2 ? A GLU 71  ? B GLU 50  ? 1_555 48.9  ? 
7  O   ? A THR 65  ? B THR 44  ? 1_555 CA ? D CA . ? B CA 203 ? 1_555 OE1 ? A GLU 154 ? B GLU 133 ? 1_555 78.8  ? 
8  OE1 ? A GLU 67  ? B GLU 46  ? 1_555 CA ? D CA . ? B CA 203 ? 1_555 OE1 ? A GLU 154 ? B GLU 133 ? 1_555 135.2 ? 
9  OE1 ? A GLU 71  ? B GLU 50  ? 1_555 CA ? D CA . ? B CA 203 ? 1_555 OE1 ? A GLU 154 ? B GLU 133 ? 1_555 139.0 ? 
10 OE2 ? A GLU 71  ? B GLU 50  ? 1_555 CA ? D CA . ? B CA 203 ? 1_555 OE1 ? A GLU 154 ? B GLU 133 ? 1_555 98.7  ? 
11 O   ? A THR 65  ? B THR 44  ? 1_555 CA ? D CA . ? B CA 203 ? 1_555 OE2 ? A GLU 154 ? B GLU 133 ? 1_555 123.7 ? 
12 OE1 ? A GLU 67  ? B GLU 46  ? 1_555 CA ? D CA . ? B CA 203 ? 1_555 OE2 ? A GLU 154 ? B GLU 133 ? 1_555 148.9 ? 
13 OE1 ? A GLU 71  ? B GLU 50  ? 1_555 CA ? D CA . ? B CA 203 ? 1_555 OE2 ? A GLU 154 ? B GLU 133 ? 1_555 125.1 ? 
14 OE2 ? A GLU 71  ? B GLU 50  ? 1_555 CA ? D CA . ? B CA 203 ? 1_555 OE2 ? A GLU 154 ? B GLU 133 ? 1_555 79.3  ? 
15 OE1 ? A GLU 154 ? B GLU 133 ? 1_555 CA ? D CA . ? B CA 203 ? 1_555 OE2 ? A GLU 154 ? B GLU 133 ? 1_555 51.3  ? 
16 O   ? A THR 65  ? B THR 44  ? 1_555 CA ? D CA . ? B CA 203 ? 1_555 O3  ? C TRS .   ? B TRS 202 ? 1_555 112.3 ? 
17 OE1 ? A GLU 67  ? B GLU 46  ? 1_555 CA ? D CA . ? B CA 203 ? 1_555 O3  ? C TRS .   ? B TRS 202 ? 1_555 72.3  ? 
18 OE1 ? A GLU 71  ? B GLU 50  ? 1_555 CA ? D CA . ? B CA 203 ? 1_555 O3  ? C TRS .   ? B TRS 202 ? 1_555 142.7 ? 
19 OE2 ? A GLU 71  ? B GLU 50  ? 1_555 CA ? D CA . ? B CA 203 ? 1_555 O3  ? C TRS .   ? B TRS 202 ? 1_555 160.1 ? 
20 OE1 ? A GLU 154 ? B GLU 133 ? 1_555 CA ? D CA . ? B CA 203 ? 1_555 O3  ? C TRS .   ? B TRS 202 ? 1_555 76.7  ? 
21 OE2 ? A GLU 154 ? B GLU 133 ? 1_555 CA ? D CA . ? B CA 203 ? 1_555 O3  ? C TRS .   ? B TRS 202 ? 1_555 82.9  ? 
22 O   ? A THR 65  ? B THR 44  ? 1_555 CA ? D CA . ? B CA 203 ? 1_555 O   ? F HOH .   ? B HOH 376 ? 1_555 149.7 ? 
23 OE1 ? A GLU 67  ? B GLU 46  ? 1_555 CA ? D CA . ? B CA 203 ? 1_555 O   ? F HOH .   ? B HOH 376 ? 1_555 80.0  ? 
24 OE1 ? A GLU 71  ? B GLU 50  ? 1_555 CA ? D CA . ? B CA 203 ? 1_555 O   ? F HOH .   ? B HOH 376 ? 1_555 75.9  ? 
25 OE2 ? A GLU 71  ? B GLU 50  ? 1_555 CA ? D CA . ? B CA 203 ? 1_555 O   ? F HOH .   ? B HOH 376 ? 1_555 81.2  ? 
26 OE1 ? A GLU 154 ? B GLU 133 ? 1_555 CA ? D CA . ? B CA 203 ? 1_555 O   ? F HOH .   ? B HOH 376 ? 1_555 130.0 ? 
27 OE2 ? A GLU 154 ? B GLU 133 ? 1_555 CA ? D CA . ? B CA 203 ? 1_555 O   ? F HOH .   ? B HOH 376 ? 1_555 80.2  ? 
28 O3  ? C TRS .   ? B TRS 202 ? 1_555 CA ? D CA . ? B CA 203 ? 1_555 O   ? F HOH .   ? B HOH 376 ? 1_555 87.0  ? 
# 
loop_
_pdbx_modification_feature.ordinal 
_pdbx_modification_feature.label_comp_id 
_pdbx_modification_feature.label_asym_id 
_pdbx_modification_feature.label_seq_id 
_pdbx_modification_feature.label_alt_id 
_pdbx_modification_feature.modified_residue_label_comp_id 
_pdbx_modification_feature.modified_residue_label_asym_id 
_pdbx_modification_feature.modified_residue_label_seq_id 
_pdbx_modification_feature.modified_residue_label_alt_id 
_pdbx_modification_feature.auth_comp_id 
_pdbx_modification_feature.auth_asym_id 
_pdbx_modification_feature.auth_seq_id 
_pdbx_modification_feature.PDB_ins_code 
_pdbx_modification_feature.symmetry 
_pdbx_modification_feature.modified_residue_auth_comp_id 
_pdbx_modification_feature.modified_residue_auth_asym_id 
_pdbx_modification_feature.modified_residue_auth_seq_id 
_pdbx_modification_feature.modified_residue_PDB_ins_code 
_pdbx_modification_feature.modified_residue_symmetry 
_pdbx_modification_feature.comp_id_linking_atom 
_pdbx_modification_feature.modified_residue_id_linking_atom 
_pdbx_modification_feature.modified_residue_id 
_pdbx_modification_feature.ref_pcm_id 
_pdbx_modification_feature.ref_comp_id 
_pdbx_modification_feature.type 
_pdbx_modification_feature.category 
1 CYS A 22  ? CYS A 68  ? CYS B 1   ? 1_555 CYS B 47  ? 5_555 SG SG . . . None 'Disulfide bridge' 
2 CYS A 23  ? CYS A 157 ? CYS B 2   ? 1_555 CYS B 136 ? 1_555 SG SG . . . None 'Disulfide bridge' 
3 CYS A 28  ? CYS A 39  ? CYS B 7   ? 1_555 CYS B 18  ? 1_555 SG SG . . . None 'Disulfide bridge' 
4 CYS A 56  ? CYS A 153 ? CYS B 35  ? 1_555 CYS B 132 ? 1_555 SG SG . . . None 'Disulfide bridge' 
5 CYS A 125 ? CYS A 144 ? CYS B 104 ? 1_555 CYS B 123 ? 1_555 SG SG . . . None 'Disulfide bridge' 
# 
_struct_mon_prot_cis.pdbx_id                1 
_struct_mon_prot_cis.label_comp_id          LYS 
_struct_mon_prot_cis.label_seq_id           118 
_struct_mon_prot_cis.label_asym_id          A 
_struct_mon_prot_cis.label_alt_id           . 
_struct_mon_prot_cis.pdbx_PDB_ins_code      ? 
_struct_mon_prot_cis.auth_comp_id           LYS 
_struct_mon_prot_cis.auth_seq_id            97 
_struct_mon_prot_cis.auth_asym_id           B 
_struct_mon_prot_cis.pdbx_label_comp_id_2   PRO 
_struct_mon_prot_cis.pdbx_label_seq_id_2    119 
_struct_mon_prot_cis.pdbx_label_asym_id_2   A 
_struct_mon_prot_cis.pdbx_PDB_ins_code_2    ? 
_struct_mon_prot_cis.pdbx_auth_comp_id_2    PRO 
_struct_mon_prot_cis.pdbx_auth_seq_id_2     98 
_struct_mon_prot_cis.pdbx_auth_asym_id_2    B 
_struct_mon_prot_cis.pdbx_PDB_model_num     1 
_struct_mon_prot_cis.pdbx_omega_angle       1.20 
# 
loop_
_struct_sheet.id 
_struct_sheet.type 
_struct_sheet.number_strands 
_struct_sheet.details 
AA1 ? 4 ? 
AA2 ? 4 ? 
# 
loop_
_struct_sheet_order.sheet_id 
_struct_sheet_order.range_id_1 
_struct_sheet_order.range_id_2 
_struct_sheet_order.offset 
_struct_sheet_order.sense 
AA1 1 2 ? anti-parallel 
AA1 2 3 ? anti-parallel 
AA1 3 4 ? anti-parallel 
AA2 1 2 ? anti-parallel 
AA2 2 3 ? anti-parallel 
AA2 3 4 ? anti-parallel 
# 
loop_
_struct_sheet_range.sheet_id 
_struct_sheet_range.id 
_struct_sheet_range.beg_label_comp_id 
_struct_sheet_range.beg_label_asym_id 
_struct_sheet_range.beg_label_seq_id 
_struct_sheet_range.pdbx_beg_PDB_ins_code 
_struct_sheet_range.end_label_comp_id 
_struct_sheet_range.end_label_asym_id 
_struct_sheet_range.end_label_seq_id 
_struct_sheet_range.pdbx_end_PDB_ins_code 
_struct_sheet_range.beg_auth_comp_id 
_struct_sheet_range.beg_auth_asym_id 
_struct_sheet_range.beg_auth_seq_id 
_struct_sheet_range.end_auth_comp_id 
_struct_sheet_range.end_auth_asym_id 
_struct_sheet_range.end_auth_seq_id 
AA1 1 LYS A 33  ? PHE A 35  ? LYS B 12  PHE B 14  
AA1 2 SER A 38  ? ARG A 47  ? SER B 17  ARG B 26  
AA1 3 GLY A 149 ? ILE A 155 ? GLY B 128 ILE B 134 
AA1 4 SER A 62  ? LEU A 63  ? SER B 41  LEU B 42  
AA2 1 ASP A 100 ? TRP A 103 ? ASP B 79  TRP B 82  
AA2 2 TYR A 87  ? ASN A 95  ? TYR B 66  ASN B 74  
AA2 3 CYS A 125 ? TYR A 131 ? CYS B 104 TYR B 110 
AA2 4 VAL A 134 ? HIS A 141 ? VAL B 113 HIS B 120 
# 
loop_
_pdbx_struct_sheet_hbond.sheet_id 
_pdbx_struct_sheet_hbond.range_id_1 
_pdbx_struct_sheet_hbond.range_id_2 
_pdbx_struct_sheet_hbond.range_1_label_atom_id 
_pdbx_struct_sheet_hbond.range_1_label_comp_id 
_pdbx_struct_sheet_hbond.range_1_label_asym_id 
_pdbx_struct_sheet_hbond.range_1_label_seq_id 
_pdbx_struct_sheet_hbond.range_1_PDB_ins_code 
_pdbx_struct_sheet_hbond.range_1_auth_atom_id 
_pdbx_struct_sheet_hbond.range_1_auth_comp_id 
_pdbx_struct_sheet_hbond.range_1_auth_asym_id 
_pdbx_struct_sheet_hbond.range_1_auth_seq_id 
_pdbx_struct_sheet_hbond.range_2_label_atom_id 
_pdbx_struct_sheet_hbond.range_2_label_comp_id 
_pdbx_struct_sheet_hbond.range_2_label_asym_id 
_pdbx_struct_sheet_hbond.range_2_label_seq_id 
_pdbx_struct_sheet_hbond.range_2_PDB_ins_code 
_pdbx_struct_sheet_hbond.range_2_auth_atom_id 
_pdbx_struct_sheet_hbond.range_2_auth_comp_id 
_pdbx_struct_sheet_hbond.range_2_auth_asym_id 
_pdbx_struct_sheet_hbond.range_2_auth_seq_id 
AA1 1 2 N LYS A 33  ? N LYS B 12  O TYR A 40  ? O TYR B 19  
AA1 2 3 N ARG A 47  ? N ARG B 26  O GLY A 149 ? O GLY B 128 
AA1 3 4 O GLU A 154 ? O GLU B 133 N SER A 62  ? N SER B 41  
AA2 1 2 O ASP A 100 ? O ASP B 79  N ASN A 95  ? N ASN B 74  
AA2 2 3 N ALA A 92  ? N ALA B 71  O LEU A 126 ? O LEU B 105 
AA2 3 4 N CYS A 125 ? N CYS B 104 O HIS A 141 ? O HIS B 120 
# 
_pdbx_entry_details.entry_id                   6A7S 
_pdbx_entry_details.compound_details           ? 
_pdbx_entry_details.source_details             ? 
_pdbx_entry_details.nonpolymer_details         ? 
_pdbx_entry_details.sequence_details           ? 
_pdbx_entry_details.has_ligand_of_interest     ? 
_pdbx_entry_details.has_protein_modification   Y 
# 
loop_
_pdbx_validate_torsion.id 
_pdbx_validate_torsion.PDB_model_num 
_pdbx_validate_torsion.auth_comp_id 
_pdbx_validate_torsion.auth_asym_id 
_pdbx_validate_torsion.auth_seq_id 
_pdbx_validate_torsion.PDB_ins_code 
_pdbx_validate_torsion.label_alt_id 
_pdbx_validate_torsion.phi 
_pdbx_validate_torsion.psi 
1 1 THR B 89  ? ? -116.05 -77.45  
2 1 ASN B 100 ? ? 62.19   66.65   
3 1 LYS B 111 ? ? 55.32   -120.58 
# 
_pdbx_validate_peptide_omega.id               1 
_pdbx_validate_peptide_omega.PDB_model_num    1 
_pdbx_validate_peptide_omega.auth_comp_id_1   SER 
_pdbx_validate_peptide_omega.auth_asym_id_1   B 
_pdbx_validate_peptide_omega.auth_seq_id_1    137 
_pdbx_validate_peptide_omega.PDB_ins_code_1   ? 
_pdbx_validate_peptide_omega.label_alt_id_1   ? 
_pdbx_validate_peptide_omega.auth_comp_id_2   ASP 
_pdbx_validate_peptide_omega.auth_asym_id_2   B 
_pdbx_validate_peptide_omega.auth_seq_id_2    138 
_pdbx_validate_peptide_omega.PDB_ins_code_2   ? 
_pdbx_validate_peptide_omega.label_alt_id_2   ? 
_pdbx_validate_peptide_omega.omega            121.26 
# 
_pdbx_struct_special_symmetry.id              1 
_pdbx_struct_special_symmetry.PDB_model_num   1 
_pdbx_struct_special_symmetry.auth_asym_id    B 
_pdbx_struct_special_symmetry.auth_comp_id    HOH 
_pdbx_struct_special_symmetry.auth_seq_id     361 
_pdbx_struct_special_symmetry.PDB_ins_code    ? 
_pdbx_struct_special_symmetry.label_asym_id   F 
_pdbx_struct_special_symmetry.label_comp_id   HOH 
_pdbx_struct_special_symmetry.label_seq_id    . 
# 
loop_
_pdbx_unobs_or_zero_occ_residues.id 
_pdbx_unobs_or_zero_occ_residues.PDB_model_num 
_pdbx_unobs_or_zero_occ_residues.polymer_flag 
_pdbx_unobs_or_zero_occ_residues.occupancy_flag 
_pdbx_unobs_or_zero_occ_residues.auth_asym_id 
_pdbx_unobs_or_zero_occ_residues.auth_comp_id 
_pdbx_unobs_or_zero_occ_residues.auth_seq_id 
_pdbx_unobs_or_zero_occ_residues.PDB_ins_code 
_pdbx_unobs_or_zero_occ_residues.label_asym_id 
_pdbx_unobs_or_zero_occ_residues.label_comp_id 
_pdbx_unobs_or_zero_occ_residues.label_seq_id 
1  1 Y 1 B MET -20 ? A MET 1  
2  1 Y 1 B LEU -19 ? A LEU 2  
3  1 Y 1 B ASN -18 ? A ASN 3  
4  1 Y 1 B GLY -17 ? A GLY 4  
5  1 Y 1 B ALA -16 ? A ALA 5  
6  1 Y 1 B SER -15 ? A SER 6  
7  1 Y 1 B ILE -14 ? A ILE 7  
8  1 Y 1 B ILE -13 ? A ILE 8  
9  1 Y 1 B VAL -12 ? A VAL 9  
10 1 Y 1 B SER -11 ? A SER 10 
11 1 Y 1 B LEU -10 ? A LEU 11 
12 1 Y 1 B PHE -9  ? A PHE 12 
13 1 Y 1 B LEU -8  ? A LEU 13 
14 1 Y 1 B CYS -7  ? A CYS 14 
15 1 Y 1 B PHE -6  ? A PHE 15 
16 1 Y 1 B VAL -5  ? A VAL 16 
17 1 Y 1 B GLY -4  ? A GLY 17 
18 1 Y 1 B GLY -3  ? A GLY 18 
19 1 Y 1 B ALA -2  ? A ALA 19 
20 1 Y 1 B TYR -1  ? A TYR 20 
21 1 Y 1 B ALA 0   ? A ALA 21 
# 
loop_
_chem_comp_atom.comp_id 
_chem_comp_atom.atom_id 
_chem_comp_atom.type_symbol 
_chem_comp_atom.pdbx_aromatic_flag 
_chem_comp_atom.pdbx_stereo_config 
_chem_comp_atom.pdbx_ordinal 
ALA N    N  N N 1   
ALA CA   C  N S 2   
ALA C    C  N N 3   
ALA O    O  N N 4   
ALA CB   C  N N 5   
ALA OXT  O  N N 6   
ALA H    H  N N 7   
ALA H2   H  N N 8   
ALA HA   H  N N 9   
ALA HB1  H  N N 10  
ALA HB2  H  N N 11  
ALA HB3  H  N N 12  
ALA HXT  H  N N 13  
ARG N    N  N N 14  
ARG CA   C  N S 15  
ARG C    C  N N 16  
ARG O    O  N N 17  
ARG CB   C  N N 18  
ARG CG   C  N N 19  
ARG CD   C  N N 20  
ARG NE   N  N N 21  
ARG CZ   C  N N 22  
ARG NH1  N  N N 23  
ARG NH2  N  N N 24  
ARG OXT  O  N N 25  
ARG H    H  N N 26  
ARG H2   H  N N 27  
ARG HA   H  N N 28  
ARG HB2  H  N N 29  
ARG HB3  H  N N 30  
ARG HG2  H  N N 31  
ARG HG3  H  N N 32  
ARG HD2  H  N N 33  
ARG HD3  H  N N 34  
ARG HE   H  N N 35  
ARG HH11 H  N N 36  
ARG HH12 H  N N 37  
ARG HH21 H  N N 38  
ARG HH22 H  N N 39  
ARG HXT  H  N N 40  
ASN N    N  N N 41  
ASN CA   C  N S 42  
ASN C    C  N N 43  
ASN O    O  N N 44  
ASN CB   C  N N 45  
ASN CG   C  N N 46  
ASN OD1  O  N N 47  
ASN ND2  N  N N 48  
ASN OXT  O  N N 49  
ASN H    H  N N 50  
ASN H2   H  N N 51  
ASN HA   H  N N 52  
ASN HB2  H  N N 53  
ASN HB3  H  N N 54  
ASN HD21 H  N N 55  
ASN HD22 H  N N 56  
ASN HXT  H  N N 57  
ASP N    N  N N 58  
ASP CA   C  N S 59  
ASP C    C  N N 60  
ASP O    O  N N 61  
ASP CB   C  N N 62  
ASP CG   C  N N 63  
ASP OD1  O  N N 64  
ASP OD2  O  N N 65  
ASP OXT  O  N N 66  
ASP H    H  N N 67  
ASP H2   H  N N 68  
ASP HA   H  N N 69  
ASP HB2  H  N N 70  
ASP HB3  H  N N 71  
ASP HD2  H  N N 72  
ASP HXT  H  N N 73  
CA  CA   CA N N 74  
CYS N    N  N N 75  
CYS CA   C  N R 76  
CYS C    C  N N 77  
CYS O    O  N N 78  
CYS CB   C  N N 79  
CYS SG   S  N N 80  
CYS OXT  O  N N 81  
CYS H    H  N N 82  
CYS H2   H  N N 83  
CYS HA   H  N N 84  
CYS HB2  H  N N 85  
CYS HB3  H  N N 86  
CYS HG   H  N N 87  
CYS HXT  H  N N 88  
GLN N    N  N N 89  
GLN CA   C  N S 90  
GLN C    C  N N 91  
GLN O    O  N N 92  
GLN CB   C  N N 93  
GLN CG   C  N N 94  
GLN CD   C  N N 95  
GLN OE1  O  N N 96  
GLN NE2  N  N N 97  
GLN OXT  O  N N 98  
GLN H    H  N N 99  
GLN H2   H  N N 100 
GLN HA   H  N N 101 
GLN HB2  H  N N 102 
GLN HB3  H  N N 103 
GLN HG2  H  N N 104 
GLN HG3  H  N N 105 
GLN HE21 H  N N 106 
GLN HE22 H  N N 107 
GLN HXT  H  N N 108 
GLU N    N  N N 109 
GLU CA   C  N S 110 
GLU C    C  N N 111 
GLU O    O  N N 112 
GLU CB   C  N N 113 
GLU CG   C  N N 114 
GLU CD   C  N N 115 
GLU OE1  O  N N 116 
GLU OE2  O  N N 117 
GLU OXT  O  N N 118 
GLU H    H  N N 119 
GLU H2   H  N N 120 
GLU HA   H  N N 121 
GLU HB2  H  N N 122 
GLU HB3  H  N N 123 
GLU HG2  H  N N 124 
GLU HG3  H  N N 125 
GLU HE2  H  N N 126 
GLU HXT  H  N N 127 
GLY N    N  N N 128 
GLY CA   C  N N 129 
GLY C    C  N N 130 
GLY O    O  N N 131 
GLY OXT  O  N N 132 
GLY H    H  N N 133 
GLY H2   H  N N 134 
GLY HA2  H  N N 135 
GLY HA3  H  N N 136 
GLY HXT  H  N N 137 
HIS N    N  N N 138 
HIS CA   C  N S 139 
HIS C    C  N N 140 
HIS O    O  N N 141 
HIS CB   C  N N 142 
HIS CG   C  Y N 143 
HIS ND1  N  Y N 144 
HIS CD2  C  Y N 145 
HIS CE1  C  Y N 146 
HIS NE2  N  Y N 147 
HIS OXT  O  N N 148 
HIS H    H  N N 149 
HIS H2   H  N N 150 
HIS HA   H  N N 151 
HIS HB2  H  N N 152 
HIS HB3  H  N N 153 
HIS HD1  H  N N 154 
HIS HD2  H  N N 155 
HIS HE1  H  N N 156 
HIS HE2  H  N N 157 
HIS HXT  H  N N 158 
HOH O    O  N N 159 
HOH H1   H  N N 160 
HOH H2   H  N N 161 
ILE N    N  N N 162 
ILE CA   C  N S 163 
ILE C    C  N N 164 
ILE O    O  N N 165 
ILE CB   C  N S 166 
ILE CG1  C  N N 167 
ILE CG2  C  N N 168 
ILE CD1  C  N N 169 
ILE OXT  O  N N 170 
ILE H    H  N N 171 
ILE H2   H  N N 172 
ILE HA   H  N N 173 
ILE HB   H  N N 174 
ILE HG12 H  N N 175 
ILE HG13 H  N N 176 
ILE HG21 H  N N 177 
ILE HG22 H  N N 178 
ILE HG23 H  N N 179 
ILE HD11 H  N N 180 
ILE HD12 H  N N 181 
ILE HD13 H  N N 182 
ILE HXT  H  N N 183 
LEU N    N  N N 184 
LEU CA   C  N S 185 
LEU C    C  N N 186 
LEU O    O  N N 187 
LEU CB   C  N N 188 
LEU CG   C  N N 189 
LEU CD1  C  N N 190 
LEU CD2  C  N N 191 
LEU OXT  O  N N 192 
LEU H    H  N N 193 
LEU H2   H  N N 194 
LEU HA   H  N N 195 
LEU HB2  H  N N 196 
LEU HB3  H  N N 197 
LEU HG   H  N N 198 
LEU HD11 H  N N 199 
LEU HD12 H  N N 200 
LEU HD13 H  N N 201 
LEU HD21 H  N N 202 
LEU HD22 H  N N 203 
LEU HD23 H  N N 204 
LEU HXT  H  N N 205 
LYS N    N  N N 206 
LYS CA   C  N S 207 
LYS C    C  N N 208 
LYS O    O  N N 209 
LYS CB   C  N N 210 
LYS CG   C  N N 211 
LYS CD   C  N N 212 
LYS CE   C  N N 213 
LYS NZ   N  N N 214 
LYS OXT  O  N N 215 
LYS H    H  N N 216 
LYS H2   H  N N 217 
LYS HA   H  N N 218 
LYS HB2  H  N N 219 
LYS HB3  H  N N 220 
LYS HG2  H  N N 221 
LYS HG3  H  N N 222 
LYS HD2  H  N N 223 
LYS HD3  H  N N 224 
LYS HE2  H  N N 225 
LYS HE3  H  N N 226 
LYS HZ1  H  N N 227 
LYS HZ2  H  N N 228 
LYS HZ3  H  N N 229 
LYS HXT  H  N N 230 
MET N    N  N N 231 
MET CA   C  N S 232 
MET C    C  N N 233 
MET O    O  N N 234 
MET CB   C  N N 235 
MET CG   C  N N 236 
MET SD   S  N N 237 
MET CE   C  N N 238 
MET OXT  O  N N 239 
MET H    H  N N 240 
MET H2   H  N N 241 
MET HA   H  N N 242 
MET HB2  H  N N 243 
MET HB3  H  N N 244 
MET HG2  H  N N 245 
MET HG3  H  N N 246 
MET HE1  H  N N 247 
MET HE2  H  N N 248 
MET HE3  H  N N 249 
MET HXT  H  N N 250 
NGA C1   C  N R 251 
NGA C2   C  N R 252 
NGA C3   C  N R 253 
NGA C4   C  N R 254 
NGA C5   C  N R 255 
NGA C6   C  N N 256 
NGA C7   C  N N 257 
NGA C8   C  N N 258 
NGA N2   N  N N 259 
NGA O1   O  N N 260 
NGA O3   O  N N 261 
NGA O4   O  N N 262 
NGA O5   O  N N 263 
NGA O6   O  N N 264 
NGA O7   O  N N 265 
NGA H1   H  N N 266 
NGA H2   H  N N 267 
NGA H3   H  N N 268 
NGA H4   H  N N 269 
NGA H5   H  N N 270 
NGA H61  H  N N 271 
NGA H62  H  N N 272 
NGA H81  H  N N 273 
NGA H82  H  N N 274 
NGA H83  H  N N 275 
NGA HN2  H  N N 276 
NGA HO1  H  N N 277 
NGA HO3  H  N N 278 
NGA HO4  H  N N 279 
NGA HO6  H  N N 280 
PHE N    N  N N 281 
PHE CA   C  N S 282 
PHE C    C  N N 283 
PHE O    O  N N 284 
PHE CB   C  N N 285 
PHE CG   C  Y N 286 
PHE CD1  C  Y N 287 
PHE CD2  C  Y N 288 
PHE CE1  C  Y N 289 
PHE CE2  C  Y N 290 
PHE CZ   C  Y N 291 
PHE OXT  O  N N 292 
PHE H    H  N N 293 
PHE H2   H  N N 294 
PHE HA   H  N N 295 
PHE HB2  H  N N 296 
PHE HB3  H  N N 297 
PHE HD1  H  N N 298 
PHE HD2  H  N N 299 
PHE HE1  H  N N 300 
PHE HE2  H  N N 301 
PHE HZ   H  N N 302 
PHE HXT  H  N N 303 
PRO N    N  N N 304 
PRO CA   C  N S 305 
PRO C    C  N N 306 
PRO O    O  N N 307 
PRO CB   C  N N 308 
PRO CG   C  N N 309 
PRO CD   C  N N 310 
PRO OXT  O  N N 311 
PRO H    H  N N 312 
PRO HA   H  N N 313 
PRO HB2  H  N N 314 
PRO HB3  H  N N 315 
PRO HG2  H  N N 316 
PRO HG3  H  N N 317 
PRO HD2  H  N N 318 
PRO HD3  H  N N 319 
PRO HXT  H  N N 320 
SER N    N  N N 321 
SER CA   C  N S 322 
SER C    C  N N 323 
SER O    O  N N 324 
SER CB   C  N N 325 
SER OG   O  N N 326 
SER OXT  O  N N 327 
SER H    H  N N 328 
SER H2   H  N N 329 
SER HA   H  N N 330 
SER HB2  H  N N 331 
SER HB3  H  N N 332 
SER HG   H  N N 333 
SER HXT  H  N N 334 
SO4 S    S  N N 335 
SO4 O1   O  N N 336 
SO4 O2   O  N N 337 
SO4 O3   O  N N 338 
SO4 O4   O  N N 339 
THR N    N  N N 340 
THR CA   C  N S 341 
THR C    C  N N 342 
THR O    O  N N 343 
THR CB   C  N R 344 
THR OG1  O  N N 345 
THR CG2  C  N N 346 
THR OXT  O  N N 347 
THR H    H  N N 348 
THR H2   H  N N 349 
THR HA   H  N N 350 
THR HB   H  N N 351 
THR HG1  H  N N 352 
THR HG21 H  N N 353 
THR HG22 H  N N 354 
THR HG23 H  N N 355 
THR HXT  H  N N 356 
TRP N    N  N N 357 
TRP CA   C  N S 358 
TRP C    C  N N 359 
TRP O    O  N N 360 
TRP CB   C  N N 361 
TRP CG   C  Y N 362 
TRP CD1  C  Y N 363 
TRP CD2  C  Y N 364 
TRP NE1  N  Y N 365 
TRP CE2  C  Y N 366 
TRP CE3  C  Y N 367 
TRP CZ2  C  Y N 368 
TRP CZ3  C  Y N 369 
TRP CH2  C  Y N 370 
TRP OXT  O  N N 371 
TRP H    H  N N 372 
TRP H2   H  N N 373 
TRP HA   H  N N 374 
TRP HB2  H  N N 375 
TRP HB3  H  N N 376 
TRP HD1  H  N N 377 
TRP HE1  H  N N 378 
TRP HE3  H  N N 379 
TRP HZ2  H  N N 380 
TRP HZ3  H  N N 381 
TRP HH2  H  N N 382 
TRP HXT  H  N N 383 
TRS C    C  N N 384 
TRS C1   C  N N 385 
TRS C2   C  N N 386 
TRS C3   C  N N 387 
TRS N    N  N N 388 
TRS O1   O  N N 389 
TRS O2   O  N N 390 
TRS O3   O  N N 391 
TRS H11  H  N N 392 
TRS H12  H  N N 393 
TRS H21  H  N N 394 
TRS H22  H  N N 395 
TRS H31  H  N N 396 
TRS H32  H  N N 397 
TRS HN1  H  N N 398 
TRS HN2  H  N N 399 
TRS HN3  H  N N 400 
TRS HO1  H  N N 401 
TRS HO2  H  N N 402 
TRS HO3  H  N N 403 
TYR N    N  N N 404 
TYR CA   C  N S 405 
TYR C    C  N N 406 
TYR O    O  N N 407 
TYR CB   C  N N 408 
TYR CG   C  Y N 409 
TYR CD1  C  Y N 410 
TYR CD2  C  Y N 411 
TYR CE1  C  Y N 412 
TYR CE2  C  Y N 413 
TYR CZ   C  Y N 414 
TYR OH   O  N N 415 
TYR OXT  O  N N 416 
TYR H    H  N N 417 
TYR H2   H  N N 418 
TYR HA   H  N N 419 
TYR HB2  H  N N 420 
TYR HB3  H  N N 421 
TYR HD1  H  N N 422 
TYR HD2  H  N N 423 
TYR HE1  H  N N 424 
TYR HE2  H  N N 425 
TYR HH   H  N N 426 
TYR HXT  H  N N 427 
VAL N    N  N N 428 
VAL CA   C  N S 429 
VAL C    C  N N 430 
VAL O    O  N N 431 
VAL CB   C  N N 432 
VAL CG1  C  N N 433 
VAL CG2  C  N N 434 
VAL OXT  O  N N 435 
VAL H    H  N N 436 
VAL H2   H  N N 437 
VAL HA   H  N N 438 
VAL HB   H  N N 439 
VAL HG11 H  N N 440 
VAL HG12 H  N N 441 
VAL HG13 H  N N 442 
VAL HG21 H  N N 443 
VAL HG22 H  N N 444 
VAL HG23 H  N N 445 
VAL HXT  H  N N 446 
# 
loop_
_chem_comp_bond.comp_id 
_chem_comp_bond.atom_id_1 
_chem_comp_bond.atom_id_2 
_chem_comp_bond.value_order 
_chem_comp_bond.pdbx_aromatic_flag 
_chem_comp_bond.pdbx_stereo_config 
_chem_comp_bond.pdbx_ordinal 
ALA N   CA   sing N N 1   
ALA N   H    sing N N 2   
ALA N   H2   sing N N 3   
ALA CA  C    sing N N 4   
ALA CA  CB   sing N N 5   
ALA CA  HA   sing N N 6   
ALA C   O    doub N N 7   
ALA C   OXT  sing N N 8   
ALA CB  HB1  sing N N 9   
ALA CB  HB2  sing N N 10  
ALA CB  HB3  sing N N 11  
ALA OXT HXT  sing N N 12  
ARG N   CA   sing N N 13  
ARG N   H    sing N N 14  
ARG N   H2   sing N N 15  
ARG CA  C    sing N N 16  
ARG CA  CB   sing N N 17  
ARG CA  HA   sing N N 18  
ARG C   O    doub N N 19  
ARG C   OXT  sing N N 20  
ARG CB  CG   sing N N 21  
ARG CB  HB2  sing N N 22  
ARG CB  HB3  sing N N 23  
ARG CG  CD   sing N N 24  
ARG CG  HG2  sing N N 25  
ARG CG  HG3  sing N N 26  
ARG CD  NE   sing N N 27  
ARG CD  HD2  sing N N 28  
ARG CD  HD3  sing N N 29  
ARG NE  CZ   sing N N 30  
ARG NE  HE   sing N N 31  
ARG CZ  NH1  sing N N 32  
ARG CZ  NH2  doub N N 33  
ARG NH1 HH11 sing N N 34  
ARG NH1 HH12 sing N N 35  
ARG NH2 HH21 sing N N 36  
ARG NH2 HH22 sing N N 37  
ARG OXT HXT  sing N N 38  
ASN N   CA   sing N N 39  
ASN N   H    sing N N 40  
ASN N   H2   sing N N 41  
ASN CA  C    sing N N 42  
ASN CA  CB   sing N N 43  
ASN CA  HA   sing N N 44  
ASN C   O    doub N N 45  
ASN C   OXT  sing N N 46  
ASN CB  CG   sing N N 47  
ASN CB  HB2  sing N N 48  
ASN CB  HB3  sing N N 49  
ASN CG  OD1  doub N N 50  
ASN CG  ND2  sing N N 51  
ASN ND2 HD21 sing N N 52  
ASN ND2 HD22 sing N N 53  
ASN OXT HXT  sing N N 54  
ASP N   CA   sing N N 55  
ASP N   H    sing N N 56  
ASP N   H2   sing N N 57  
ASP CA  C    sing N N 58  
ASP CA  CB   sing N N 59  
ASP CA  HA   sing N N 60  
ASP C   O    doub N N 61  
ASP C   OXT  sing N N 62  
ASP CB  CG   sing N N 63  
ASP CB  HB2  sing N N 64  
ASP CB  HB3  sing N N 65  
ASP CG  OD1  doub N N 66  
ASP CG  OD2  sing N N 67  
ASP OD2 HD2  sing N N 68  
ASP OXT HXT  sing N N 69  
CYS N   CA   sing N N 70  
CYS N   H    sing N N 71  
CYS N   H2   sing N N 72  
CYS CA  C    sing N N 73  
CYS CA  CB   sing N N 74  
CYS CA  HA   sing N N 75  
CYS C   O    doub N N 76  
CYS C   OXT  sing N N 77  
CYS CB  SG   sing N N 78  
CYS CB  HB2  sing N N 79  
CYS CB  HB3  sing N N 80  
CYS SG  HG   sing N N 81  
CYS OXT HXT  sing N N 82  
GLN N   CA   sing N N 83  
GLN N   H    sing N N 84  
GLN N   H2   sing N N 85  
GLN CA  C    sing N N 86  
GLN CA  CB   sing N N 87  
GLN CA  HA   sing N N 88  
GLN C   O    doub N N 89  
GLN C   OXT  sing N N 90  
GLN CB  CG   sing N N 91  
GLN CB  HB2  sing N N 92  
GLN CB  HB3  sing N N 93  
GLN CG  CD   sing N N 94  
GLN CG  HG2  sing N N 95  
GLN CG  HG3  sing N N 96  
GLN CD  OE1  doub N N 97  
GLN CD  NE2  sing N N 98  
GLN NE2 HE21 sing N N 99  
GLN NE2 HE22 sing N N 100 
GLN OXT HXT  sing N N 101 
GLU N   CA   sing N N 102 
GLU N   H    sing N N 103 
GLU N   H2   sing N N 104 
GLU CA  C    sing N N 105 
GLU CA  CB   sing N N 106 
GLU CA  HA   sing N N 107 
GLU C   O    doub N N 108 
GLU C   OXT  sing N N 109 
GLU CB  CG   sing N N 110 
GLU CB  HB2  sing N N 111 
GLU CB  HB3  sing N N 112 
GLU CG  CD   sing N N 113 
GLU CG  HG2  sing N N 114 
GLU CG  HG3  sing N N 115 
GLU CD  OE1  doub N N 116 
GLU CD  OE2  sing N N 117 
GLU OE2 HE2  sing N N 118 
GLU OXT HXT  sing N N 119 
GLY N   CA   sing N N 120 
GLY N   H    sing N N 121 
GLY N   H2   sing N N 122 
GLY CA  C    sing N N 123 
GLY CA  HA2  sing N N 124 
GLY CA  HA3  sing N N 125 
GLY C   O    doub N N 126 
GLY C   OXT  sing N N 127 
GLY OXT HXT  sing N N 128 
HIS N   CA   sing N N 129 
HIS N   H    sing N N 130 
HIS N   H2   sing N N 131 
HIS CA  C    sing N N 132 
HIS CA  CB   sing N N 133 
HIS CA  HA   sing N N 134 
HIS C   O    doub N N 135 
HIS C   OXT  sing N N 136 
HIS CB  CG   sing N N 137 
HIS CB  HB2  sing N N 138 
HIS CB  HB3  sing N N 139 
HIS CG  ND1  sing Y N 140 
HIS CG  CD2  doub Y N 141 
HIS ND1 CE1  doub Y N 142 
HIS ND1 HD1  sing N N 143 
HIS CD2 NE2  sing Y N 144 
HIS CD2 HD2  sing N N 145 
HIS CE1 NE2  sing Y N 146 
HIS CE1 HE1  sing N N 147 
HIS NE2 HE2  sing N N 148 
HIS OXT HXT  sing N N 149 
HOH O   H1   sing N N 150 
HOH O   H2   sing N N 151 
ILE N   CA   sing N N 152 
ILE N   H    sing N N 153 
ILE N   H2   sing N N 154 
ILE CA  C    sing N N 155 
ILE CA  CB   sing N N 156 
ILE CA  HA   sing N N 157 
ILE C   O    doub N N 158 
ILE C   OXT  sing N N 159 
ILE CB  CG1  sing N N 160 
ILE CB  CG2  sing N N 161 
ILE CB  HB   sing N N 162 
ILE CG1 CD1  sing N N 163 
ILE CG1 HG12 sing N N 164 
ILE CG1 HG13 sing N N 165 
ILE CG2 HG21 sing N N 166 
ILE CG2 HG22 sing N N 167 
ILE CG2 HG23 sing N N 168 
ILE CD1 HD11 sing N N 169 
ILE CD1 HD12 sing N N 170 
ILE CD1 HD13 sing N N 171 
ILE OXT HXT  sing N N 172 
LEU N   CA   sing N N 173 
LEU N   H    sing N N 174 
LEU N   H2   sing N N 175 
LEU CA  C    sing N N 176 
LEU CA  CB   sing N N 177 
LEU CA  HA   sing N N 178 
LEU C   O    doub N N 179 
LEU C   OXT  sing N N 180 
LEU CB  CG   sing N N 181 
LEU CB  HB2  sing N N 182 
LEU CB  HB3  sing N N 183 
LEU CG  CD1  sing N N 184 
LEU CG  CD2  sing N N 185 
LEU CG  HG   sing N N 186 
LEU CD1 HD11 sing N N 187 
LEU CD1 HD12 sing N N 188 
LEU CD1 HD13 sing N N 189 
LEU CD2 HD21 sing N N 190 
LEU CD2 HD22 sing N N 191 
LEU CD2 HD23 sing N N 192 
LEU OXT HXT  sing N N 193 
LYS N   CA   sing N N 194 
LYS N   H    sing N N 195 
LYS N   H2   sing N N 196 
LYS CA  C    sing N N 197 
LYS CA  CB   sing N N 198 
LYS CA  HA   sing N N 199 
LYS C   O    doub N N 200 
LYS C   OXT  sing N N 201 
LYS CB  CG   sing N N 202 
LYS CB  HB2  sing N N 203 
LYS CB  HB3  sing N N 204 
LYS CG  CD   sing N N 205 
LYS CG  HG2  sing N N 206 
LYS CG  HG3  sing N N 207 
LYS CD  CE   sing N N 208 
LYS CD  HD2  sing N N 209 
LYS CD  HD3  sing N N 210 
LYS CE  NZ   sing N N 211 
LYS CE  HE2  sing N N 212 
LYS CE  HE3  sing N N 213 
LYS NZ  HZ1  sing N N 214 
LYS NZ  HZ2  sing N N 215 
LYS NZ  HZ3  sing N N 216 
LYS OXT HXT  sing N N 217 
MET N   CA   sing N N 218 
MET N   H    sing N N 219 
MET N   H2   sing N N 220 
MET CA  C    sing N N 221 
MET CA  CB   sing N N 222 
MET CA  HA   sing N N 223 
MET C   O    doub N N 224 
MET C   OXT  sing N N 225 
MET CB  CG   sing N N 226 
MET CB  HB2  sing N N 227 
MET CB  HB3  sing N N 228 
MET CG  SD   sing N N 229 
MET CG  HG2  sing N N 230 
MET CG  HG3  sing N N 231 
MET SD  CE   sing N N 232 
MET CE  HE1  sing N N 233 
MET CE  HE2  sing N N 234 
MET CE  HE3  sing N N 235 
MET OXT HXT  sing N N 236 
NGA C1  C2   sing N N 237 
NGA C1  O1   sing N N 238 
NGA C1  O5   sing N N 239 
NGA C1  H1   sing N N 240 
NGA C2  C3   sing N N 241 
NGA C2  N2   sing N N 242 
NGA C2  H2   sing N N 243 
NGA C3  C4   sing N N 244 
NGA C3  O3   sing N N 245 
NGA C3  H3   sing N N 246 
NGA C4  C5   sing N N 247 
NGA C4  O4   sing N N 248 
NGA C4  H4   sing N N 249 
NGA C5  C6   sing N N 250 
NGA C5  O5   sing N N 251 
NGA C5  H5   sing N N 252 
NGA C6  O6   sing N N 253 
NGA C6  H61  sing N N 254 
NGA C6  H62  sing N N 255 
NGA C7  C8   sing N N 256 
NGA C7  N2   sing N N 257 
NGA C7  O7   doub N N 258 
NGA C8  H81  sing N N 259 
NGA C8  H82  sing N N 260 
NGA C8  H83  sing N N 261 
NGA N2  HN2  sing N N 262 
NGA O1  HO1  sing N N 263 
NGA O3  HO3  sing N N 264 
NGA O4  HO4  sing N N 265 
NGA O6  HO6  sing N N 266 
PHE N   CA   sing N N 267 
PHE N   H    sing N N 268 
PHE N   H2   sing N N 269 
PHE CA  C    sing N N 270 
PHE CA  CB   sing N N 271 
PHE CA  HA   sing N N 272 
PHE C   O    doub N N 273 
PHE C   OXT  sing N N 274 
PHE CB  CG   sing N N 275 
PHE CB  HB2  sing N N 276 
PHE CB  HB3  sing N N 277 
PHE CG  CD1  doub Y N 278 
PHE CG  CD2  sing Y N 279 
PHE CD1 CE1  sing Y N 280 
PHE CD1 HD1  sing N N 281 
PHE CD2 CE2  doub Y N 282 
PHE CD2 HD2  sing N N 283 
PHE CE1 CZ   doub Y N 284 
PHE CE1 HE1  sing N N 285 
PHE CE2 CZ   sing Y N 286 
PHE CE2 HE2  sing N N 287 
PHE CZ  HZ   sing N N 288 
PHE OXT HXT  sing N N 289 
PRO N   CA   sing N N 290 
PRO N   CD   sing N N 291 
PRO N   H    sing N N 292 
PRO CA  C    sing N N 293 
PRO CA  CB   sing N N 294 
PRO CA  HA   sing N N 295 
PRO C   O    doub N N 296 
PRO C   OXT  sing N N 297 
PRO CB  CG   sing N N 298 
PRO CB  HB2  sing N N 299 
PRO CB  HB3  sing N N 300 
PRO CG  CD   sing N N 301 
PRO CG  HG2  sing N N 302 
PRO CG  HG3  sing N N 303 
PRO CD  HD2  sing N N 304 
PRO CD  HD3  sing N N 305 
PRO OXT HXT  sing N N 306 
SER N   CA   sing N N 307 
SER N   H    sing N N 308 
SER N   H2   sing N N 309 
SER CA  C    sing N N 310 
SER CA  CB   sing N N 311 
SER CA  HA   sing N N 312 
SER C   O    doub N N 313 
SER C   OXT  sing N N 314 
SER CB  OG   sing N N 315 
SER CB  HB2  sing N N 316 
SER CB  HB3  sing N N 317 
SER OG  HG   sing N N 318 
SER OXT HXT  sing N N 319 
SO4 S   O1   doub N N 320 
SO4 S   O2   doub N N 321 
SO4 S   O3   sing N N 322 
SO4 S   O4   sing N N 323 
THR N   CA   sing N N 324 
THR N   H    sing N N 325 
THR N   H2   sing N N 326 
THR CA  C    sing N N 327 
THR CA  CB   sing N N 328 
THR CA  HA   sing N N 329 
THR C   O    doub N N 330 
THR C   OXT  sing N N 331 
THR CB  OG1  sing N N 332 
THR CB  CG2  sing N N 333 
THR CB  HB   sing N N 334 
THR OG1 HG1  sing N N 335 
THR CG2 HG21 sing N N 336 
THR CG2 HG22 sing N N 337 
THR CG2 HG23 sing N N 338 
THR OXT HXT  sing N N 339 
TRP N   CA   sing N N 340 
TRP N   H    sing N N 341 
TRP N   H2   sing N N 342 
TRP CA  C    sing N N 343 
TRP CA  CB   sing N N 344 
TRP CA  HA   sing N N 345 
TRP C   O    doub N N 346 
TRP C   OXT  sing N N 347 
TRP CB  CG   sing N N 348 
TRP CB  HB2  sing N N 349 
TRP CB  HB3  sing N N 350 
TRP CG  CD1  doub Y N 351 
TRP CG  CD2  sing Y N 352 
TRP CD1 NE1  sing Y N 353 
TRP CD1 HD1  sing N N 354 
TRP CD2 CE2  doub Y N 355 
TRP CD2 CE3  sing Y N 356 
TRP NE1 CE2  sing Y N 357 
TRP NE1 HE1  sing N N 358 
TRP CE2 CZ2  sing Y N 359 
TRP CE3 CZ3  doub Y N 360 
TRP CE3 HE3  sing N N 361 
TRP CZ2 CH2  doub Y N 362 
TRP CZ2 HZ2  sing N N 363 
TRP CZ3 CH2  sing Y N 364 
TRP CZ3 HZ3  sing N N 365 
TRP CH2 HH2  sing N N 366 
TRP OXT HXT  sing N N 367 
TRS C   C1   sing N N 368 
TRS C   C2   sing N N 369 
TRS C   C3   sing N N 370 
TRS C   N    sing N N 371 
TRS C1  O1   sing N N 372 
TRS C1  H11  sing N N 373 
TRS C1  H12  sing N N 374 
TRS C2  O2   sing N N 375 
TRS C2  H21  sing N N 376 
TRS C2  H22  sing N N 377 
TRS C3  O3   sing N N 378 
TRS C3  H31  sing N N 379 
TRS C3  H32  sing N N 380 
TRS N   HN1  sing N N 381 
TRS N   HN2  sing N N 382 
TRS N   HN3  sing N N 383 
TRS O1  HO1  sing N N 384 
TRS O2  HO2  sing N N 385 
TRS O3  HO3  sing N N 386 
TYR N   CA   sing N N 387 
TYR N   H    sing N N 388 
TYR N   H2   sing N N 389 
TYR CA  C    sing N N 390 
TYR CA  CB   sing N N 391 
TYR CA  HA   sing N N 392 
TYR C   O    doub N N 393 
TYR C   OXT  sing N N 394 
TYR CB  CG   sing N N 395 
TYR CB  HB2  sing N N 396 
TYR CB  HB3  sing N N 397 
TYR CG  CD1  doub Y N 398 
TYR CG  CD2  sing Y N 399 
TYR CD1 CE1  sing Y N 400 
TYR CD1 HD1  sing N N 401 
TYR CD2 CE2  doub Y N 402 
TYR CD2 HD2  sing N N 403 
TYR CE1 CZ   doub Y N 404 
TYR CE1 HE1  sing N N 405 
TYR CE2 CZ   sing Y N 406 
TYR CE2 HE2  sing N N 407 
TYR CZ  OH   sing N N 408 
TYR OH  HH   sing N N 409 
TYR OXT HXT  sing N N 410 
VAL N   CA   sing N N 411 
VAL N   H    sing N N 412 
VAL N   H2   sing N N 413 
VAL CA  C    sing N N 414 
VAL CA  CB   sing N N 415 
VAL CA  HA   sing N N 416 
VAL C   O    doub N N 417 
VAL C   OXT  sing N N 418 
VAL CB  CG1  sing N N 419 
VAL CB  CG2  sing N N 420 
VAL CB  HB   sing N N 421 
VAL CG1 HG11 sing N N 422 
VAL CG1 HG12 sing N N 423 
VAL CG1 HG13 sing N N 424 
VAL CG2 HG21 sing N N 425 
VAL CG2 HG22 sing N N 426 
VAL CG2 HG23 sing N N 427 
VAL OXT HXT  sing N N 428 
# 
loop_
_pdbx_audit_support.funding_organization 
_pdbx_audit_support.country 
_pdbx_audit_support.grant_number 
_pdbx_audit_support.ordinal 
'Japan Society for the Promotion of Science' Japan 25450133 1 
'Japan Society for the Promotion of Science' Japan 17K07760 2 
'Japan Society for the Promotion of Science' Japan 26450128 3 
'Japan Society for the Promotion of Science' Japan 15K06977 4 
# 
_atom_sites.entry_id                    6A7S 
_atom_sites.fract_transf_matrix[1][1]   -0.01160927 
_atom_sites.fract_transf_matrix[1][2]   0.00246617 
_atom_sites.fract_transf_matrix[1][3]   -0.00439657 
_atom_sites.fract_transf_matrix[2][1]   -0.00159891 
_atom_sites.fract_transf_matrix[2][2]   0.00340445 
_atom_sites.fract_transf_matrix[2][3]   -0.01208418 
_atom_sites.fract_transf_matrix[3][1]   -0.00219167 
_atom_sites.fract_transf_matrix[3][2]   -0.01968877 
_atom_sites.fract_transf_matrix[3][3]   -0.00525689 
_atom_sites.fract_transf_vector[1]      0.445701 
_atom_sites.fract_transf_vector[2]      -0.134809 
_atom_sites.fract_transf_vector[3]      0.098114 
# 
loop_
_atom_type.symbol 
C  
CA 
N  
O  
S  
# 
loop_
_atom_site.group_PDB 
_atom_site.id 
_atom_site.type_symbol 
_atom_site.label_atom_id 
_atom_site.label_alt_id 
_atom_site.label_comp_id 
_atom_site.label_asym_id 
_atom_site.label_entity_id 
_atom_site.label_seq_id 
_atom_site.pdbx_PDB_ins_code 
_atom_site.Cartn_x 
_atom_site.Cartn_y 
_atom_site.Cartn_z 
_atom_site.occupancy 
_atom_site.B_iso_or_equiv 
_atom_site.pdbx_formal_charge 
_atom_site.auth_seq_id 
_atom_site.auth_comp_id 
_atom_site.auth_asym_id 
_atom_site.auth_atom_id 
_atom_site.pdbx_PDB_model_num 
ATOM   1    N  N   . CYS A 1 22  ? 1.895   -5.442  -16.700 1.00 37.97  ? 1   CYS B N   1 
ATOM   2    C  CA  . CYS A 1 22  ? 2.360   -5.523  -18.065 1.00 37.05  ? 1   CYS B CA  1 
ATOM   3    C  C   . CYS A 1 22  ? 3.706   -4.826  -18.154 1.00 43.47  ? 1   CYS B C   1 
ATOM   4    O  O   . CYS A 1 22  ? 4.287   -4.750  -19.234 1.00 40.73  ? 1   CYS B O   1 
ATOM   5    C  CB  . CYS A 1 22  ? 1.323   -4.894  -18.990 1.00 38.92  ? 1   CYS B CB  1 
ATOM   6    S  SG  . CYS A 1 22  ? -0.289  -5.714  -18.847 1.00 44.68  ? 1   CYS B SG  1 
ATOM   7    N  N   . CYS A 1 23  ? 4.224   -4.334  -17.012 1.00 40.03  ? 2   CYS B N   1 
ATOM   8    C  CA  . CYS A 1 23  ? 5.513   -3.650  -17.037 1.00 34.32  ? 2   CYS B CA  1 
ATOM   9    C  C   . CYS A 1 23  ? 6.631   -4.654  -17.211 1.00 36.84  ? 2   CYS B C   1 
ATOM   10   O  O   . CYS A 1 23  ? 6.534   -5.793  -16.806 1.00 36.21  ? 2   CYS B O   1 
ATOM   11   C  CB  . CYS A 1 23  ? 5.815   -2.853  -15.765 1.00 39.55  ? 2   CYS B CB  1 
ATOM   12   S  SG  . CYS A 1 23  ? 4.571   -1.617  -15.349 1.00 40.03  ? 2   CYS B SG  1 
ATOM   13   N  N   . SER A 1 24  ? 7.705   -4.161  -17.817 1.00 38.76  ? 3   SER B N   1 
ATOM   14   C  CA  . SER A 1 24  ? 8.993   -4.762  -17.840 1.00 40.56  ? 3   SER B CA  1 
ATOM   15   C  C   . SER A 1 24  ? 9.965   -3.838  -17.086 1.00 37.23  ? 3   SER B C   1 
ATOM   16   O  O   . SER A 1 24  ? 9.650   -2.656  -16.828 1.00 40.66  ? 3   SER B O   1 
ATOM   17   C  CB  . SER A 1 24  ? 9.421   -4.977  -19.302 1.00 41.91  ? 3   SER B CB  1 
ATOM   18   O  OG  . SER A 1 24  ? 8.435   -5.747  -19.979 1.00 43.18  ? 3   SER B OG  1 
ATOM   19   N  N   . GLU A 1 25  ? 11.136  -4.355  -16.712 1.00 46.10  ? 4   GLU B N   1 
ATOM   20   C  CA  . GLU A 1 25  ? 12.135  -3.601  -15.946 1.00 49.46  ? 4   GLU B CA  1 
ATOM   21   C  C   . GLU A 1 25  ? 12.352  -2.192  -16.501 1.00 51.93  ? 4   GLU B C   1 
ATOM   22   O  O   . GLU A 1 25  ? 12.286  -1.181  -15.756 1.00 52.87  ? 4   GLU B O   1 
ATOM   23   C  CB  . GLU A 1 25  ? 13.465  -4.318  -16.057 1.00 58.60  ? 4   GLU B CB  1 
ATOM   24   C  CG  . GLU A 1 25  ? 13.544  -5.509  -15.150 1.00 70.03  ? 4   GLU B CG  1 
ATOM   25   C  CD  . GLU A 1 25  ? 14.810  -5.402  -14.335 1.00 81.45  ? 4   GLU B CD  1 
ATOM   26   O  OE1 . GLU A 1 25  ? 15.719  -6.221  -14.571 1.00 79.05  ? 4   GLU B OE1 1 
ATOM   27   O  OE2 . GLU A 1 25  ? 14.896  -4.451  -13.519 1.00 80.64  ? 4   GLU B OE2 1 
ATOM   28   N  N   . ASP A 1 26  ? 12.626  -2.157  -17.812 1.00 46.97  ? 5   ASP B N   1 
ATOM   29   C  CA  . ASP A 1 26  ? 12.939  -0.943  -18.595 1.00 50.01  ? 5   ASP B CA  1 
ATOM   30   C  C   . ASP A 1 26  ? 11.731  0.010   -18.640 1.00 46.85  ? 5   ASP B C   1 
ATOM   31   O  O   . ASP A 1 26  ? 11.877  1.158   -18.954 1.00 51.69  ? 5   ASP B O   1 
ATOM   32   C  CB  . ASP A 1 26  ? 13.460  -1.322  -19.995 1.00 54.37  ? 5   ASP B CB  1 
ATOM   33   C  CG  . ASP A 1 26  ? 12.388  -1.823  -20.975 1.00 73.62  ? 5   ASP B CG  1 
ATOM   34   O  OD1 . ASP A 1 26  ? 11.211  -2.048  -20.562 1.00 72.41  ? 5   ASP B OD1 1 
ATOM   35   O  OD2 . ASP A 1 26  ? 12.725  -1.991  -22.167 1.00 86.02  ? 5   ASP B OD2 1 
ATOM   36   N  N   . ASP A 1 27  ? 10.514  -0.439  -18.327 1.00 43.94  ? 6   ASP B N   1 
ATOM   37   C  CA  . ASP A 1 27  ? 9.395   0.487   -18.272 1.00 41.39  ? 6   ASP B CA  1 
ATOM   38   C  C   . ASP A 1 27  ? 9.428   1.358   -17.003 1.00 44.30  ? 6   ASP B C   1 
ATOM   39   O  O   . ASP A 1 27  ? 8.705   2.336   -16.940 1.00 42.27  ? 6   ASP B O   1 
ATOM   40   C  CB  . ASP A 1 27  ? 8.062   -0.254  -18.333 1.00 40.39  ? 6   ASP B CB  1 
ATOM   41   C  CG  . ASP A 1 27  ? 7.822   -0.925  -19.680 1.00 49.92  ? 6   ASP B CG  1 
ATOM   42   O  OD1 . ASP A 1 27  ? 8.317   -0.393  -20.694 1.00 48.21  ? 6   ASP B OD1 1 
ATOM   43   O  OD2 . ASP A 1 27  ? 7.180   -1.984  -19.710 1.00 43.13  ? 6   ASP B OD2 1 
ATOM   44   N  N   . CYS A 1 28  ? 10.169  0.967   -15.957 1.00 42.39  ? 7   CYS B N   1 
ATOM   45   C  CA  . CYS A 1 28  ? 10.053  1.692   -14.631 1.00 45.06  ? 7   CYS B CA  1 
ATOM   46   C  C   . CYS A 1 28  ? 10.727  3.065   -14.673 1.00 39.49  ? 7   CYS B C   1 
ATOM   47   O  O   . CYS A 1 28  ? 11.924  3.151   -14.979 1.00 40.97  ? 7   CYS B O   1 
ATOM   48   C  CB  . CYS A 1 28  ? 10.633  0.871   -13.485 1.00 40.81  ? 7   CYS B CB  1 
ATOM   49   S  SG  . CYS A 1 28  ? 9.751   -0.688  -13.198 1.00 40.66  ? 7   CYS B SG  1 
ATOM   50   N  N   . PRO A 1 29  ? 9.981   4.159   -14.348 1.00 38.52  ? 8   PRO B N   1 
ATOM   51   C  CA  . PRO A 1 29  ? 10.553  5.496   -14.189 1.00 44.58  ? 8   PRO B CA  1 
ATOM   52   C  C   . PRO A 1 29  ? 11.700  5.474   -13.185 1.00 46.68  ? 8   PRO B C   1 
ATOM   53   O  O   . PRO A 1 29  ? 11.780  4.568   -12.316 1.00 45.24  ? 8   PRO B O   1 
ATOM   54   C  CB  . PRO A 1 29  ? 9.382   6.344   -13.697 1.00 41.59  ? 8   PRO B CB  1 
ATOM   55   C  CG  . PRO A 1 29  ? 8.199   5.667   -14.298 1.00 43.76  ? 8   PRO B CG  1 
ATOM   56   C  CD  . PRO A 1 29  ? 8.531   4.197   -14.142 1.00 42.07  ? 8   PRO B CD  1 
ATOM   57   N  N   . SER A 1 30  ? 12.608  6.432   -13.339 1.00 43.89  ? 9   SER B N   1 
ATOM   58   C  CA  . SER A 1 30  ? 13.765  6.509   -12.482 1.00 48.21  ? 9   SER B CA  1 
ATOM   59   C  C   . SER A 1 30  ? 13.305  6.598   -11.018 1.00 40.90  ? 9   SER B C   1 
ATOM   60   O  O   . SER A 1 30  ? 12.352  7.308   -10.749 1.00 43.14  ? 9   SER B O   1 
ATOM   61   C  CB  . SER A 1 30  ? 14.623  7.680   -12.833 1.00 54.33  ? 9   SER B CB  1 
ATOM   62   O  OG  . SER A 1 30  ? 15.926  7.434   -12.343 1.00 64.99  ? 9   SER B OG  1 
ATOM   63   N  N   . GLY A 1 31  ? 13.955  5.820   -10.142 1.00 46.92  ? 10  GLY B N   1 
ATOM   64   C  CA  . GLY A 1 31  ? 13.650  5.738   -8.703  1.00 45.91  ? 10  GLY B CA  1 
ATOM   65   C  C   . GLY A 1 31  ? 12.530  4.745   -8.381  1.00 47.42  ? 10  GLY B C   1 
ATOM   66   O  O   . GLY A 1 31  ? 12.238  4.496   -7.211  1.00 41.64  ? 10  GLY B O   1 
ATOM   67   N  N   . TRP A 1 32  ? 11.860  4.193   -9.400  1.00 43.86  ? 11  TRP B N   1 
ATOM   68   C  CA  . TRP A 1 32  ? 10.880  3.149   -9.171  1.00 39.71  ? 11  TRP B CA  1 
ATOM   69   C  C   . TRP A 1 32  ? 11.543  1.776   -9.249  1.00 43.33  ? 11  TRP B C   1 
ATOM   70   O  O   . TRP A 1 32  ? 12.519  1.594   -9.971  1.00 43.24  ? 11  TRP B O   1 
ATOM   71   C  CB  . TRP A 1 32  ? 9.713   3.205   -10.154 1.00 40.27  ? 11  TRP B CB  1 
ATOM   72   C  CG  . TRP A 1 32  ? 8.924   4.465   -10.107 1.00 36.46  ? 11  TRP B CG  1 
ATOM   73   C  CD1 . TRP A 1 32  ? 9.409   5.732   -10.159 1.00 38.28  ? 11  TRP B CD1 1 
ATOM   74   C  CD2 . TRP A 1 32  ? 7.501   4.578   -9.993  1.00 33.96  ? 11  TRP B CD2 1 
ATOM   75   N  NE1 . TRP A 1 32  ? 8.380   6.615   -10.087 1.00 34.36  ? 11  TRP B NE1 1 
ATOM   76   C  CE2 . TRP A 1 32  ? 7.203   5.946   -9.959  1.00 31.68  ? 11  TRP B CE2 1 
ATOM   77   C  CE3 . TRP A 1 32  ? 6.462   3.670   -9.861  1.00 34.03  ? 11  TRP B CE3 1 
ATOM   78   C  CZ2 . TRP A 1 32  ? 5.911   6.432   -9.880  1.00 32.55  ? 11  TRP B CZ2 1 
ATOM   79   C  CZ3 . TRP A 1 32  ? 5.171   4.139   -9.759  1.00 35.14  ? 11  TRP B CZ3 1 
ATOM   80   C  CH2 . TRP A 1 32  ? 4.908   5.507   -9.749  1.00 36.68  ? 11  TRP B CH2 1 
ATOM   81   N  N   . LYS A 1 33  ? 10.920  0.790   -8.590  1.00 37.77  ? 12  LYS B N   1 
ATOM   82   C  CA  . LYS A 1 33  ? 11.429  -0.577  -8.563  1.00 35.89  ? 12  LYS B CA  1 
ATOM   83   C  C   . LYS A 1 33  ? 10.463  -1.517  -9.286  1.00 32.43  ? 12  LYS B C   1 
ATOM   84   O  O   . LYS A 1 33  ? 9.243   -1.307  -9.210  1.00 37.21  ? 12  LYS B O   1 
ATOM   85   C  CB  . LYS A 1 33  ? 11.542  -1.006  -7.101  1.00 40.49  ? 12  LYS B CB  1 
ATOM   86   C  CG  . LYS A 1 33  ? 12.543  -0.193  -6.302  1.00 41.26  ? 12  LYS B CG  1 
ATOM   87   C  CD  . LYS A 1 33  ? 12.637  -0.741  -4.901  1.00 49.47  ? 12  LYS B CD  1 
ATOM   88   C  CE  . LYS A 1 33  ? 12.969  0.322   -3.877  1.00 52.73  ? 12  LYS B CE  1 
ATOM   89   N  NZ  . LYS A 1 33  ? 14.430  0.507   -3.816  1.00 53.46  ? 12  LYS B NZ  1 
ATOM   90   N  N   . PHE A 1 34  ? 11.034  -2.543  -9.933  1.00 36.52  ? 13  PHE B N   1 
ATOM   91   C  CA  . PHE A 1 34  ? 10.320  -3.538  -10.758 1.00 38.07  ? 13  PHE B CA  1 
ATOM   92   C  C   . PHE A 1 34  ? 10.059  -4.788  -9.926  1.00 35.33  ? 13  PHE B C   1 
ATOM   93   O  O   . PHE A 1 34  ? 10.964  -5.341  -9.320  1.00 39.56  ? 13  PHE B O   1 
ATOM   94   C  CB  . PHE A 1 34  ? 11.085  -3.934  -12.037 1.00 40.37  ? 13  PHE B CB  1 
ATOM   95   C  CG  . PHE A 1 34  ? 10.340  -4.968  -12.859 1.00 42.33  ? 13  PHE B CG  1 
ATOM   96   C  CD1 . PHE A 1 34  ? 9.162   -4.624  -13.536 1.00 39.91  ? 13  PHE B CD1 1 
ATOM   97   C  CD2 . PHE A 1 34  ? 10.755  -6.298  -12.907 1.00 42.77  ? 13  PHE B CD2 1 
ATOM   98   C  CE1 . PHE A 1 34  ? 8.422   -5.581  -14.228 1.00 38.29  ? 13  PHE B CE1 1 
ATOM   99   C  CE2 . PHE A 1 34  ? 10.004  -7.255  -13.595 1.00 45.05  ? 13  PHE B CE2 1 
ATOM   100  C  CZ  . PHE A 1 34  ? 8.843   -6.898  -14.258 1.00 41.62  ? 13  PHE B CZ  1 
ATOM   101  N  N   . PHE A 1 35  ? 8.810   -5.230  -9.916  1.00 32.88  ? 14  PHE B N   1 
ATOM   102  C  CA  . PHE A 1 35  ? 8.484   -6.558  -9.439  1.00 35.50  ? 14  PHE B CA  1 
ATOM   103  C  C   . PHE A 1 35  ? 7.202   -7.029  -10.111 1.00 32.69  ? 14  PHE B C   1 
ATOM   104  O  O   . PHE A 1 35  ? 6.183   -6.353  -10.049 1.00 33.87  ? 14  PHE B O   1 
ATOM   105  C  CB  . PHE A 1 35  ? 8.250   -6.617  -7.923  1.00 34.84  ? 14  PHE B CB  1 
ATOM   106  C  CG  . PHE A 1 35  ? 7.723   -7.950  -7.474  1.00 35.68  ? 14  PHE B CG  1 
ATOM   107  C  CD1 . PHE A 1 35  ? 8.594   -9.002  -7.258  1.00 36.91  ? 14  PHE B CD1 1 
ATOM   108  C  CD2 . PHE A 1 35  ? 6.352   -8.198  -7.412  1.00 39.65  ? 14  PHE B CD2 1 
ATOM   109  C  CE1 . PHE A 1 35  ? 8.122   -10.267 -6.939  1.00 34.49  ? 14  PHE B CE1 1 
ATOM   110  C  CE2 . PHE A 1 35  ? 5.880   -9.468  -7.102  1.00 37.94  ? 14  PHE B CE2 1 
ATOM   111  C  CZ  . PHE A 1 35  ? 6.765   -10.490 -6.831  1.00 37.67  ? 14  PHE B CZ  1 
ATOM   112  N  N   . GLY A 1 36  ? 7.246   -8.238  -10.686 1.00 33.04  ? 15  GLY B N   1 
ATOM   113  C  CA  . GLY A 1 36  ? 6.004   -8.970  -10.936 1.00 33.10  ? 15  GLY B CA  1 
ATOM   114  C  C   . GLY A 1 36  ? 5.068   -8.277  -11.893 1.00 29.78  ? 15  GLY B C   1 
ATOM   115  O  O   . GLY A 1 36  ? 3.844   -8.413  -11.773 1.00 30.05  ? 15  GLY B O   1 
ATOM   116  N  N   . GLY A 1 37  ? 5.646   -7.558  -12.858 1.00 34.98  ? 16  GLY B N   1 
ATOM   117  C  CA  . GLY A 1 37  ? 4.849   -6.891  -13.858 1.00 35.27  ? 16  GLY B CA  1 
ATOM   118  C  C   . GLY A 1 37  ? 4.381   -5.506  -13.445 1.00 43.89  ? 16  GLY B C   1 
ATOM   119  O  O   . GLY A 1 37  ? 3.611   -4.878  -14.201 1.00 34.96  ? 16  GLY B O   1 
ATOM   120  N  N   . SER A 1 38  ? 4.864   -5.000  -12.288 1.00 32.71  ? 17  SER B N   1 
ATOM   121  C  CA  . SER A 1 38  ? 4.504   -3.675  -11.817 1.00 34.40  ? 17  SER B CA  1 
ATOM   122  C  C   . SER A 1 38  ? 5.774   -2.868  -11.538 1.00 36.32  ? 17  SER B C   1 
ATOM   123  O  O   . SER A 1 38  ? 6.866   -3.435  -11.324 1.00 33.54  ? 17  SER B O   1 
ATOM   124  C  CB  . SER A 1 38  ? 3.616   -3.751  -10.613 1.00 33.21  ? 17  SER B CB  1 
ATOM   125  O  OG  . SER A 1 38  ? 2.286   -3.999  -10.958 1.00 31.97  ? 17  SER B OG  1 
ATOM   126  N  N   . CYS A 1 39  ? 5.644   -1.531  -11.598 1.00 36.05  ? 18  CYS B N   1 
ATOM   127  C  CA  . CYS A 1 39  ? 6.674   -0.629  -11.118 1.00 34.41  ? 18  CYS B CA  1 
ATOM   128  C  C   . CYS A 1 39  ? 6.155   0.042   -9.828  1.00 35.46  ? 18  CYS B C   1 
ATOM   129  O  O   . CYS A 1 39  ? 4.976   0.377   -9.717  1.00 31.74  ? 18  CYS B O   1 
ATOM   130  C  CB  . CYS A 1 39  ? 7.049   0.394   -12.173 1.00 38.93  ? 18  CYS B CB  1 
ATOM   131  S  SG  . CYS A 1 39  ? 7.816   -0.381  -13.623 1.00 35.84  ? 18  CYS B SG  1 
ATOM   132  N  N   . TYR A 1 40  ? 7.048   0.190   -8.850  1.00 33.74  ? 19  TYR B N   1 
ATOM   133  C  CA  . TYR A 1 40  ? 6.660   0.635   -7.472  1.00 35.18  ? 19  TYR B CA  1 
ATOM   134  C  C   . TYR A 1 40  ? 7.487   1.850   -7.080  1.00 32.71  ? 19  TYR B C   1 
ATOM   135  O  O   . TYR A 1 40  ? 8.703   1.944   -7.360  1.00 34.89  ? 19  TYR B O   1 
ATOM   136  C  CB  . TYR A 1 40  ? 6.911   -0.497  -6.467  1.00 34.29  ? 19  TYR B CB  1 
ATOM   137  C  CG  . TYR A 1 40  ? 6.108   -1.735  -6.734  1.00 32.29  ? 19  TYR B CG  1 
ATOM   138  C  CD1 . TYR A 1 40  ? 6.578   -2.742  -7.561  1.00 34.23  ? 19  TYR B CD1 1 
ATOM   139  C  CD2 . TYR A 1 40  ? 4.880   -1.924  -6.139  1.00 31.95  ? 19  TYR B CD2 1 
ATOM   140  C  CE1 . TYR A 1 40  ? 5.824   -3.871  -7.838  1.00 33.42  ? 19  TYR B CE1 1 
ATOM   141  C  CE2 . TYR A 1 40  ? 4.149   -3.068  -6.361  1.00 32.27  ? 19  TYR B CE2 1 
ATOM   142  C  CZ  . TYR A 1 40  ? 4.608   -4.061  -7.213  1.00 34.62  ? 19  TYR B CZ  1 
ATOM   143  O  OH  . TYR A 1 40  ? 3.820   -5.175  -7.482  1.00 31.65  ? 19  TYR B OH  1 
ATOM   144  N  N   . LEU A 1 41  ? 6.824   2.784   -6.411  1.00 33.92  ? 20  LEU B N   1 
ATOM   145  C  CA  . LEU A 1 41  ? 7.505   3.901   -5.821  1.00 31.90  ? 20  LEU B CA  1 
ATOM   146  C  C   . LEU A 1 41  ? 7.353   3.824   -4.297  1.00 34.90  ? 20  LEU B C   1 
ATOM   147  O  O   . LEU A 1 41  ? 6.245   3.954   -3.772  1.00 29.18  ? 20  LEU B O   1 
ATOM   148  C  CB  . LEU A 1 41  ? 6.974   5.221   -6.379  1.00 34.06  ? 20  LEU B CB  1 
ATOM   149  C  CG  . LEU A 1 41  ? 7.652   6.480   -5.836  1.00 34.99  ? 20  LEU B CG  1 
ATOM   150  C  CD1 . LEU A 1 41  ? 9.146   6.543   -6.168  1.00 35.35  ? 20  LEU B CD1 1 
ATOM   151  C  CD2 . LEU A 1 41  ? 6.911   7.708   -6.300  1.00 35.89  ? 20  LEU B CD2 1 
ATOM   152  N  N   . PHE A 1 42  ? 8.495   3.660   -3.620  1.00 34.19  ? 21  PHE B N   1 
ATOM   153  C  CA  . PHE A 1 42  ? 8.477   3.692   -2.153  1.00 33.29  ? 21  PHE B CA  1 
ATOM   154  C  C   . PHE A 1 42  ? 8.805   5.120   -1.739  1.00 33.58  ? 21  PHE B C   1 
ATOM   155  O  O   . PHE A 1 42  ? 9.970   5.461   -1.659  1.00 33.57  ? 21  PHE B O   1 
ATOM   156  C  CB  . PHE A 1 42  ? 9.426   2.633   -1.601  1.00 35.50  ? 21  PHE B CB  1 
ATOM   157  C  CG  . PHE A 1 42  ? 8.975   1.215   -1.871  1.00 37.97  ? 21  PHE B CG  1 
ATOM   158  C  CD1 . PHE A 1 42  ? 9.240   0.616   -3.100  1.00 33.38  ? 21  PHE B CD1 1 
ATOM   159  C  CD2 . PHE A 1 42  ? 8.253   0.488   -0.924  1.00 38.23  ? 21  PHE B CD2 1 
ATOM   160  C  CE1 . PHE A 1 42  ? 8.786   -0.661  -3.382  1.00 35.89  ? 21  PHE B CE1 1 
ATOM   161  C  CE2 . PHE A 1 42  ? 7.787   -0.789  -1.208  1.00 37.45  ? 21  PHE B CE2 1 
ATOM   162  C  CZ  . PHE A 1 42  ? 8.081   -1.375  -2.426  1.00 39.70  ? 21  PHE B CZ  1 
ATOM   163  N  N   . ASP A 1 43  ? 7.767   5.962   -1.592  1.00 29.99  ? 22  ASP B N   1 
ATOM   164  C  CA  . ASP A 1 43  ? 7.963   7.393   -1.377  1.00 33.58  ? 22  ASP B CA  1 
ATOM   165  C  C   . ASP A 1 43  ? 8.054   7.744   0.120   1.00 31.89  ? 22  ASP B C   1 
ATOM   166  O  O   . ASP A 1 43  ? 7.097   7.476   0.898   1.00 30.93  ? 22  ASP B O   1 
ATOM   167  C  CB  . ASP A 1 43  ? 6.824   8.246   -1.928  1.00 32.29  ? 22  ASP B CB  1 
ATOM   168  C  CG  . ASP A 1 43  ? 7.233   9.708   -1.948  1.00 35.15  ? 22  ASP B CG  1 
ATOM   169  O  OD1 . ASP A 1 43  ? 7.966   10.072  -2.878  1.00 36.24  ? 22  ASP B OD1 1 
ATOM   170  O  OD2 . ASP A 1 43  ? 6.840   10.458  -1.041  1.00 34.13  ? 22  ASP B OD2 1 
ATOM   171  N  N   . GLU A 1 44  ? 9.166   8.383   0.466   1.00 33.05  ? 23  GLU B N   1 
ATOM   172  C  CA  . GLU A 1 44  ? 9.544   8.740   1.842   1.00 36.25  ? 23  GLU B CA  1 
ATOM   173  C  C   . GLU A 1 44  ? 8.981   10.101  2.300   1.00 38.05  ? 23  GLU B C   1 
ATOM   174  O  O   . GLU A 1 44  ? 9.319   10.562  3.359   1.00 35.23  ? 23  GLU B O   1 
ATOM   175  C  CB  . GLU A 1 44  ? 11.070  8.617   1.952   1.00 34.31  ? 23  GLU B CB  1 
ATOM   176  C  CG  . GLU A 1 44  ? 11.573  7.206   1.787   1.00 33.33  ? 23  GLU B CG  1 
ATOM   177  C  CD  . GLU A 1 44  ? 11.094  6.220   2.855   1.00 41.14  ? 23  GLU B CD  1 
ATOM   178  O  OE1 . GLU A 1 44  ? 10.926  6.650   3.982   1.00 40.26  ? 23  GLU B OE1 1 
ATOM   179  O  OE2 . GLU A 1 44  ? 10.912  5.022   2.560   1.00 40.40  ? 23  GLU B OE2 1 
ATOM   180  N  N   . GLY A 1 45  ? 8.030   10.694  1.559   1.00 31.86  ? 24  GLY B N   1 
ATOM   181  C  CA  . GLY A 1 45  ? 7.387   11.892  1.966   1.00 33.44  ? 24  GLY B CA  1 
ATOM   182  C  C   . GLY A 1 45  ? 6.496   11.609  3.150   1.00 33.28  ? 24  GLY B C   1 
ATOM   183  O  O   . GLY A 1 45  ? 6.423   10.465  3.607   1.00 32.17  ? 24  GLY B O   1 
ATOM   184  N  N   . SER A 1 46  ? 5.862   12.645  3.657   1.00 32.29  ? 25  SER B N   1 
ATOM   185  C  CA  . SER A 1 46  ? 5.073   12.542  4.893   1.00 36.24  ? 25  SER B CA  1 
ATOM   186  C  C   . SER A 1 46  ? 3.675   13.087  4.668   1.00 30.46  ? 25  SER B C   1 
ATOM   187  O  O   . SER A 1 46  ? 3.445   14.295  4.703   1.00 37.75  ? 25  SER B O   1 
ATOM   188  C  CB  . SER A 1 46  ? 5.750   13.261  6.045   1.00 39.22  ? 25  SER B CB  1 
ATOM   189  O  OG  . SER A 1 46  ? 4.914   13.183  7.201   1.00 43.70  ? 25  SER B OG  1 
ATOM   190  N  N   . ARG A 1 47  ? 2.719   12.208  4.446   1.00 31.40  ? 26  ARG B N   1 
ATOM   191  C  CA  . ARG A 1 47  ? 1.375   12.625  4.134   1.00 31.47  ? 26  ARG B CA  1 
ATOM   192  C  C   . ARG A 1 47  ? 0.371   11.725  4.855   1.00 36.55  ? 26  ARG B C   1 
ATOM   193  O  O   . ARG A 1 47  ? 0.682   10.609  5.251   1.00 36.41  ? 26  ARG B O   1 
ATOM   194  C  CB  . ARG A 1 47  ? 1.134   12.526  2.624   1.00 29.66  ? 26  ARG B CB  1 
ATOM   195  C  CG  . ARG A 1 47  ? 2.277   13.038  1.751   1.00 36.22  ? 26  ARG B CG  1 
ATOM   196  C  CD  . ARG A 1 47  ? 2.053   12.704  0.271   1.00 34.01  ? 26  ARG B CD  1 
ATOM   197  N  NE  . ARG A 1 47  ? 3.231   13.018  -0.542  1.00 31.98  ? 26  ARG B NE  1 
ATOM   198  C  CZ  . ARG A 1 47  ? 4.343   12.294  -0.683  1.00 39.49  ? 26  ARG B CZ  1 
ATOM   199  N  NH1 . ARG A 1 47  ? 4.521   11.123  -0.073  1.00 35.44  ? 26  ARG B NH1 1 
ATOM   200  N  NH2 . ARG A 1 47  ? 5.308   12.780  -1.454  1.00 33.65  ? 26  ARG B NH2 1 
ATOM   201  N  N   . GLY A 1 48  ? -0.864  12.212  4.960   1.00 34.55  ? 27  GLY B N   1 
ATOM   202  C  CA  . GLY A 1 48  ? -1.960  11.402  5.372   1.00 34.81  ? 27  GLY B CA  1 
ATOM   203  C  C   . GLY A 1 48  ? -2.349  10.410  4.301   1.00 36.75  ? 27  GLY B C   1 
ATOM   204  O  O   . GLY A 1 48  ? -1.842  10.453  3.180   1.00 34.17  ? 27  GLY B O   1 
ATOM   205  N  N   . TRP A 1 49  ? -3.250  9.503   4.646   1.00 30.73  ? 28  TRP B N   1 
ATOM   206  C  CA  . TRP A 1 49  ? -3.686  8.515   3.669   1.00 35.94  ? 28  TRP B CA  1 
ATOM   207  C  C   . TRP A 1 49  ? -4.276  9.228   2.438   1.00 35.32  ? 28  TRP B C   1 
ATOM   208  O  O   . TRP A 1 49  ? -3.875  8.957   1.303   1.00 35.36  ? 28  TRP B O   1 
ATOM   209  C  CB  . TRP A 1 49  ? -4.685  7.520   4.270   1.00 34.57  ? 28  TRP B CB  1 
ATOM   210  C  CG  . TRP A 1 49  ? -5.010  6.393   3.338   1.00 36.00  ? 28  TRP B CG  1 
ATOM   211  C  CD1 . TRP A 1 49  ? -4.320  5.220   3.221   1.00 39.02  ? 28  TRP B CD1 1 
ATOM   212  C  CD2 . TRP A 1 49  ? -6.022  6.364   2.318   1.00 37.06  ? 28  TRP B CD2 1 
ATOM   213  N  NE1 . TRP A 1 49  ? -4.834  4.461   2.214   1.00 36.08  ? 28  TRP B NE1 1 
ATOM   214  C  CE2 . TRP A 1 49  ? -5.895  5.124   1.655   1.00 38.81  ? 28  TRP B CE2 1 
ATOM   215  C  CE3 . TRP A 1 49  ? -7.006  7.262   1.893   1.00 38.66  ? 28  TRP B CE3 1 
ATOM   216  C  CZ2 . TRP A 1 49  ? -6.726  4.751   0.609   1.00 36.84  ? 28  TRP B CZ2 1 
ATOM   217  C  CZ3 . TRP A 1 49  ? -7.834  6.891   0.857   1.00 43.74  ? 28  TRP B CZ3 1 
ATOM   218  C  CH2 . TRP A 1 49  ? -7.697  5.654   0.226   1.00 40.86  ? 28  TRP B CH2 1 
ATOM   219  N  N   . GLU A 1 50  ? -5.221  10.135  2.655   1.00 33.65  ? 29  GLU B N   1 
ATOM   220  C  CA  . GLU A 1 50  ? -5.879  10.808  1.501   1.00 38.19  ? 29  GLU B CA  1 
ATOM   221  C  C   . GLU A 1 50  ? -4.834  11.592  0.688   1.00 40.53  ? 29  GLU B C   1 
ATOM   222  O  O   . GLU A 1 50  ? -4.826  11.615  -0.557  1.00 38.66  ? 29  GLU B O   1 
ATOM   223  C  CB  . GLU A 1 50  ? -7.032  11.650  2.037   1.00 43.67  ? 29  GLU B CB  1 
ATOM   224  C  CG  . GLU A 1 50  ? -8.269  10.803  2.210   1.00 50.75  ? 29  GLU B CG  1 
ATOM   225  C  CD  . GLU A 1 50  ? -9.412  11.384  3.015   1.00 61.87  ? 29  GLU B CD  1 
ATOM   226  O  OE1 . GLU A 1 50  ? -9.305  12.552  3.450   1.00 65.08  ? 29  GLU B OE1 1 
ATOM   227  O  OE2 . GLU A 1 50  ? -10.406 10.649  3.223   1.00 65.13  ? 29  GLU B OE2 1 
ATOM   228  N  N   . GLY A 1 51  ? -3.913  12.234  1.398   1.00 35.46  ? 30  GLY B N   1 
ATOM   229  C  CA  . GLY A 1 51  ? -2.831  12.936  0.781   1.00 37.56  ? 30  GLY B CA  1 
ATOM   230  C  C   . GLY A 1 51  ? -1.976  12.020  -0.065  1.00 40.10  ? 30  GLY B C   1 
ATOM   231  O  O   . GLY A 1 51  ? -1.522  12.387  -1.127  1.00 35.49  ? 30  GLY B O   1 
ATOM   232  N  N   . SER A 1 52  ? -1.806  10.792  0.418   1.00 34.84  ? 31  SER B N   1 
ATOM   233  C  CA  . SER A 1 52  ? -0.980  9.787   -0.231  1.00 37.70  ? 31  SER B CA  1 
ATOM   234  C  C   . SER A 1 52  ? -1.695  9.296   -1.509  1.00 32.86  ? 31  SER B C   1 
ATOM   235  O  O   . SER A 1 52  ? -1.091  9.074   -2.511  1.00 32.88  ? 31  SER B O   1 
ATOM   236  C  CB  . SER A 1 52  ? -0.667  8.653   0.747   1.00 37.76  ? 31  SER B CB  1 
ATOM   237  O  OG  . SER A 1 52  ? 0.188   9.096   1.788   1.00 32.59  ? 31  SER B OG  1 
ATOM   238  N  N   . LYS A 1 53  ? -3.007  9.124   -1.445  1.00 31.93  ? 32  LYS B N   1 
ATOM   239  C  CA  . LYS A 1 53  ? -3.774  8.674   -2.610  1.00 32.13  ? 32  LYS B CA  1 
ATOM   240  C  C   . LYS A 1 53  ? -3.606  9.697   -3.744  1.00 36.62  ? 32  LYS B C   1 
ATOM   241  O  O   . LYS A 1 53  ? -3.429  9.349   -4.927  1.00 37.33  ? 32  LYS B O   1 
ATOM   242  C  CB  . LYS A 1 53  ? -5.234  8.519   -2.191  1.00 33.73  ? 32  LYS B CB  1 
ATOM   243  C  CG  . LYS A 1 53  ? -6.232  8.154   -3.299  1.00 40.22  ? 32  LYS B CG  1 
ATOM   244  C  CD  . LYS A 1 53  ? -7.667  8.109   -2.804  1.00 42.33  ? 32  LYS B CD  1 
ATOM   245  C  CE  . LYS A 1 53  ? -8.623  7.604   -3.870  1.00 49.72  ? 32  LYS B CE  1 
ATOM   246  N  NZ  . LYS A 1 53  ? -8.562  8.468   -5.068  1.00 55.84  ? 32  LYS B NZ  1 
ATOM   247  N  N   . ALA A 1 54  ? -3.673  10.970  -3.353  1.00 37.14  ? 33  ALA B N   1 
ATOM   248  C  CA  . ALA A 1 54  ? -3.595  12.107  -4.259  1.00 36.86  ? 33  ALA B CA  1 
ATOM   249  C  C   . ALA A 1 54  ? -2.199  12.184  -4.838  1.00 34.93  ? 33  ALA B C   1 
ATOM   250  O  O   . ALA A 1 54  ? -1.994  12.491  -6.016  1.00 36.38  ? 33  ALA B O   1 
ATOM   251  C  CB  . ALA A 1 54  ? -3.966  13.378  -3.510  1.00 38.45  ? 33  ALA B CB  1 
ATOM   252  N  N   . PHE A 1 55  ? -1.199  11.922  -4.000  1.00 30.21  ? 34  PHE B N   1 
ATOM   253  C  CA  . PHE A 1 55  ? 0.150   11.981  -4.453  1.00 30.06  ? 34  PHE B CA  1 
ATOM   254  C  C   . PHE A 1 55  ? 0.408   10.955  -5.561  1.00 36.42  ? 34  PHE B C   1 
ATOM   255  O  O   . PHE A 1 55  ? 1.078   11.244  -6.597  1.00 36.94  ? 34  PHE B O   1 
ATOM   256  C  CB  . PHE A 1 55  ? 1.095   11.721  -3.273  1.00 33.47  ? 34  PHE B CB  1 
ATOM   257  C  CG  . PHE A 1 55  ? 2.503   11.451  -3.722  1.00 33.03  ? 34  PHE B CG  1 
ATOM   258  C  CD1 . PHE A 1 55  ? 3.262   12.463  -4.258  1.00 34.48  ? 34  PHE B CD1 1 
ATOM   259  C  CD2 . PHE A 1 55  ? 3.029   10.171  -3.711  1.00 31.32  ? 34  PHE B CD2 1 
ATOM   260  C  CE1 . PHE A 1 55  ? 4.558   12.228  -4.687  1.00 35.72  ? 34  PHE B CE1 1 
ATOM   261  C  CE2 . PHE A 1 55  ? 4.322   9.934   -4.153  1.00 35.92  ? 34  PHE B CE2 1 
ATOM   262  C  CZ  . PHE A 1 55  ? 5.081   10.966  -4.650  1.00 36.30  ? 34  PHE B CZ  1 
ATOM   263  N  N   . CYS A 1 56  ? -0.037  9.713   -5.330  1.00 34.16  ? 35  CYS B N   1 
ATOM   264  C  CA  . CYS A 1 56  ? 0.217   8.666   -6.325  1.00 34.36  ? 35  CYS B CA  1 
ATOM   265  C  C   . CYS A 1 56  ? -0.498  9.053   -7.645  1.00 39.01  ? 35  CYS B C   1 
ATOM   266  O  O   . CYS A 1 56  ? 0.084   8.905   -8.738  1.00 38.35  ? 35  CYS B O   1 
ATOM   267  C  CB  . CYS A 1 56  ? -0.218  7.292   -5.813  1.00 37.85  ? 35  CYS B CB  1 
ATOM   268  S  SG  . CYS A 1 56  ? 0.807   6.647   -4.444  1.00 33.27  ? 35  CYS B SG  1 
ATOM   269  N  N   . GLU A 1 57  ? -1.713  9.590   -7.523  1.00 34.12  ? 36  GLU B N   1 
ATOM   270  C  CA  . GLU A 1 57  ? -2.464  10.076  -8.703  1.00 40.49  ? 36  GLU B CA  1 
ATOM   271  C  C   . GLU A 1 57  ? -1.678  11.139  -9.478  1.00 41.80  ? 36  GLU B C   1 
ATOM   272  O  O   . GLU A 1 57  ? -1.643  11.068  -10.632 1.00 39.10  ? 36  GLU B O   1 
ATOM   273  C  CB  . GLU A 1 57  ? -3.799  10.637  -8.283  1.00 38.83  ? 36  GLU B CB  1 
ATOM   274  C  CG  . GLU A 1 57  ? -4.712  9.529   -7.875  1.00 37.06  ? 36  GLU B CG  1 
ATOM   275  C  CD  . GLU A 1 57  ? -5.924  9.979   -7.093  1.00 45.74  ? 36  GLU B CD  1 
ATOM   276  O  OE1 . GLU A 1 57  ? -5.947  11.144  -6.673  1.00 47.66  ? 36  GLU B OE1 1 
ATOM   277  O  OE2 . GLU A 1 57  ? -6.803  9.137   -6.808  1.00 48.16  ? 36  GLU B OE2 1 
ATOM   278  N  N   . SER A 1 58  ? -0.959  12.023  -8.791  1.00 38.75  ? 37  SER B N   1 
ATOM   279  C  CA  . SER A 1 58  ? -0.132  13.051  -9.372  1.00 38.98  ? 37  SER B CA  1 
ATOM   280  C  C   . SER A 1 58  ? 1.008   12.434  -10.189 1.00 46.88  ? 37  SER B C   1 
ATOM   281  O  O   . SER A 1 58  ? 1.633   13.133  -11.012 1.00 36.28  ? 37  SER B O   1 
ATOM   282  C  CB  . SER A 1 58  ? 0.414   13.989  -8.317  1.00 41.07  ? 37  SER B CB  1 
ATOM   283  O  OG  . SER A 1 58  ? 1.637   13.509  -7.742  1.00 39.83  ? 37  SER B OG  1 
ATOM   284  N  N   . LYS A 1 59  ? 1.301   11.145  -9.962  1.00 42.04  ? 38  LYS B N   1 
ATOM   285  C  CA  . LYS A 1 59  ? 2.345   10.468  -10.713 1.00 41.41  ? 38  LYS B CA  1 
ATOM   286  C  C   . LYS A 1 59  ? 1.757   9.562   -11.799 1.00 35.84  ? 38  LYS B C   1 
ATOM   287  O  O   . LYS A 1 59  ? 2.485   8.700   -12.278 1.00 38.07  ? 38  LYS B O   1 
ATOM   288  C  CB  . LYS A 1 59  ? 3.187   9.603   -9.777  1.00 46.85  ? 38  LYS B CB  1 
ATOM   289  C  CG  . LYS A 1 59  ? 3.878   10.360  -8.669  1.00 48.59  ? 38  LYS B CG  1 
ATOM   290  C  CD  . LYS A 1 59  ? 5.000   11.129  -9.207  1.00 51.01  ? 38  LYS B CD  1 
ATOM   291  C  CE  . LYS A 1 59  ? 6.049   11.369  -8.166  1.00 49.88  ? 38  LYS B CE  1 
ATOM   292  N  NZ  . LYS A 1 59  ? 7.217   12.002  -8.799  1.00 56.51  ? 38  LYS B NZ  1 
ATOM   293  N  N   . ASP A 1 60  ? 0.473   9.744   -12.135 1.00 38.23  ? 39  ASP B N   1 
ATOM   294  C  CA  . ASP A 1 60  ? -0.257  8.878   -13.094 1.00 39.46  ? 39  ASP B CA  1 
ATOM   295  C  C   . ASP A 1 60  ? -0.193  7.446   -12.561 1.00 42.77  ? 39  ASP B C   1 
ATOM   296  O  O   . ASP A 1 60  ? 0.179   6.506   -13.247 1.00 36.80  ? 39  ASP B O   1 
ATOM   297  C  CB  . ASP A 1 60  ? 0.359   8.966   -14.494 1.00 46.07  ? 39  ASP B CB  1 
ATOM   298  C  CG  . ASP A 1 60  ? 0.272   10.381  -15.001 1.00 45.83  ? 39  ASP B CG  1 
ATOM   299  O  OD1 . ASP A 1 60  ? -0.806  10.947  -14.852 1.00 43.25  ? 39  ASP B OD1 1 
ATOM   300  O  OD2 . ASP A 1 60  ? 1.303   10.926  -15.389 1.00 46.57  ? 39  ASP B OD2 1 
ATOM   301  N  N   . ALA A 1 61  ? -0.546  7.299   -11.289 1.00 37.30  ? 40  ALA B N   1 
ATOM   302  C  CA  . ALA A 1 61  ? -0.299  6.057   -10.623 1.00 35.49  ? 40  ALA B CA  1 
ATOM   303  C  C   . ALA A 1 61  ? -1.318  5.964   -9.505  1.00 36.60  ? 40  ALA B C   1 
ATOM   304  O  O   . ALA A 1 61  ? -2.236  6.770   -9.460  1.00 37.81  ? 40  ALA B O   1 
ATOM   305  C  CB  . ALA A 1 61  ? 1.148   5.990   -10.193 1.00 33.36  ? 40  ALA B CB  1 
ATOM   306  N  N   . SER A 1 62  ? -1.206  4.937   -8.660  1.00 36.21  ? 41  SER B N   1 
ATOM   307  C  CA  . SER A 1 62  ? -2.197  4.714   -7.668  1.00 36.70  ? 41  SER B CA  1 
ATOM   308  C  C   . SER A 1 62  ? -1.489  4.077   -6.466  1.00 34.80  ? 41  SER B C   1 
ATOM   309  O  O   . SER A 1 62  ? -0.418  3.465   -6.640  1.00 35.21  ? 41  SER B O   1 
ATOM   310  C  CB  . SER A 1 62  ? -3.286  3.866   -8.245  1.00 45.86  ? 41  SER B CB  1 
ATOM   311  O  OG  . SER A 1 62  ? -4.147  3.414   -7.228  1.00 58.85  ? 41  SER B OG  1 
ATOM   312  N  N   . LEU A 1 63  ? -2.045  4.281   -5.271  1.00 33.44  ? 42  LEU B N   1 
ATOM   313  C  CA  . LEU A 1 63  ? -1.529  3.536   -4.082  1.00 34.93  ? 42  LEU B CA  1 
ATOM   314  C  C   . LEU A 1 63  ? -1.576  2.043   -4.397  1.00 35.05  ? 42  LEU B C   1 
ATOM   315  O  O   . LEU A 1 63  ? -2.571  1.566   -4.993  1.00 34.50  ? 42  LEU B O   1 
ATOM   316  C  CB  . LEU A 1 63  ? -2.400  3.820   -2.870  1.00 35.63  ? 42  LEU B CB  1 
ATOM   317  C  CG  . LEU A 1 63  ? -2.124  5.130   -2.141  1.00 34.98  ? 42  LEU B CG  1 
ATOM   318  C  CD1 . LEU A 1 63  ? -3.227  5.451   -1.139  1.00 38.20  ? 42  LEU B CD1 1 
ATOM   319  C  CD2 . LEU A 1 63  ? -0.742  5.141   -1.504  1.00 34.26  ? 42  LEU B CD2 1 
ATOM   320  N  N   . VAL A 1 64  ? -0.556  1.317   -3.932  1.00 33.00  ? 43  VAL B N   1 
ATOM   321  C  CA  . VAL A 1 64  ? -0.320  -0.081  -4.256  1.00 29.90  ? 43  VAL B CA  1 
ATOM   322  C  C   . VAL A 1 64  ? -1.519  -0.948  -3.875  1.00 30.50  ? 43  VAL B C   1 
ATOM   323  O  O   . VAL A 1 64  ? -2.202  -0.711  -2.880  1.00 32.30  ? 43  VAL B O   1 
ATOM   324  C  CB  . VAL A 1 64  ? 0.961   -0.607  -3.608  1.00 31.67  ? 43  VAL B CB  1 
ATOM   325  C  CG1 . VAL A 1 64  ? 0.736   -0.755  -2.105  1.00 33.43  ? 43  VAL B CG1 1 
ATOM   326  C  CG2 . VAL A 1 64  ? 1.398   -1.910  -4.254  1.00 32.90  ? 43  VAL B CG2 1 
ATOM   327  N  N   . THR A 1 65  ? -1.817  -1.938  -4.741  1.00 34.36  ? 44  THR B N   1 
ATOM   328  C  CA  . THR A 1 65  ? -2.817  -2.999  -4.454  1.00 33.50  ? 44  THR B CA  1 
ATOM   329  C  C   . THR A 1 65  ? -2.059  -4.314  -4.455  1.00 30.48  ? 44  THR B C   1 
ATOM   330  O  O   . THR A 1 65  ? -1.109  -4.508  -5.227  1.00 33.72  ? 44  THR B O   1 
ATOM   331  C  CB  . THR A 1 65  ? -4.029  -2.971  -5.404  1.00 35.71  ? 44  THR B CB  1 
ATOM   332  O  OG1 . THR A 1 65  ? -3.595  -3.312  -6.732  1.00 33.57  ? 44  THR B OG1 1 
ATOM   333  C  CG2 . THR A 1 65  ? -4.725  -1.624  -5.393  1.00 36.68  ? 44  THR B CG2 1 
ATOM   334  N  N   . VAL A 1 66  ? -2.415  -5.198  -3.514  1.00 32.52  ? 45  VAL B N   1 
ATOM   335  C  CA  . VAL A 1 66  ? -1.582  -6.352  -3.291  1.00 34.45  ? 45  VAL B CA  1 
ATOM   336  C  C   . VAL A 1 66  ? -2.375  -7.628  -3.596  1.00 40.43  ? 45  VAL B C   1 
ATOM   337  O  O   . VAL A 1 66  ? -3.208  -8.071  -2.781  1.00 36.08  ? 45  VAL B O   1 
ATOM   338  C  CB  . VAL A 1 66  ? -0.948  -6.369  -1.891  1.00 36.73  ? 45  VAL B CB  1 
ATOM   339  C  CG1 . VAL A 1 66  ? 0.055   -7.497  -1.752  1.00 31.54  ? 45  VAL B CG1 1 
ATOM   340  C  CG2 . VAL A 1 66  ? -0.273  -5.047  -1.569  1.00 35.95  ? 45  VAL B CG2 1 
ATOM   341  N  N   . GLU A 1 67  ? -2.120  -8.195  -4.794  1.00 35.94  ? 46  GLU B N   1 
ATOM   342  C  CA  . GLU A 1 67  ? -2.962  -9.283  -5.322  1.00 40.55  ? 46  GLU B CA  1 
ATOM   343  C  C   . GLU A 1 67  ? -2.422  -10.644 -4.908  1.00 38.67  ? 46  GLU B C   1 
ATOM   344  O  O   . GLU A 1 67  ? -3.129  -11.631 -5.084  1.00 43.15  ? 46  GLU B O   1 
ATOM   345  C  CB  . GLU A 1 67  ? -3.061  -9.269  -6.853  1.00 39.40  ? 46  GLU B CB  1 
ATOM   346  C  CG  . GLU A 1 67  ? -3.937  -8.137  -7.366  1.00 36.55  ? 46  GLU B CG  1 
ATOM   347  C  CD  . GLU A 1 67  ? -3.341  -6.744  -7.331  1.00 31.65  ? 46  GLU B CD  1 
ATOM   348  O  OE1 . GLU A 1 67  ? -2.045  -6.551  -7.316  1.00 34.91  ? 46  GLU B OE1 1 
ATOM   349  O  OE2 . GLU A 1 67  ? -4.156  -5.807  -7.303  1.00 38.41  ? 46  GLU B OE2 1 
ATOM   350  N  N   . CYS A 1 68  ? -1.192  -10.714 -4.396  1.00 34.87  ? 47  CYS B N   1 
ATOM   351  C  CA  . CYS A 1 68  ? -0.652  -12.038 -4.152  1.00 39.70  ? 47  CYS B CA  1 
ATOM   352  C  C   . CYS A 1 68  ? 0.518   -12.044 -3.159  1.00 36.52  ? 47  CYS B C   1 
ATOM   353  O  O   . CYS A 1 68  ? 1.127   -11.013 -2.902  1.00 34.00  ? 47  CYS B O   1 
ATOM   354  C  CB  . CYS A 1 68  ? -0.150  -12.599 -5.460  1.00 48.82  ? 47  CYS B CB  1 
ATOM   355  S  SG  . CYS A 1 68  ? 1.116   -11.511 -6.112  1.00 56.79  ? 47  CYS B SG  1 
ATOM   356  N  N   . SER A 1 69  ? 0.835   -13.236 -2.624  1.00 36.55  ? 48  SER B N   1 
ATOM   357  C  CA  . SER A 1 69  ? 1.705   -13.314 -1.494  1.00 39.73  ? 48  SER B CA  1 
ATOM   358  C  C   . SER A 1 69  ? 3.106   -12.994 -1.978  1.00 33.71  ? 48  SER B C   1 
ATOM   359  O  O   . SER A 1 69  ? 3.872   -12.437 -1.273  1.00 33.95  ? 48  SER B O   1 
ATOM   360  C  CB  . SER A 1 69  ? 1.639   -14.630 -0.787  1.00 43.74  ? 48  SER B CB  1 
ATOM   361  O  OG  . SER A 1 69  ? 2.346   -15.571 -1.545  1.00 53.76  ? 48  SER B OG  1 
ATOM   362  N  N   . LYS A 1 70  ? 3.403   -13.226 -3.253  1.00 37.36  ? 49  LYS B N   1 
ATOM   363  C  CA  . LYS A 1 70  ? 4.773   -12.860 -3.720  1.00 36.53  ? 49  LYS B CA  1 
ATOM   364  C  C   . LYS A 1 70  ? 5.004   -11.338 -3.738  1.00 31.81  ? 49  LYS B C   1 
ATOM   365  O  O   . LYS A 1 70  ? 6.102   -10.876 -3.470  1.00 30.43  ? 49  LYS B O   1 
ATOM   366  C  CB  . LYS A 1 70  ? 5.012   -13.438 -5.108  1.00 36.96  ? 49  LYS B CB  1 
ATOM   367  C  CG  . LYS A 1 70  ? 5.263   -14.935 -5.082  1.00 42.63  ? 49  LYS B CG  1 
ATOM   368  C  CD  . LYS A 1 70  ? 5.433   -15.527 -6.462  1.00 44.29  ? 49  LYS B CD  1 
ATOM   369  C  CE  . LYS A 1 70  ? 5.213   -17.015 -6.467  1.00 49.12  ? 49  LYS B CE  1 
ATOM   370  N  NZ  . LYS A 1 70  ? 6.433   -17.666 -5.955  1.00 55.45  ? 49  LYS B NZ  1 
ATOM   371  N  N   . GLU A 1 71  ? 3.957   -10.586 -4.073  1.00 33.45  ? 50  GLU B N   1 
ATOM   372  C  CA  . GLU A 1 71  ? 3.972   -9.149  -4.091  1.00 34.47  ? 50  GLU B CA  1 
ATOM   373  C  C   . GLU A 1 71  ? 3.987   -8.632  -2.642  1.00 29.39  ? 50  GLU B C   1 
ATOM   374  O  O   . GLU A 1 71  ? 4.676   -7.739  -2.342  1.00 30.81  ? 50  GLU B O   1 
ATOM   375  C  CB  . GLU A 1 71  ? 2.737   -8.592  -4.788  1.00 34.90  ? 50  GLU B CB  1 
ATOM   376  C  CG  . GLU A 1 71  ? 2.751   -7.083  -5.017  1.00 32.92  ? 50  GLU B CG  1 
ATOM   377  C  CD  . GLU A 1 71  ? 1.548   -6.534  -5.795  1.00 36.91  ? 50  GLU B CD  1 
ATOM   378  O  OE1 . GLU A 1 71  ? 0.474   -7.151  -5.783  1.00 33.59  ? 50  GLU B OE1 1 
ATOM   379  O  OE2 . GLU A 1 71  ? 1.671   -5.450  -6.367  1.00 31.89  ? 50  GLU B OE2 1 
ATOM   380  N  N   . ASP A 1 72  ? 3.170   -9.209  -1.790  1.00 30.17  ? 51  ASP B N   1 
ATOM   381  C  CA  . ASP A 1 72  ? 3.246   -8.912  -0.363  1.00 31.00  ? 51  ASP B CA  1 
ATOM   382  C  C   . ASP A 1 72  ? 4.690   -9.057  0.132   1.00 29.96  ? 51  ASP B C   1 
ATOM   383  O  O   . ASP A 1 72  ? 5.225   -8.205  0.887   1.00 32.67  ? 51  ASP B O   1 
ATOM   384  C  CB  . ASP A 1 72  ? 2.249   -9.799  0.370   1.00 32.77  ? 51  ASP B CB  1 
ATOM   385  C  CG  . ASP A 1 72  ? 2.286   -9.641  1.883   1.00 34.33  ? 51  ASP B CG  1 
ATOM   386  O  OD1 . ASP A 1 72  ? 1.736   -8.652  2.362   1.00 35.12  ? 51  ASP B OD1 1 
ATOM   387  O  OD2 . ASP A 1 72  ? 2.845   -10.548 2.544   1.00 34.02  ? 51  ASP B OD2 1 
ATOM   388  N  N   . ASP A 1 73  ? 5.354   -10.132 -0.245  1.00 32.08  ? 52  ASP B N   1 
ATOM   389  C  CA  . ASP A 1 73  ? 6.692   -10.401 0.352   1.00 33.51  ? 52  ASP B CA  1 
ATOM   390  C  C   . ASP A 1 73  ? 7.726   -9.509  -0.323  1.00 33.30  ? 52  ASP B C   1 
ATOM   391  O  O   . ASP A 1 73  ? 8.699   -9.076  0.290   1.00 30.16  ? 52  ASP B O   1 
ATOM   392  C  CB  . ASP A 1 73  ? 7.103   -11.881 0.295   1.00 36.67  ? 52  ASP B CB  1 
ATOM   393  C  CG  . ASP A 1 73  ? 8.088   -12.291 1.413   1.00 43.46  ? 52  ASP B CG  1 
ATOM   394  O  OD1 . ASP A 1 73  ? 7.870   -11.870 2.595   1.00 34.68  ? 52  ASP B OD1 1 
ATOM   395  O  OD2 . ASP A 1 73  ? 9.074   -13.002 1.104   1.00 43.13  ? 52  ASP B OD2 1 
ATOM   396  N  N   . PHE A 1 74  ? 7.498   -9.155  -1.599  1.00 35.69  ? 53  PHE B N   1 
ATOM   397  C  CA  . PHE A 1 74  ? 8.387   -8.191  -2.262  1.00 30.70  ? 53  PHE B CA  1 
ATOM   398  C  C   . PHE A 1 74  ? 8.372   -6.842  -1.502  1.00 27.77  ? 53  PHE B C   1 
ATOM   399  O  O   . PHE A 1 74  ? 9.434   -6.280  -1.129  1.00 29.59  ? 53  PHE B O   1 
ATOM   400  C  CB  . PHE A 1 74  ? 7.984   -7.992  -3.731  1.00 33.46  ? 53  PHE B CB  1 
ATOM   401  C  CG  . PHE A 1 74  ? 8.579   -6.739  -4.308  1.00 35.15  ? 53  PHE B CG  1 
ATOM   402  C  CD1 . PHE A 1 74  ? 9.938   -6.669  -4.596  1.00 37.14  ? 53  PHE B CD1 1 
ATOM   403  C  CD2 . PHE A 1 74  ? 7.803   -5.605  -4.456  1.00 36.72  ? 53  PHE B CD2 1 
ATOM   404  C  CE1 . PHE A 1 74  ? 10.490  -5.511  -5.115  1.00 34.06  ? 53  PHE B CE1 1 
ATOM   405  C  CE2 . PHE A 1 74  ? 8.356   -4.443  -4.992  1.00 37.59  ? 53  PHE B CE2 1 
ATOM   406  C  CZ  . PHE A 1 74  ? 9.699   -4.403  -5.307  1.00 30.37  ? 53  PHE B CZ  1 
ATOM   407  N  N   . ILE A 1 75  ? 7.169   -6.373  -1.187  1.00 28.97  ? 54  ILE B N   1 
ATOM   408  C  CA  . ILE A 1 75  ? 6.986   -5.169  -0.423  1.00 29.41  ? 54  ILE B CA  1 
ATOM   409  C  C   . ILE A 1 75  ? 7.652   -5.313  0.958   1.00 29.71  ? 54  ILE B C   1 
ATOM   410  O  O   . ILE A 1 75  ? 8.374   -4.412  1.392   1.00 29.47  ? 54  ILE B O   1 
ATOM   411  C  CB  . ILE A 1 75  ? 5.495   -4.839  -0.294  1.00 31.53  ? 54  ILE B CB  1 
ATOM   412  C  CG1 . ILE A 1 75  ? 4.915   -4.317  -1.613  1.00 33.61  ? 54  ILE B CG1 1 
ATOM   413  C  CG2 . ILE A 1 75  ? 5.256   -3.850  0.823   1.00 30.55  ? 54  ILE B CG2 1 
ATOM   414  C  CD1 . ILE A 1 75  ? 3.416   -4.344  -1.607  1.00 32.05  ? 54  ILE B CD1 1 
ATOM   415  N  N   . ARG A 1 76  ? 7.419   -6.432  1.628   1.00 33.14  ? 55  ARG B N   1 
ATOM   416  C  CA  . ARG A 1 76  ? 7.991   -6.598  2.982   1.00 31.48  ? 55  ARG B CA  1 
ATOM   417  C  C   . ARG A 1 76  ? 9.523   -6.493  2.920   1.00 30.29  ? 55  ARG B C   1 
ATOM   418  O  O   . ARG A 1 76  ? 10.124  -5.849  3.717   1.00 31.34  ? 55  ARG B O   1 
ATOM   419  C  CB  . ARG A 1 76  ? 7.549   -7.941  3.543   1.00 31.50  ? 55  ARG B CB  1 
ATOM   420  C  CG  . ARG A 1 76  ? 8.086   -8.222  4.941   1.00 31.38  ? 55  ARG B CG  1 
ATOM   421  C  CD  . ARG A 1 76  ? 7.503   -9.507  5.473   1.00 32.03  ? 55  ARG B CD  1 
ATOM   422  N  NE  . ARG A 1 76  ? 6.050   -9.421  5.624   1.00 31.38  ? 55  ARG B NE  1 
ATOM   423  C  CZ  . ARG A 1 76  ? 5.154   -9.983  4.836   1.00 32.49  ? 55  ARG B CZ  1 
ATOM   424  N  NH1 . ARG A 1 76  ? 5.535   -10.879 3.940   1.00 32.13  ? 55  ARG B NH1 1 
ATOM   425  N  NH2 . ARG A 1 76  ? 3.871   -9.666  4.979   1.00 30.04  ? 55  ARG B NH2 1 
ATOM   426  N  N   . GLY A 1 77  ? 10.134  -7.097  1.907   1.00 31.97  ? 56  GLY B N   1 
ATOM   427  C  CA  . GLY A 1 77  ? 11.579  -7.069  1.722   1.00 33.70  ? 56  GLY B CA  1 
ATOM   428  C  C   . GLY A 1 77  ? 12.130  -5.661  1.622   1.00 37.10  ? 56  GLY B C   1 
ATOM   429  O  O   . GLY A 1 77  ? 13.197  -5.345  2.173   1.00 32.11  ? 56  GLY B O   1 
ATOM   430  N  N   . ILE A 1 78  ? 11.392  -4.791  0.921   1.00 36.15  ? 57  ILE B N   1 
ATOM   431  C  CA  . ILE A 1 78  ? 11.804  -3.406  0.784   1.00 34.44  ? 57  ILE B CA  1 
ATOM   432  C  C   . ILE A 1 78  ? 11.587  -2.660  2.118   1.00 31.12  ? 57  ILE B C   1 
ATOM   433  O  O   . ILE A 1 78  ? 12.445  -1.990  2.589   1.00 32.24  ? 57  ILE B O   1 
ATOM   434  C  CB  . ILE A 1 78  ? 11.077  -2.698  -0.383  1.00 32.79  ? 57  ILE B CB  1 
ATOM   435  C  CG1 . ILE A 1 78  ? 11.345  -3.352  -1.749  1.00 34.89  ? 57  ILE B CG1 1 
ATOM   436  C  CG2 . ILE A 1 78  ? 11.466  -1.232  -0.372  1.00 33.63  ? 57  ILE B CG2 1 
ATOM   437  C  CD1 . ILE A 1 78  ? 12.788  -3.503  -2.153  1.00 34.30  ? 57  ILE B CD1 1 
ATOM   438  N  N   . LEU A 1 79  ? 10.420  -2.790  2.733   1.00 29.15  ? 58  LEU B N   1 
ATOM   439  C  CA  . LEU A 1 79  ? 10.152  -1.994  3.938   1.00 31.67  ? 58  LEU B CA  1 
ATOM   440  C  C   . LEU A 1 79  ? 11.073  -2.430  5.107   1.00 29.25  ? 58  LEU B C   1 
ATOM   441  O  O   . LEU A 1 79  ? 11.378  -1.627  5.982   1.00 32.08  ? 58  LEU B O   1 
ATOM   442  C  CB  . LEU A 1 79  ? 8.676   -2.166  4.303   1.00 28.70  ? 58  LEU B CB  1 
ATOM   443  C  CG  . LEU A 1 79  ? 7.651   -1.747  3.241   1.00 28.62  ? 58  LEU B CG  1 
ATOM   444  C  CD1 . LEU A 1 79  ? 6.245   -1.750  3.853   1.00 28.30  ? 58  LEU B CD1 1 
ATOM   445  C  CD2 . LEU A 1 79  ? 7.968   -0.370  2.714   1.00 29.35  ? 58  LEU B CD2 1 
ATOM   446  N  N   . SER A 1 80  ? 11.491  -3.697  5.102   1.00 34.58  ? 59  SER B N   1 
ATOM   447  C  CA  . SER A 1 80  ? 12.318  -4.326  6.175   1.00 35.81  ? 59  SER B CA  1 
ATOM   448  C  C   . SER A 1 80  ? 13.767  -3.866  6.084   1.00 34.98  ? 59  SER B C   1 
ATOM   449  O  O   . SER A 1 80  ? 14.514  -4.018  7.009   1.00 37.90  ? 59  SER B O   1 
ATOM   450  C  CB  . SER A 1 80  ? 12.296  -5.819  6.049   1.00 36.29  ? 59  SER B CB  1 
ATOM   451  O  OG  . SER A 1 80  ? 11.035  -6.315  6.366   1.00 42.94  ? 59  SER B OG  1 
ATOM   452  N  N   . GLY A 1 81  ? 14.143  -3.322  4.931   1.00 33.84  ? 60  GLY B N   1 
ATOM   453  C  CA  . GLY A 1 81  ? 15.498  -2.894  4.701   1.00 38.39  ? 60  GLY B CA  1 
ATOM   454  C  C   . GLY A 1 81  ? 15.782  -1.527  5.289   1.00 40.55  ? 60  GLY B C   1 
ATOM   455  O  O   . GLY A 1 81  ? 16.865  -1.102  5.220   1.00 36.96  ? 60  GLY B O   1 
ATOM   456  N  N   . GLN A 1 82  ? 14.792  -0.846  5.882   1.00 38.41  ? 61  GLN B N   1 
ATOM   457  C  CA  . GLN A 1 82  ? 15.006  0.380   6.642   1.00 37.38  ? 61  GLN B CA  1 
ATOM   458  C  C   . GLN A 1 82  ? 14.308  0.206   7.995   1.00 35.28  ? 61  GLN B C   1 
ATOM   459  O  O   . GLN A 1 82  ? 13.544  -0.749  8.161   1.00 33.30  ? 61  GLN B O   1 
ATOM   460  C  CB  . GLN A 1 82  ? 14.466  1.592   5.879   1.00 34.58  ? 61  GLN B CB  1 
ATOM   461  C  CG  . GLN A 1 82  ? 12.971  1.504   5.619   1.00 34.39  ? 61  GLN B CG  1 
ATOM   462  C  CD  . GLN A 1 82  ? 12.107  1.941   6.778   1.00 34.22  ? 61  GLN B CD  1 
ATOM   463  O  OE1 . GLN A 1 82  ? 12.179  3.074   7.251   1.00 36.84  ? 61  GLN B OE1 1 
ATOM   464  N  NE2 . GLN A 1 82  ? 11.138  1.121   7.118   1.00 32.62  ? 61  GLN B NE2 1 
ATOM   465  N  N   . THR A 1 83  ? 14.621  1.106   8.942   1.00 36.48  ? 62  THR B N   1 
ATOM   466  C  CA  . THR A 1 83  ? 14.095  1.043   10.342  1.00 40.66  ? 62  THR B CA  1 
ATOM   467  C  C   . THR A 1 83  ? 13.521  2.394   10.777  1.00 37.99  ? 62  THR B C   1 
ATOM   468  O  O   . THR A 1 83  ? 12.956  2.469   11.807  1.00 40.12  ? 62  THR B O   1 
ATOM   469  C  CB  . THR A 1 83  ? 15.190  0.647   11.354  1.00 40.43  ? 62  THR B CB  1 
ATOM   470  O  OG1 . THR A 1 83  ? 16.273  1.551   11.142  1.00 39.76  ? 62  THR B OG1 1 
ATOM   471  C  CG2 . THR A 1 83  ? 15.712  -0.763  11.173  1.00 40.55  ? 62  THR B CG2 1 
ATOM   472  N  N   . ALA A 1 84  ? 13.660  3.457   9.980   1.00 37.08  ? 63  ALA B N   1 
ATOM   473  C  CA  . ALA A 1 84  ? 13.223  4.786   10.386  1.00 37.55  ? 63  ALA B CA  1 
ATOM   474  C  C   . ALA A 1 84  ? 11.685  4.856   10.493  1.00 39.82  ? 63  ALA B C   1 
ATOM   475  O  O   . ALA A 1 84  ? 11.166  5.521   11.345  1.00 38.45  ? 63  ALA B O   1 
ATOM   476  C  CB  . ALA A 1 84  ? 13.730  5.825   9.406   1.00 45.14  ? 63  ALA B CB  1 
ATOM   477  N  N   . LYS A 1 85  ? 10.960  4.241   9.566   1.00 33.94  ? 64  LYS B N   1 
ATOM   478  C  CA  . LYS A 1 85  ? 9.528   4.373   9.454   1.00 32.68  ? 64  LYS B CA  1 
ATOM   479  C  C   . LYS A 1 85  ? 8.912   3.029   9.822   1.00 29.53  ? 64  LYS B C   1 
ATOM   480  O  O   . LYS A 1 85  ? 9.463   2.017   9.454   1.00 29.89  ? 64  LYS B O   1 
ATOM   481  C  CB  . LYS A 1 85  ? 9.087   4.714   8.023   1.00 37.76  ? 64  LYS B CB  1 
ATOM   482  C  CG  . LYS A 1 85  ? 9.858   5.824   7.301   1.00 42.78  ? 64  LYS B CG  1 
ATOM   483  C  CD  . LYS A 1 85  ? 9.506   7.214   7.744   1.00 43.01  ? 64  LYS B CD  1 
ATOM   484  C  CE  . LYS A 1 85  ? 10.468  8.254   7.233   1.00 41.50  ? 64  LYS B CE  1 
ATOM   485  N  NZ  . LYS A 1 85  ? 10.177  8.619   5.835   1.00 39.66  ? 64  LYS B NZ  1 
ATOM   486  N  N   . HIS A 1 86  ? 7.744   3.046   10.481  1.00 29.55  ? 65  HIS B N   1 
ATOM   487  C  CA  . HIS A 1 86  ? 7.103   1.842   10.913  1.00 30.45  ? 65  HIS B CA  1 
ATOM   488  C  C   . HIS A 1 86  ? 5.718   1.663   10.262  1.00 30.03  ? 65  HIS B C   1 
ATOM   489  O  O   . HIS A 1 86  ? 5.023   0.733   10.570  1.00 28.79  ? 65  HIS B O   1 
ATOM   490  C  CB  . HIS A 1 86  ? 7.124   1.768   12.475  1.00 35.02  ? 65  HIS B CB  1 
ATOM   491  C  CG  . HIS A 1 86  ? 6.139   2.621   13.231  1.00 33.89  ? 65  HIS B CG  1 
ATOM   492  N  ND1 . HIS A 1 86  ? 6.336   3.966   13.464  1.00 39.50  ? 65  HIS B ND1 1 
ATOM   493  C  CD2 . HIS A 1 86  ? 4.961   2.311   13.862  1.00 38.38  ? 65  HIS B CD2 1 
ATOM   494  C  CE1 . HIS A 1 86  ? 5.310   4.458   14.172  1.00 40.97  ? 65  HIS B CE1 1 
ATOM   495  N  NE2 . HIS A 1 86  ? 4.446   3.455   14.432  1.00 40.05  ? 65  HIS B NE2 1 
ATOM   496  N  N   . TYR A 1 87  ? 5.339   2.511   9.307   1.00 27.96  ? 66  TYR B N   1 
ATOM   497  C  CA  . TYR A 1 87  ? 4.171   2.236   8.517   1.00 27.94  ? 66  TYR B CA  1 
ATOM   498  C  C   . TYR A 1 87  ? 4.276   2.957   7.165   1.00 27.38  ? 66  TYR B C   1 
ATOM   499  O  O   . TYR A 1 87  ? 4.834   4.035   7.092   1.00 28.75  ? 66  TYR B O   1 
ATOM   500  C  CB  . TYR A 1 87  ? 2.874   2.643   9.232   1.00 30.35  ? 66  TYR B CB  1 
ATOM   501  C  CG  . TYR A 1 87  ? 2.801   4.070   9.704   1.00 30.61  ? 66  TYR B CG  1 
ATOM   502  C  CD1 . TYR A 1 87  ? 3.350   4.429   10.922  1.00 30.28  ? 66  TYR B CD1 1 
ATOM   503  C  CD2 . TYR A 1 87  ? 2.180   5.073   8.957   1.00 32.59  ? 66  TYR B CD2 1 
ATOM   504  C  CE1 . TYR A 1 87  ? 3.348   5.742   11.358  1.00 31.37  ? 66  TYR B CE1 1 
ATOM   505  C  CE2 . TYR A 1 87  ? 2.148   6.394   9.395   1.00 36.28  ? 66  TYR B CE2 1 
ATOM   506  C  CZ  . TYR A 1 87  ? 2.728   6.726   10.613  1.00 34.51  ? 66  TYR B CZ  1 
ATOM   507  O  OH  . TYR A 1 87  ? 2.722   8.006   11.091  1.00 34.60  ? 66  TYR B OH  1 
ATOM   508  N  N   . TYR A 1 88  ? 3.622   2.362   6.162   1.00 32.74  ? 67  TYR B N   1 
ATOM   509  C  CA  . TYR A 1 88  ? 3.506   2.889   4.771   1.00 27.03  ? 67  TYR B CA  1 
ATOM   510  C  C   . TYR A 1 88  ? 2.075   2.691   4.268   1.00 26.30  ? 67  TYR B C   1 
ATOM   511  O  O   . TYR A 1 88  ? 1.517   1.605   4.302   1.00 32.95  ? 67  TYR B O   1 
ATOM   512  C  CB  . TYR A 1 88  ? 4.417   2.168   3.797   1.00 27.61  ? 67  TYR B CB  1 
ATOM   513  C  CG  . TYR A 1 88  ? 5.875   2.462   3.967   1.00 27.24  ? 67  TYR B CG  1 
ATOM   514  C  CD1 . TYR A 1 88  ? 6.572   2.000   5.076   1.00 29.90  ? 67  TYR B CD1 1 
ATOM   515  C  CD2 . TYR A 1 88  ? 6.574   3.175   2.996   1.00 30.77  ? 67  TYR B CD2 1 
ATOM   516  C  CE1 . TYR A 1 88  ? 7.923   2.280   5.228   1.00 27.18  ? 67  TYR B CE1 1 
ATOM   517  C  CE2 . TYR A 1 88  ? 7.937   3.447   3.123   1.00 26.50  ? 67  TYR B CE2 1 
ATOM   518  C  CZ  . TYR A 1 88  ? 8.611   3.003   4.248   1.00 31.88  ? 67  TYR B CZ  1 
ATOM   519  O  OH  . TYR A 1 88  ? 9.947   3.304   4.379   1.00 29.00  ? 67  TYR B OH  1 
ATOM   520  N  N   . TRP A 1 89  ? 1.480   3.781   3.795   1.00 27.78  ? 68  TRP B N   1 
ATOM   521  C  CA  . TRP A 1 89  ? 0.097   3.725   3.261   1.00 31.81  ? 68  TRP B CA  1 
ATOM   522  C  C   . TRP A 1 89  ? 0.029   2.898   1.973   1.00 28.69  ? 68  TRP B C   1 
ATOM   523  O  O   . TRP A 1 89  ? 0.949   2.957   1.165   1.00 32.21  ? 68  TRP B O   1 
ATOM   524  C  CB  . TRP A 1 89  ? -0.422  5.140   3.053   1.00 32.30  ? 68  TRP B CB  1 
ATOM   525  C  CG  . TRP A 1 89  ? -0.531  5.957   4.294   1.00 34.32  ? 68  TRP B CG  1 
ATOM   526  C  CD1 . TRP A 1 89  ? 0.062   7.160   4.536   1.00 34.26  ? 68  TRP B CD1 1 
ATOM   527  C  CD2 . TRP A 1 89  ? -1.292  5.638   5.470   1.00 33.17  ? 68  TRP B CD2 1 
ATOM   528  N  NE1 . TRP A 1 89  ? -0.270  7.604   5.779   1.00 34.04  ? 68  TRP B NE1 1 
ATOM   529  C  CE2 . TRP A 1 89  ? -1.092  6.693   6.377   1.00 33.52  ? 68  TRP B CE2 1 
ATOM   530  C  CE3 . TRP A 1 89  ? -2.098  4.572   5.847   1.00 33.72  ? 68  TRP B CE3 1 
ATOM   531  C  CZ2 . TRP A 1 89  ? -1.616  6.681   7.663   1.00 30.40  ? 68  TRP B CZ2 1 
ATOM   532  C  CZ3 . TRP A 1 89  ? -2.679  4.595   7.098   1.00 35.81  ? 68  TRP B CZ3 1 
ATOM   533  C  CH2 . TRP A 1 89  ? -2.462  5.653   7.975   1.00 33.29  ? 68  TRP B CH2 1 
ATOM   534  N  N   . ILE A 1 90  ? -1.088  2.168   1.819   1.00 31.76  ? 69  ILE B N   1 
ATOM   535  C  CA  . ILE A 1 90  ? -1.387  1.358   0.661   1.00 32.30  ? 69  ILE B CA  1 
ATOM   536  C  C   . ILE A 1 90  ? -2.841  1.597   0.213   1.00 31.80  ? 69  ILE B C   1 
ATOM   537  O  O   . ILE A 1 90  ? -3.636  2.212   0.896   1.00 31.69  ? 69  ILE B O   1 
ATOM   538  C  CB  . ILE A 1 90  ? -1.103  -0.149  0.914   1.00 30.11  ? 69  ILE B CB  1 
ATOM   539  C  CG1 . ILE A 1 90  ? -2.035  -0.751  1.978   1.00 34.04  ? 69  ILE B CG1 1 
ATOM   540  C  CG2 . ILE A 1 90  ? 0.382   -0.402  1.211   1.00 28.70  ? 69  ILE B CG2 1 
ATOM   541  C  CD1 . ILE A 1 90  ? -1.925  -2.242  2.097   1.00 36.64  ? 69  ILE B CD1 1 
ATOM   542  N  N   . GLY A 1 91  ? -3.212  1.033   -0.939  1.00 34.80  ? 70  GLY B N   1 
ATOM   543  C  CA  . GLY A 1 91  ? -4.421  1.459   -1.668  1.00 35.09  ? 70  GLY B CA  1 
ATOM   544  C  C   . GLY A 1 91  ? -5.641  0.679   -1.275  1.00 38.80  ? 70  GLY B C   1 
ATOM   545  O  O   . GLY A 1 91  ? -6.320  0.070   -2.132  1.00 37.20  ? 70  GLY B O   1 
ATOM   546  N  N   . ALA A 1 92  ? -5.968  0.707   0.019   1.00 36.14  ? 71  ALA B N   1 
ATOM   547  C  CA  . ALA A 1 92  ? -7.191  0.140   0.455   1.00 32.59  ? 71  ALA B CA  1 
ATOM   548  C  C   . ALA A 1 92  ? -7.734  0.886   1.672   1.00 38.55  ? 71  ALA B C   1 
ATOM   549  O  O   . ALA A 1 92  ? -6.994  1.432   2.466   1.00 35.56  ? 71  ALA B O   1 
ATOM   550  C  CB  . ALA A 1 92  ? -7.014  -1.330  0.732   1.00 34.79  ? 71  ALA B CB  1 
ATOM   551  N  N   . ARG A 1 93  ? -9.065  0.872   1.796   1.00 39.56  ? 72  ARG B N   1 
ATOM   552  C  CA  . ARG A 1 93  ? -9.785  1.533   2.864   1.00 45.79  ? 72  ARG B CA  1 
ATOM   553  C  C   . ARG A 1 93  ? -11.209 0.971   2.947   1.00 44.39  ? 72  ARG B C   1 
ATOM   554  O  O   . ARG A 1 93  ? -11.664 0.317   2.020   1.00 40.37  ? 72  ARG B O   1 
ATOM   555  C  CB  . ARG A 1 93  ? -9.787  3.048   2.644   1.00 53.66  ? 72  ARG B CB  1 
ATOM   556  C  CG  . ARG A 1 93  ? -10.802 3.578   1.644   1.00 55.29  ? 72  ARG B CG  1 
ATOM   557  C  CD  . ARG A 1 93  ? -10.925 5.099   1.712   1.00 59.69  ? 72  ARG B CD  1 
ATOM   558  N  NE  . ARG A 1 93  ? -11.305 5.679   3.006   1.00 57.05  ? 72  ARG B NE  1 
ATOM   559  C  CZ  . ARG A 1 93  ? -11.270 6.983   3.289   1.00 56.04  ? 72  ARG B CZ  1 
ATOM   560  N  NH1 . ARG A 1 93  ? -10.830 7.854   2.392   1.00 63.58  ? 72  ARG B NH1 1 
ATOM   561  N  NH2 . ARG A 1 93  ? -11.684 7.416   4.461   1.00 55.35  ? 72  ARG B NH2 1 
ATOM   562  N  N   . TRP A 1 94  ? -11.884 1.209   4.076   1.00 41.40  ? 73  TRP B N   1 
ATOM   563  C  CA  . TRP A 1 94  ? -13.252 0.791   4.243   1.00 46.82  ? 73  TRP B CA  1 
ATOM   564  C  C   . TRP A 1 94  ? -14.113 1.320   3.087   1.00 45.60  ? 73  TRP B C   1 
ATOM   565  O  O   . TRP A 1 94  ? -14.038 2.468   2.742   1.00 43.57  ? 73  TRP B O   1 
ATOM   566  C  CB  . TRP A 1 94  ? -13.811 1.283   5.569   1.00 44.42  ? 73  TRP B CB  1 
ATOM   567  C  CG  . TRP A 1 94  ? -15.131 0.665   5.884   1.00 50.34  ? 73  TRP B CG  1 
ATOM   568  C  CD1 . TRP A 1 94  ? -16.348 1.285   5.870   1.00 54.33  ? 73  TRP B CD1 1 
ATOM   569  C  CD2 . TRP A 1 94  ? -15.373 -0.706  6.249   1.00 48.47  ? 73  TRP B CD2 1 
ATOM   570  N  NE1 . TRP A 1 94  ? -17.326 0.401   6.222   1.00 54.61  ? 73  TRP B NE1 1 
ATOM   571  C  CE2 . TRP A 1 94  ? -16.761 -0.826  6.466   1.00 55.57  ? 73  TRP B CE2 1 
ATOM   572  C  CE3 . TRP A 1 94  ? -14.567 -1.838  6.424   1.00 49.04  ? 73  TRP B CE3 1 
ATOM   573  C  CZ2 . TRP A 1 94  ? -17.347 -2.033  6.847   1.00 53.97  ? 73  TRP B CZ2 1 
ATOM   574  C  CZ3 . TRP A 1 94  ? -15.146 -3.028  6.812   1.00 52.00  ? 73  TRP B CZ3 1 
ATOM   575  C  CH2 . TRP A 1 94  ? -16.522 -3.123  7.018   1.00 54.43  ? 73  TRP B CH2 1 
ATOM   576  N  N   . ASN A 1 95  ? -14.975 0.463   2.544   1.00 52.84  ? 74  ASN B N   1 
ATOM   577  C  CA  . ASN A 1 95  ? -15.783 0.830   1.381   1.00 58.94  ? 74  ASN B CA  1 
ATOM   578  C  C   . ASN A 1 95  ? -17.257 0.837   1.797   1.00 59.89  ? 74  ASN B C   1 
ATOM   579  O  O   . ASN A 1 95  ? -17.760 -0.189  2.216   1.00 57.93  ? 74  ASN B O   1 
ATOM   580  C  CB  . ASN A 1 95  ? -15.508 -0.112  0.212   1.00 59.02  ? 74  ASN B CB  1 
ATOM   581  C  CG  . ASN A 1 95  ? -16.311 0.251   -1.013  1.00 62.92  ? 74  ASN B CG  1 
ATOM   582  O  OD1 . ASN A 1 95  ? -15.754 0.529   -2.068  1.00 64.86  ? 74  ASN B OD1 1 
ATOM   583  N  ND2 . ASN A 1 95  ? -17.618 0.289   -0.861  1.00 58.00  ? 74  ASN B ND2 1 
ATOM   584  N  N   . GLU A 1 96  ? -17.903 2.007   1.669   1.00 75.51  ? 75  GLU B N   1 
ATOM   585  C  CA  . GLU A 1 96  ? -19.232 2.294   2.272   1.00 89.02  ? 75  GLU B CA  1 
ATOM   586  C  C   . GLU A 1 96  ? -20.310 1.462   1.563   1.00 88.99  ? 75  GLU B C   1 
ATOM   587  O  O   . GLU A 1 96  ? -21.092 0.741   2.208   1.00 83.71  ? 75  GLU B O   1 
ATOM   588  C  CB  . GLU A 1 96  ? -19.548 3.797   2.200   1.00 85.39  ? 75  GLU B CB  1 
ATOM   589  C  CG  . GLU A 1 96  ? -20.338 4.295   3.397   1.00 83.22  ? 75  GLU B CG  1 
ATOM   590  C  CD  . GLU A 1 96  ? -19.686 3.956   4.728   1.00 85.37  ? 75  GLU B CD  1 
ATOM   591  O  OE1 . GLU A 1 96  ? -18.593 4.489   4.997   1.00 88.56  ? 75  GLU B OE1 1 
ATOM   592  O  OE2 . GLU A 1 96  ? -20.241 3.121   5.470   1.00 87.39  ? 75  GLU B OE2 1 
ATOM   593  N  N   . GLU A 1 97  ? -20.307 1.577   0.230   1.00 89.29  ? 76  GLU B N   1 
ATOM   594  C  CA  . GLU A 1 97  ? -21.136 0.804   -0.696  1.00 90.57  ? 76  GLU B CA  1 
ATOM   595  C  C   . GLU A 1 97  ? -21.104 -0.694  -0.341  1.00 86.66  ? 76  GLU B C   1 
ATOM   596  O  O   . GLU A 1 97  ? -22.115 -1.224  0.077   1.00 86.83  ? 76  GLU B O   1 
ATOM   597  C  CB  . GLU A 1 97  ? -20.637 1.085   -2.112  1.00 95.11  ? 76  GLU B CB  1 
ATOM   598  C  CG  . GLU A 1 97  ? -21.488 0.486   -3.209  1.00 99.35  ? 76  GLU B CG  1 
ATOM   599  C  CD  . GLU A 1 97  ? -20.853 0.646   -4.578  1.00 102.73 ? 76  GLU B CD  1 
ATOM   600  O  OE1 . GLU A 1 97  ? -21.557 0.439   -5.573  1.00 113.76 ? 76  GLU B OE1 1 
ATOM   601  O  OE2 . GLU A 1 97  ? -19.650 0.979   -4.644  1.00 110.43 ? 76  GLU B OE2 1 
ATOM   602  N  N   . HIS A 1 98  ? -19.939 -1.351  -0.476  1.00 76.41  ? 77  HIS B N   1 
ATOM   603  C  CA  . HIS A 1 98  ? -19.792 -2.816  -0.350  1.00 66.36  ? 77  HIS B CA  1 
ATOM   604  C  C   . HIS A 1 98  ? -19.706 -3.251  1.117   1.00 64.64  ? 77  HIS B C   1 
ATOM   605  O  O   . HIS A 1 98  ? -19.774 -4.441  1.413   1.00 59.16  ? 77  HIS B O   1 
ATOM   606  C  CB  . HIS A 1 98  ? -18.574 -3.312  -1.136  1.00 68.54  ? 77  HIS B CB  1 
ATOM   607  C  CG  . HIS A 1 98  ? -18.635 -3.014  -2.600  1.00 76.59  ? 77  HIS B CG  1 
ATOM   608  N  ND1 . HIS A 1 98  ? -18.898 -3.987  -3.543  1.00 79.70  ? 77  HIS B ND1 1 
ATOM   609  C  CD2 . HIS A 1 98  ? -18.462 -1.863  -3.292  1.00 85.10  ? 77  HIS B CD2 1 
ATOM   610  C  CE1 . HIS A 1 98  ? -18.864 -3.451  -4.751  1.00 84.72  ? 77  HIS B CE1 1 
ATOM   611  N  NE2 . HIS A 1 98  ? -18.608 -2.146  -4.625  1.00 82.88  ? 77  HIS B NE2 1 
ATOM   612  N  N   . ASN A 1 99  ? -19.546 -2.297  2.040   1.00 71.87  ? 78  ASN B N   1 
ATOM   613  C  CA  . ASN A 1 99  ? -19.448 -2.598  3.485   1.00 69.41  ? 78  ASN B CA  1 
ATOM   614  C  C   . ASN A 1 99  ? -18.325 -3.594  3.806   1.00 64.62  ? 78  ASN B C   1 
ATOM   615  O  O   . ASN A 1 99  ? -18.497 -4.517  4.617   1.00 58.33  ? 78  ASN B O   1 
ATOM   616  C  CB  . ASN A 1 99  ? -20.780 -3.109  4.026   1.00 72.79  ? 78  ASN B CB  1 
ATOM   617  C  CG  . ASN A 1 99  ? -21.373 -2.082  4.951   1.00 77.79  ? 78  ASN B CG  1 
ATOM   618  O  OD1 . ASN A 1 99  ? -21.256 -2.227  6.163   1.00 88.21  ? 78  ASN B OD1 1 
ATOM   619  N  ND2 . ASN A 1 99  ? -21.907 -1.010  4.388   1.00 69.27  ? 78  ASN B ND2 1 
ATOM   620  N  N   . ASP A 1 100 ? -17.145 -3.378  3.217   1.00 59.95  ? 79  ASP B N   1 
ATOM   621  C  CA  . ASP A 1 100 ? -15.986 -4.235  3.504   1.00 54.89  ? 79  ASP B CA  1 
ATOM   622  C  C   . ASP A 1 100 ? -14.716 -3.403  3.315   1.00 48.00  ? 79  ASP B C   1 
ATOM   623  O  O   . ASP A 1 100 ? -14.777 -2.264  2.861   1.00 50.46  ? 79  ASP B O   1 
ATOM   624  C  CB  . ASP A 1 100 ? -15.981 -5.473  2.603   1.00 51.30  ? 79  ASP B CB  1 
ATOM   625  C  CG  . ASP A 1 100 ? -16.051 -5.187  1.099   1.00 60.12  ? 79  ASP B CG  1 
ATOM   626  O  OD1 . ASP A 1 100 ? -15.837 -4.021  0.681   1.00 56.73  ? 79  ASP B OD1 1 
ATOM   627  O  OD2 . ASP A 1 100 ? -16.314 -6.142  0.339   1.00 60.21  ? 79  ASP B OD2 1 
ATOM   628  N  N   . TYR A 1 101 ? -13.574 -4.002  3.646   1.00 47.41  ? 80  TYR B N   1 
ATOM   629  C  CA  . TYR A 1 101 ? -12.286 -3.500  3.201   1.00 42.49  ? 80  TYR B CA  1 
ATOM   630  C  C   . TYR A 1 101 ? -11.971 -4.086  1.823   1.00 38.72  ? 80  TYR B C   1 
ATOM   631  O  O   . TYR A 1 101 ? -12.046 -5.291  1.626   1.00 45.00  ? 80  TYR B O   1 
ATOM   632  C  CB  . TYR A 1 101 ? -11.199 -3.860  4.205   1.00 42.13  ? 80  TYR B CB  1 
ATOM   633  C  CG  . TYR A 1 101 ? -11.202 -3.072  5.498   1.00 44.50  ? 80  TYR B CG  1 
ATOM   634  C  CD1 . TYR A 1 101 ? -10.892 -1.718  5.524   1.00 36.74  ? 80  TYR B CD1 1 
ATOM   635  C  CD2 . TYR A 1 101 ? -11.454 -3.696  6.712   1.00 42.44  ? 80  TYR B CD2 1 
ATOM   636  C  CE1 . TYR A 1 101 ? -10.865 -1.001  6.705   1.00 43.26  ? 80  TYR B CE1 1 
ATOM   637  C  CE2 . TYR A 1 101 ? -11.437 -2.987  7.908   1.00 44.87  ? 80  TYR B CE2 1 
ATOM   638  C  CZ  . TYR A 1 101 ? -11.144 -1.634  7.912   1.00 42.50  ? 80  TYR B CZ  1 
ATOM   639  O  OH  . TYR A 1 101 ? -11.095 -0.933  9.090   1.00 36.57  ? 80  TYR B OH  1 
ATOM   640  N  N   . ARG A 1 102 ? -11.555 -3.232  0.892   1.00 45.43  ? 81  ARG B N   1 
ATOM   641  C  CA  . ARG A 1 102 ? -11.124 -3.698  -0.396  1.00 47.90  ? 81  ARG B CA  1 
ATOM   642  C  C   . ARG A 1 102 ? -10.216 -2.655  -1.050  1.00 41.27  ? 81  ARG B C   1 
ATOM   643  O  O   . ARG A 1 102 ? -9.978  -1.606  -0.506  1.00 39.07  ? 81  ARG B O   1 
ATOM   644  C  CB  . ARG A 1 102 ? -12.357 -3.998  -1.252  1.00 51.83  ? 81  ARG B CB  1 
ATOM   645  C  CG  . ARG A 1 102 ? -13.193 -2.765  -1.568  1.00 58.40  ? 81  ARG B CG  1 
ATOM   646  C  CD  . ARG A 1 102 ? -14.263 -3.074  -2.602  1.00 65.78  ? 81  ARG B CD  1 
ATOM   647  N  NE  . ARG A 1 102 ? -15.129 -4.156  -2.161  1.00 70.02  ? 81  ARG B NE  1 
ATOM   648  C  CZ  . ARG A 1 102 ? -15.703 -5.029  -2.974  1.00 70.58  ? 81  ARG B CZ  1 
ATOM   649  N  NH1 . ARG A 1 102 ? -15.518 -4.930  -4.279  1.00 59.24  ? 81  ARG B NH1 1 
ATOM   650  N  NH2 . ARG A 1 102 ? -16.456 -5.993  -2.475  1.00 54.90  ? 81  ARG B NH2 1 
ATOM   651  N  N   . TRP A 1 103 ? -9.685  -2.997  -2.224  1.00 39.53  ? 82  TRP B N   1 
ATOM   652  C  CA  . TRP A 1 103 ? -8.802  -2.113  -2.929  1.00 37.83  ? 82  TRP B CA  1 
ATOM   653  C  C   . TRP A 1 103 ? -9.578  -0.905  -3.445  1.00 44.53  ? 82  TRP B C   1 
ATOM   654  O  O   . TRP A 1 103 ? -10.799 -0.954  -3.638  1.00 44.63  ? 82  TRP B O   1 
ATOM   655  C  CB  . TRP A 1 103 ? -8.057  -2.859  -4.031  1.00 37.94  ? 82  TRP B CB  1 
ATOM   656  C  CG  . TRP A 1 103 ? -7.297  -4.036  -3.506  1.00 40.12  ? 82  TRP B CG  1 
ATOM   657  C  CD1 . TRP A 1 103 ? -7.505  -5.351  -3.810  1.00 38.71  ? 82  TRP B CD1 1 
ATOM   658  C  CD2 . TRP A 1 103 ? -6.202  -4.004  -2.567  1.00 41.60  ? 82  TRP B CD2 1 
ATOM   659  N  NE1 . TRP A 1 103 ? -6.634  -6.138  -3.106  1.00 41.85  ? 82  TRP B NE1 1 
ATOM   660  C  CE2 . TRP A 1 103 ? -5.827  -5.346  -2.324  1.00 40.28  ? 82  TRP B CE2 1 
ATOM   661  C  CE3 . TRP A 1 103 ? -5.531  -2.985  -1.883  1.00 37.73  ? 82  TRP B CE3 1 
ATOM   662  C  CZ2 . TRP A 1 103 ? -4.799  -5.685  -1.444  1.00 39.53  ? 82  TRP B CZ2 1 
ATOM   663  C  CZ3 . TRP A 1 103 ? -4.519  -3.322  -1.017  1.00 37.67  ? 82  TRP B CZ3 1 
ATOM   664  C  CH2 . TRP A 1 103 ? -4.172  -4.650  -0.783  1.00 37.91  ? 82  TRP B CH2 1 
ATOM   665  N  N   . ILE A 1 104 ? -8.849  0.207   -3.582  1.00 40.26  ? 83  ILE B N   1 
ATOM   666  C  CA  . ILE A 1 104 ? -9.438  1.441   -3.982  1.00 47.18  ? 83  ILE B CA  1 
ATOM   667  C  C   . ILE A 1 104 ? -9.859  1.308   -5.457  1.00 47.99  ? 83  ILE B C   1 
ATOM   668  O  O   . ILE A 1 104 ? -10.658 2.079   -5.874  1.00 53.72  ? 83  ILE B O   1 
ATOM   669  C  CB  . ILE A 1 104 ? -8.511  2.669   -3.750  1.00 50.02  ? 83  ILE B CB  1 
ATOM   670  C  CG1 . ILE A 1 104 ? -7.156  2.529   -4.461  1.00 53.35  ? 83  ILE B CG1 1 
ATOM   671  C  CG2 . ILE A 1 104 ? -8.344  2.966   -2.257  1.00 46.85  ? 83  ILE B CG2 1 
ATOM   672  C  CD1 . ILE A 1 104 ? -6.284  3.766   -4.414  1.00 54.69  ? 83  ILE B CD1 1 
ATOM   673  N  N   . ASP A 1 105 ? -9.325  0.345   -6.230  1.00 50.74  ? 84  ASP B N   1 
ATOM   674  C  CA  . ASP A 1 105 ? -9.814  0.173   -7.622  1.00 55.88  ? 84  ASP B CA  1 
ATOM   675  C  C   . ASP A 1 105 ? -11.188 -0.503  -7.630  1.00 59.23  ? 84  ASP B C   1 
ATOM   676  O  O   . ASP A 1 105 ? -11.657 -0.806  -8.693  1.00 58.91  ? 84  ASP B O   1 
ATOM   677  C  CB  . ASP A 1 105 ? -8.860  -0.599  -8.538  1.00 50.97  ? 84  ASP B CB  1 
ATOM   678  C  CG  . ASP A 1 105 ? -8.456  -1.960  -8.024  1.00 54.06  ? 84  ASP B CG  1 
ATOM   679  O  OD1 . ASP A 1 105 ? -9.142  -2.464  -7.114  1.00 47.76  ? 84  ASP B OD1 1 
ATOM   680  O  OD2 . ASP A 1 105 ? -7.406  -2.471  -8.486  1.00 52.24  ? 84  ASP B OD2 1 
ATOM   681  N  N   . GLY A 1 106 ? -11.795 -0.732  -6.453  1.00 56.84  ? 85  GLY B N   1 
ATOM   682  C  CA  . GLY A 1 106 ? -13.094 -1.390  -6.312  1.00 53.37  ? 85  GLY B CA  1 
ATOM   683  C  C   . GLY A 1 106 ? -12.997 -2.914  -6.238  1.00 52.90  ? 85  GLY B C   1 
ATOM   684  O  O   . GLY A 1 106 ? -13.959 -3.565  -5.930  1.00 51.35  ? 85  GLY B O   1 
ATOM   685  N  N   . SER A 1 107 ? -11.819 -3.510  -6.462  1.00 49.84  ? 86  SER B N   1 
ATOM   686  C  CA  . SER A 1 107 ? -11.739 -4.976  -6.515  1.00 47.57  ? 86  SER B CA  1 
ATOM   687  C  C   . SER A 1 107 ? -11.563 -5.561  -5.114  1.00 51.76  ? 86  SER B C   1 
ATOM   688  O  O   . SER A 1 107 ? -10.835 -5.032  -4.280  1.00 50.11  ? 86  SER B O   1 
ATOM   689  C  CB  . SER A 1 107 ? -10.637 -5.422  -7.415  1.00 51.91  ? 86  SER B CB  1 
ATOM   690  O  OG  . SER A 1 107 ? -9.371  -5.142  -6.848  1.00 53.50  ? 86  SER B OG  1 
ATOM   691  N  N   . PRO A 1 108 ? -12.167 -6.718  -4.815  1.00 49.01  ? 87  PRO B N   1 
ATOM   692  C  CA  . PRO A 1 108 ? -12.028 -7.303  -3.491  1.00 45.70  ? 87  PRO B CA  1 
ATOM   693  C  C   . PRO A 1 108 ? -10.625 -7.906  -3.304  1.00 41.81  ? 87  PRO B C   1 
ATOM   694  O  O   . PRO A 1 108 ? -9.874  -8.151  -4.263  1.00 43.10  ? 87  PRO B O   1 
ATOM   695  C  CB  . PRO A 1 108 ? -13.162 -8.340  -3.436  1.00 48.82  ? 87  PRO B CB  1 
ATOM   696  C  CG  . PRO A 1 108 ? -13.427 -8.716  -4.890  1.00 53.16  ? 87  PRO B CG  1 
ATOM   697  C  CD  . PRO A 1 108 ? -12.996 -7.524  -5.726  1.00 54.75  ? 87  PRO B CD  1 
ATOM   698  N  N   . PHE A 1 109 ? -10.267 -8.118  -2.042  1.00 39.75  ? 88  PHE B N   1 
ATOM   699  C  CA  . PHE A 1 109 ? -9.043  -8.796  -1.706  1.00 43.86  ? 88  PHE B CA  1 
ATOM   700  C  C   . PHE A 1 109 ? -9.081  -10.204 -2.297  1.00 44.99  ? 88  PHE B C   1 
ATOM   701  O  O   . PHE A 1 109 ? -10.126 -10.805 -2.358  1.00 46.25  ? 88  PHE B O   1 
ATOM   702  C  CB  . PHE A 1 109 ? -8.869  -8.875  -0.188  1.00 45.31  ? 88  PHE B CB  1 
ATOM   703  C  CG  . PHE A 1 109 ? -8.700  -7.566  0.552   1.00 42.73  ? 88  PHE B CG  1 
ATOM   704  C  CD1 . PHE A 1 109 ? -8.174  -6.431  -0.063  1.00 41.61  ? 88  PHE B CD1 1 
ATOM   705  C  CD2 . PHE A 1 109 ? -9.019  -7.482  1.904   1.00 43.25  ? 88  PHE B CD2 1 
ATOM   706  C  CE1 . PHE A 1 109 ? -7.995  -5.246  0.640   1.00 39.65  ? 88  PHE B CE1 1 
ATOM   707  C  CE2 . PHE A 1 109 ? -8.826  -6.299  2.612   1.00 40.38  ? 88  PHE B CE2 1 
ATOM   708  C  CZ  . PHE A 1 109 ? -8.341  -5.177  1.973   1.00 42.33  ? 88  PHE B CZ  1 
ATOM   709  N  N   . THR A 1 110 ? -7.918  -10.705 -2.701  1.00 39.38  ? 89  THR B N   1 
ATOM   710  C  CA  . THR A 1 110 ? -7.723  -12.050 -3.059  1.00 39.02  ? 89  THR B CA  1 
ATOM   711  C  C   . THR A 1 110 ? -6.742  -12.615 -2.052  1.00 41.15  ? 89  THR B C   1 
ATOM   712  O  O   . THR A 1 110 ? -7.148  -13.226 -1.097  1.00 45.43  ? 89  THR B O   1 
ATOM   713  C  CB  . THR A 1 110 ? -7.247  -12.164 -4.514  1.00 41.74  ? 89  THR B CB  1 
ATOM   714  O  OG1 . THR A 1 110 ? -6.165  -11.267 -4.780  1.00 44.11  ? 89  THR B OG1 1 
ATOM   715  C  CG2 . THR A 1 110 ? -8.371  -11.873 -5.482  1.00 44.53  ? 89  THR B CG2 1 
ATOM   716  N  N   . PHE A 1 111 ? -5.460  -12.298 -2.221  1.00 37.38  ? 90  PHE B N   1 
ATOM   717  C  CA  . PHE A 1 111 ? -4.504  -12.435 -1.113  1.00 39.12  ? 90  PHE B CA  1 
ATOM   718  C  C   . PHE A 1 111 ? -5.004  -11.648 0.118   1.00 34.37  ? 90  PHE B C   1 
ATOM   719  O  O   . PHE A 1 111 ? -5.582  -10.549 0.017   1.00 38.22  ? 90  PHE B O   1 
ATOM   720  C  CB  . PHE A 1 111 ? -3.112  -12.033 -1.587  1.00 36.31  ? 90  PHE B CB  1 
ATOM   721  C  CG  . PHE A 1 111 ? -2.123  -11.974 -0.460  1.00 36.95  ? 90  PHE B CG  1 
ATOM   722  C  CD1 . PHE A 1 111 ? -1.577  -13.122 0.057   1.00 37.77  ? 90  PHE B CD1 1 
ATOM   723  C  CD2 . PHE A 1 111 ? -1.810  -10.760 0.125   1.00 40.47  ? 90  PHE B CD2 1 
ATOM   724  C  CE1 . PHE A 1 111 ? -0.697  -13.069 1.128   1.00 43.87  ? 90  PHE B CE1 1 
ATOM   725  C  CE2 . PHE A 1 111 ? -0.929  -10.705 1.188   1.00 37.43  ? 90  PHE B CE2 1 
ATOM   726  C  CZ  . PHE A 1 111 ? -0.374  -11.854 1.680   1.00 38.11  ? 90  PHE B CZ  1 
ATOM   727  N  N   . ILE A 1 112 ? -4.881  -12.273 1.291   1.00 40.97  ? 91  ILE B N   1 
ATOM   728  C  CA  . ILE A 1 112 ? -5.277  -11.678 2.557   1.00 40.84  ? 91  ILE B CA  1 
ATOM   729  C  C   . ILE A 1 112 ? -3.996  -11.492 3.363   1.00 34.59  ? 91  ILE B C   1 
ATOM   730  O  O   . ILE A 1 112 ? -3.367  -12.442 3.708   1.00 39.66  ? 91  ILE B O   1 
ATOM   731  C  CB  . ILE A 1 112 ? -6.284  -12.566 3.326   1.00 43.45  ? 91  ILE B CB  1 
ATOM   732  C  CG1 . ILE A 1 112 ? -7.516  -12.904 2.481   1.00 45.96  ? 91  ILE B CG1 1 
ATOM   733  C  CG2 . ILE A 1 112 ? -6.684  -11.918 4.635   1.00 42.41  ? 91  ILE B CG2 1 
ATOM   734  C  CD1 . ILE A 1 112 ? -8.311  -11.713 2.033   1.00 49.27  ? 91  ILE B CD1 1 
ATOM   735  N  N   . GLY A 1 113 ? -3.645  -10.253 3.688   1.00 33.69  ? 92  GLY B N   1 
ATOM   736  C  CA  . GLY A 1 113 ? -2.344  -9.969  4.277   1.00 32.08  ? 92  GLY B CA  1 
ATOM   737  C  C   . GLY A 1 113 ? -2.417  -9.298  5.653   1.00 33.25  ? 92  GLY B C   1 
ATOM   738  O  O   . GLY A 1 113 ? -1.412  -8.729  6.123   1.00 33.09  ? 92  GLY B O   1 
ATOM   739  N  N   . TRP A 1 114 ? -3.581  -9.315  6.307   1.00 33.40  ? 93  TRP B N   1 
ATOM   740  C  CA  . TRP A 1 114 ? -3.721  -8.707  7.663   1.00 34.58  ? 93  TRP B CA  1 
ATOM   741  C  C   . TRP A 1 114 ? -2.681  -9.293  8.622   1.00 35.23  ? 93  TRP B C   1 
ATOM   742  O  O   . TRP A 1 114 ? -2.401  -10.464 8.566   1.00 34.13  ? 93  TRP B O   1 
ATOM   743  C  CB  . TRP A 1 114 ? -5.095  -8.985  8.235   1.00 36.48  ? 93  TRP B CB  1 
ATOM   744  C  CG  . TRP A 1 114 ? -6.242  -8.407  7.471   1.00 36.62  ? 93  TRP B CG  1 
ATOM   745  C  CD1 . TRP A 1 114 ? -7.216  -9.084  6.806   1.00 39.75  ? 93  TRP B CD1 1 
ATOM   746  C  CD2 . TRP A 1 114 ? -6.598  -7.021  7.385   1.00 36.49  ? 93  TRP B CD2 1 
ATOM   747  N  NE1 . TRP A 1 114 ? -8.151  -8.215  6.308   1.00 35.61  ? 93  TRP B NE1 1 
ATOM   748  C  CE2 . TRP A 1 114 ? -7.800  -6.943  6.657   1.00 39.45  ? 93  TRP B CE2 1 
ATOM   749  C  CE3 . TRP A 1 114 ? -6.003  -5.846  7.840   1.00 36.52  ? 93  TRP B CE3 1 
ATOM   750  C  CZ2 . TRP A 1 114 ? -8.412  -5.728  6.370   1.00 36.64  ? 93  TRP B CZ2 1 
ATOM   751  C  CZ3 . TRP A 1 114 ? -6.638  -4.656  7.608   1.00 36.31  ? 93  TRP B CZ3 1 
ATOM   752  C  CH2 . TRP A 1 114 ? -7.813  -4.599  6.870   1.00 37.31  ? 93  TRP B CH2 1 
ATOM   753  N  N   . GLY A 1 115 ? -2.123  -8.480  9.520   1.00 37.10  ? 94  GLY B N   1 
ATOM   754  C  CA  . GLY A 1 115 ? -1.222  -9.012  10.555  1.00 35.03  ? 94  GLY B CA  1 
ATOM   755  C  C   . GLY A 1 115 ? -2.026  -9.696  11.671  1.00 35.14  ? 94  GLY B C   1 
ATOM   756  O  O   . GLY A 1 115 ? -3.276  -9.662  11.672  1.00 32.00  ? 94  GLY B O   1 
ATOM   757  N  N   . PRO A 1 116 ? -1.318  -10.316 12.651  1.00 37.19  ? 95  PRO B N   1 
ATOM   758  C  CA  . PRO A 1 116 ? -1.986  -10.942 13.793  1.00 36.89  ? 95  PRO B CA  1 
ATOM   759  C  C   . PRO A 1 116 ? -3.024  -9.990  14.408  1.00 35.77  ? 95  PRO B C   1 
ATOM   760  O  O   . PRO A 1 116 ? -2.767  -8.861  14.716  1.00 36.01  ? 95  PRO B O   1 
ATOM   761  C  CB  . PRO A 1 116 ? -0.790  -11.351 14.685  1.00 37.42  ? 95  PRO B CB  1 
ATOM   762  C  CG  . PRO A 1 116 ? 0.336   -11.650 13.703  1.00 36.01  ? 95  PRO B CG  1 
ATOM   763  C  CD  . PRO A 1 116 ? 0.162   -10.466 12.745  1.00 37.51  ? 95  PRO B CD  1 
ATOM   764  N  N   . GLY A 1 117 ? -4.267  -10.458 14.533  1.00 42.48  ? 96  GLY B N   1 
ATOM   765  C  CA  . GLY A 1 117 ? -5.273  -9.751  15.288  1.00 42.75  ? 96  GLY B CA  1 
ATOM   766  C  C   . GLY A 1 117 ? -5.985  -8.712  14.446  1.00 45.71  ? 96  GLY B C   1 
ATOM   767  O  O   . GLY A 1 117 ? -6.876  -8.066  14.946  1.00 43.58  ? 96  GLY B O   1 
ATOM   768  N  N   . LYS A 1 118 ? -5.595  -8.556  13.174  1.00 41.30  ? 97  LYS B N   1 
ATOM   769  C  CA  . LYS A 1 118 ? -6.198  -7.508  12.296  1.00 39.26  ? 97  LYS B CA  1 
ATOM   770  C  C   . LYS A 1 118 ? -7.221  -8.149  11.373  1.00 35.35  ? 97  LYS B C   1 
ATOM   771  O  O   . LYS A 1 118 ? -7.095  -9.330  11.070  1.00 37.55  ? 97  LYS B O   1 
ATOM   772  C  CB  . LYS A 1 118 ? -5.082  -6.812  11.505  1.00 36.96  ? 97  LYS B CB  1 
ATOM   773  C  CG  . LYS A 1 118 ? -3.956  -6.261  12.365  1.00 37.22  ? 97  LYS B CG  1 
ATOM   774  C  CD  . LYS A 1 118 ? -4.443  -5.365  13.474  1.00 40.56  ? 97  LYS B CD  1 
ATOM   775  C  CE  . LYS A 1 118 ? -3.377  -4.753  14.349  1.00 41.00  ? 97  LYS B CE  1 
ATOM   776  N  NZ  . LYS A 1 118 ? -3.895  -3.591  15.106  1.00 44.70  ? 97  LYS B NZ  1 
ATOM   777  N  N   . PRO A 1 119 ? -8.209  -7.397  10.876  1.00 37.78  ? 98  PRO B N   1 
ATOM   778  C  CA  . PRO A 1 119 ? -8.455  -5.979  11.075  1.00 35.69  ? 98  PRO B CA  1 
ATOM   779  C  C   . PRO A 1 119 ? -9.119  -5.679  12.429  1.00 42.68  ? 98  PRO B C   1 
ATOM   780  O  O   . PRO A 1 119 ? -9.764  -6.574  12.967  1.00 42.71  ? 98  PRO B O   1 
ATOM   781  C  CB  . PRO A 1 119 ? -9.472  -5.621  9.976   1.00 36.63  ? 98  PRO B CB  1 
ATOM   782  C  CG  . PRO A 1 119 ? -10.227 -6.910  9.756   1.00 36.84  ? 98  PRO B CG  1 
ATOM   783  C  CD  . PRO A 1 119 ? -9.213  -8.010  9.978   1.00 40.88  ? 98  PRO B CD  1 
ATOM   784  N  N   . ASP A 1 120 ? -8.955  -4.454  12.943  1.00 41.04  ? 99  ASP B N   1 
ATOM   785  C  CA  . ASP A 1 120 ? -9.656  -3.935  14.132  1.00 41.68  ? 99  ASP B CA  1 
ATOM   786  C  C   . ASP A 1 120 ? -11.107 -3.607  13.747  1.00 44.58  ? 99  ASP B C   1 
ATOM   787  O  O   . ASP A 1 120 ? -11.952 -3.510  14.587  1.00 42.40  ? 99  ASP B O   1 
ATOM   788  C  CB  . ASP A 1 120 ? -8.923  -2.713  14.682  1.00 38.35  ? 99  ASP B CB  1 
ATOM   789  C  CG  . ASP A 1 120 ? -7.500  -3.058  15.132  1.00 41.50  ? 99  ASP B CG  1 
ATOM   790  O  OD1 . ASP A 1 120 ? -7.400  -3.802  16.109  1.00 47.41  ? 99  ASP B OD1 1 
ATOM   791  O  OD2 . ASP A 1 120 ? -6.519  -2.676  14.422  1.00 47.05  ? 99  ASP B OD2 1 
ATOM   792  N  N   . ASN A 1 121 ? -11.340 -3.354  12.463  1.00 39.44  ? 100 ASN B N   1 
ATOM   793  C  CA  . ASN A 1 121 ? -12.612 -2.923  11.924  1.00 44.26  ? 100 ASN B CA  1 
ATOM   794  C  C   . ASN A 1 121 ? -13.022 -1.576  12.506  1.00 50.04  ? 100 ASN B C   1 
ATOM   795  O  O   . ASN A 1 121 ? -14.066 -1.453  13.133  1.00 46.90  ? 100 ASN B O   1 
ATOM   796  C  CB  . ASN A 1 121 ? -13.714 -3.975  12.092  1.00 45.01  ? 100 ASN B CB  1 
ATOM   797  C  CG  . ASN A 1 121 ? -13.431 -5.175  11.211  1.00 45.66  ? 100 ASN B CG  1 
ATOM   798  O  OD1 . ASN A 1 121 ? -13.494 -6.303  11.673  1.00 53.21  ? 100 ASN B OD1 1 
ATOM   799  N  ND2 . ASN A 1 121 ? -13.053 -4.945  9.962   1.00 44.37  ? 100 ASN B ND2 1 
ATOM   800  N  N   . ASN A 1 122 ? -12.242 -0.554  12.152  1.00 45.73  ? 101 ASN B N   1 
ATOM   801  C  CA  . ASN A 1 122 ? -12.440 0.802   12.599  1.00 40.12  ? 101 ASN B CA  1 
ATOM   802  C  C   . ASN A 1 122 ? -12.839 1.663   11.394  1.00 33.27  ? 101 ASN B C   1 
ATOM   803  O  O   . ASN A 1 122 ? -12.763 2.862   11.416  1.00 40.75  ? 101 ASN B O   1 
ATOM   804  C  CB  . ASN A 1 122 ? -11.193 1.303   13.333  1.00 40.53  ? 101 ASN B CB  1 
ATOM   805  C  CG  . ASN A 1 122 ? -9.908  1.187   12.534  1.00 43.73  ? 101 ASN B CG  1 
ATOM   806  O  OD1 . ASN A 1 122 ? -9.967  1.115   11.302  1.00 40.81  ? 101 ASN B OD1 1 
ATOM   807  N  ND2 . ASN A 1 122 ? -8.764  1.193   13.222  1.00 33.26  ? 101 ASN B ND2 1 
ATOM   808  N  N   . LYS A 1 123 ? -13.247 0.999   10.326  1.00 40.39  ? 102 LYS B N   1 
ATOM   809  C  CA  . LYS A 1 123 ? -13.620 1.618   9.075   1.00 42.73  ? 102 LYS B CA  1 
ATOM   810  C  C   . LYS A 1 123 ? -12.509 2.567   8.596   1.00 41.54  ? 102 LYS B C   1 
ATOM   811  O  O   . LYS A 1 123 ? -12.788 3.591   8.031   1.00 42.24  ? 102 LYS B O   1 
ATOM   812  C  CB  . LYS A 1 123 ? -14.947 2.367   9.217   1.00 49.70  ? 102 LYS B CB  1 
ATOM   813  C  CG  . LYS A 1 123 ? -16.132 1.535   9.702   1.00 51.88  ? 102 LYS B CG  1 
ATOM   814  C  CD  . LYS A 1 123 ? -17.446 2.245   9.459   1.00 56.88  ? 102 LYS B CD  1 
ATOM   815  C  CE  . LYS A 1 123 ? -18.656 1.377   9.709   1.00 67.09  ? 102 LYS B CE  1 
ATOM   816  N  NZ  . LYS A 1 123 ? -19.806 1.887   8.930   1.00 76.36  ? 102 LYS B NZ  1 
ATOM   817  N  N   . GLY A 1 124 ? -11.239 2.195   8.777   1.00 38.27  ? 103 GLY B N   1 
ATOM   818  C  CA  . GLY A 1 124 ? -10.159 3.088   8.474   1.00 41.21  ? 103 GLY B CA  1 
ATOM   819  C  C   . GLY A 1 124 ? -9.511  2.826   7.124   1.00 38.51  ? 103 GLY B C   1 
ATOM   820  O  O   . GLY A 1 124 ? -10.152 2.356   6.190   1.00 42.38  ? 103 GLY B O   1 
ATOM   821  N  N   . CYS A 1 125 ? -8.209  3.135   7.060   1.00 33.88  ? 104 CYS B N   1 
ATOM   822  C  CA  . CYS A 1 125 ? -7.369  3.067   5.846   1.00 34.42  ? 104 CYS B CA  1 
ATOM   823  C  C   . CYS A 1 125 ? -6.170  2.156   6.118   1.00 35.78  ? 104 CYS B C   1 
ATOM   824  O  O   . CYS A 1 125 ? -5.659  2.112   7.238   1.00 36.47  ? 104 CYS B O   1 
ATOM   825  C  CB  . CYS A 1 125 ? -6.862  4.455   5.488   1.00 38.79  ? 104 CYS B CB  1 
ATOM   826  S  SG  . CYS A 1 125 ? -8.145  5.502   4.750   1.00 43.65  ? 104 CYS B SG  1 
ATOM   827  N  N   . LEU A 1 126 ? -5.701  1.440   5.101   1.00 34.01  ? 105 LEU B N   1 
ATOM   828  C  CA  . LEU A 1 126 ? -4.757  0.382   5.354   1.00 32.66  ? 105 LEU B CA  1 
ATOM   829  C  C   . LEU A 1 126 ? -3.337  0.913   5.176   1.00 32.25  ? 105 LEU B C   1 
ATOM   830  O  O   . LEU A 1 126 ? -3.047  1.779   4.308   1.00 30.53  ? 105 LEU B O   1 
ATOM   831  C  CB  . LEU A 1 126 ? -5.014  -0.819  4.443   1.00 33.23  ? 105 LEU B CB  1 
ATOM   832  C  CG  . LEU A 1 126 ? -6.034  -1.829  4.959   1.00 35.07  ? 105 LEU B CG  1 
ATOM   833  C  CD1 . LEU A 1 126 ? -7.465  -1.344  4.738   1.00 37.81  ? 105 LEU B CD1 1 
ATOM   834  C  CD2 . LEU A 1 126 ? -5.810  -3.156  4.274   1.00 37.38  ? 105 LEU B CD2 1 
ATOM   835  N  N   . ASP A 1 127 ? -2.464  0.349   6.011   1.00 31.66  ? 106 ASP B N   1 
ATOM   836  C  CA  . ASP A 1 127 ? -1.028  0.490   5.884   1.00 30.79  ? 106 ASP B CA  1 
ATOM   837  C  C   . ASP A 1 127 ? -0.364  -0.874  6.024   1.00 28.63  ? 106 ASP B C   1 
ATOM   838  O  O   . ASP A 1 127 ? -0.988  -1.827  6.375   1.00 32.82  ? 106 ASP B O   1 
ATOM   839  C  CB  . ASP A 1 127 ? -0.465  1.522   6.859   1.00 30.78  ? 106 ASP B CB  1 
ATOM   840  C  CG  . ASP A 1 127 ? -0.813  1.296   8.332   1.00 31.61  ? 106 ASP B CG  1 
ATOM   841  O  OD1 . ASP A 1 127 ? -1.062  0.137   8.680   1.00 29.59  ? 106 ASP B OD1 1 
ATOM   842  O  OD2 . ASP A 1 127 ? -0.713  2.287   9.115   1.00 31.48  ? 106 ASP B OD2 1 
ATOM   843  N  N   . TYR A 1 128 ? 0.882   -0.968  5.555   1.00 31.06  ? 107 TYR B N   1 
ATOM   844  C  CA  . TYR A 1 128 ? 1.773   -1.955  6.063   1.00 32.32  ? 107 TYR B CA  1 
ATOM   845  C  C   . TYR A 1 128 ? 2.291   -1.415  7.381   1.00 30.61  ? 107 TYR B C   1 
ATOM   846  O  O   . TYR A 1 128 ? 2.655   -0.261  7.437   1.00 31.38  ? 107 TYR B O   1 
ATOM   847  C  CB  . TYR A 1 128 ? 2.941   -2.236  5.111   1.00 33.05  ? 107 TYR B CB  1 
ATOM   848  C  CG  . TYR A 1 128 ? 2.605   -3.295  4.103   1.00 33.34  ? 107 TYR B CG  1 
ATOM   849  C  CD1 . TYR A 1 128 ? 1.967   -2.965  2.912   1.00 34.38  ? 107 TYR B CD1 1 
ATOM   850  C  CD2 . TYR A 1 128 ? 2.867   -4.622  4.339   1.00 35.27  ? 107 TYR B CD2 1 
ATOM   851  C  CE1 . TYR A 1 128 ? 1.611   -3.931  1.986   1.00 35.11  ? 107 TYR B CE1 1 
ATOM   852  C  CE2 . TYR A 1 128 ? 2.534   -5.604  3.412   1.00 35.44  ? 107 TYR B CE2 1 
ATOM   853  C  CZ  . TYR A 1 128 ? 1.881   -5.261  2.239   1.00 37.40  ? 107 TYR B CZ  1 
ATOM   854  O  OH  . TYR A 1 128 ? 1.504   -6.215  1.340   1.00 36.23  ? 107 TYR B OH  1 
ATOM   855  N  N   . LEU A 1 129 ? 2.261   -2.229  8.433   1.00 31.67  ? 108 LEU B N   1 
ATOM   856  C  CA  . LEU A 1 129 ? 2.655   -1.754  9.750   1.00 28.32  ? 108 LEU B CA  1 
ATOM   857  C  C   . LEU A 1 129 ? 3.736   -2.681  10.293  1.00 27.87  ? 108 LEU B C   1 
ATOM   858  O  O   . LEU A 1 129 ? 3.701   -3.879  10.106  1.00 30.33  ? 108 LEU B O   1 
ATOM   859  C  CB  . LEU A 1 129 ? 1.429   -1.763  10.673  1.00 30.18  ? 108 LEU B CB  1 
ATOM   860  C  CG  . LEU A 1 129 ? 1.640   -1.465  12.171  1.00 29.83  ? 108 LEU B CG  1 
ATOM   861  C  CD1 . LEU A 1 129 ? 2.128   -0.043  12.385  1.00 31.71  ? 108 LEU B CD1 1 
ATOM   862  C  CD2 . LEU A 1 129 ? 0.315   -1.647  12.930  1.00 31.47  ? 108 LEU B CD2 1 
ATOM   863  N  N   . ASN A 1 130 ? 4.685   -2.090  11.010  1.00 32.10  ? 109 ASN B N   1 
ATOM   864  C  CA  . ASN A 1 130 ? 5.697   -2.827  11.710  1.00 31.57  ? 109 ASN B CA  1 
ATOM   865  C  C   . ASN A 1 130 ? 5.588   -2.422  13.177  1.00 34.86  ? 109 ASN B C   1 
ATOM   866  O  O   . ASN A 1 130 ? 6.132   -1.404  13.543  1.00 31.65  ? 109 ASN B O   1 
ATOM   867  C  CB  . ASN A 1 130 ? 7.102   -2.552  11.196  1.00 27.82  ? 109 ASN B CB  1 
ATOM   868  C  CG  . ASN A 1 130 ? 8.106   -3.476  11.856  1.00 32.91  ? 109 ASN B CG  1 
ATOM   869  O  OD1 . ASN A 1 130 ? 7.787   -4.626  12.175  1.00 34.47  ? 109 ASN B OD1 1 
ATOM   870  N  ND2 . ASN A 1 130 ? 9.326   -2.995  11.994  1.00 34.42  ? 109 ASN B ND2 1 
ATOM   871  N  N   . TYR A 1 131 ? 4.809   -3.170  13.968  1.00 33.73  ? 110 TYR B N   1 
ATOM   872  C  CA  . TYR A 1 131 ? 4.616   -2.801  15.368  1.00 35.80  ? 110 TYR B CA  1 
ATOM   873  C  C   . TYR A 1 131 ? 4.212   -4.033  16.167  1.00 35.16  ? 110 TYR B C   1 
ATOM   874  O  O   . TYR A 1 131 ? 3.190   -4.612  15.867  1.00 31.88  ? 110 TYR B O   1 
ATOM   875  C  CB  . TYR A 1 131 ? 3.500   -1.750  15.518  1.00 39.31  ? 110 TYR B CB  1 
ATOM   876  C  CG  . TYR A 1 131 ? 3.300   -1.229  16.925  1.00 42.12  ? 110 TYR B CG  1 
ATOM   877  C  CD1 . TYR A 1 131 ? 4.353   -0.640  17.618  1.00 47.73  ? 110 TYR B CD1 1 
ATOM   878  C  CD2 . TYR A 1 131 ? 2.080   -1.346  17.586  1.00 44.38  ? 110 TYR B CD2 1 
ATOM   879  C  CE1 . TYR A 1 131 ? 4.192   -0.165  18.909  1.00 58.30  ? 110 TYR B CE1 1 
ATOM   880  C  CE2 . TYR A 1 131 ? 1.909   -0.900  18.890  1.00 44.50  ? 110 TYR B CE2 1 
ATOM   881  C  CZ  . TYR A 1 131 ? 2.963   -0.292  19.540  1.00 53.30  ? 110 TYR B CZ  1 
ATOM   882  O  OH  . TYR A 1 131 ? 2.822   0.146   20.813  1.00 57.32  ? 110 TYR B OH  1 
ATOM   883  N  N   . LYS A 1 132 ? 4.990   -4.359  17.201  1.00 35.55  ? 111 LYS B N   1 
ATOM   884  C  CA  . LYS A 1 132 ? 4.748   -5.509  18.069  1.00 36.04  ? 111 LYS B CA  1 
ATOM   885  C  C   . LYS A 1 132 ? 4.663   -6.768  17.204  1.00 33.05  ? 111 LYS B C   1 
ATOM   886  O  O   . LYS A 1 132 ? 5.591   -7.075  16.466  1.00 38.12  ? 111 LYS B O   1 
ATOM   887  C  CB  . LYS A 1 132 ? 3.496   -5.354  18.943  1.00 41.94  ? 111 LYS B CB  1 
ATOM   888  C  CG  . LYS A 1 132 ? 3.271   -4.029  19.649  1.00 50.60  ? 111 LYS B CG  1 
ATOM   889  C  CD  . LYS A 1 132 ? 3.821   -3.980  21.016  1.00 60.55  ? 111 LYS B CD  1 
ATOM   890  C  CE  . LYS A 1 132 ? 5.329   -4.090  20.952  1.00 63.80  ? 111 LYS B CE  1 
ATOM   891  N  NZ  . LYS A 1 132 ? 5.948   -3.664  22.227  1.00 73.26  ? 111 LYS B NZ  1 
ATOM   892  N  N   . GLU A 1 133 ? 3.531   -7.472  17.248  1.00 34.75  ? 112 GLU B N   1 
ATOM   893  C  CA  . GLU A 1 133 ? 3.466   -8.735  16.559  1.00 41.29  ? 112 GLU B CA  1 
ATOM   894  C  C   . GLU A 1 133 ? 3.019   -8.523  15.106  1.00 39.05  ? 112 GLU B C   1 
ATOM   895  O  O   . GLU A 1 133 ? 3.025   -9.517  14.387  1.00 33.29  ? 112 GLU B O   1 
ATOM   896  C  CB  . GLU A 1 133 ? 2.539   -9.801  17.164  1.00 56.55  ? 112 GLU B CB  1 
ATOM   897  C  CG  . GLU A 1 133 ? 1.228   -9.277  17.663  1.00 68.36  ? 112 GLU B CG  1 
ATOM   898  C  CD  . GLU A 1 133 ? 1.433   -8.961  19.130  1.00 83.48  ? 112 GLU B CD  1 
ATOM   899  O  OE1 . GLU A 1 133 ? 1.604   -7.756  19.459  1.00 63.72  ? 112 GLU B OE1 1 
ATOM   900  O  OE2 . GLU A 1 133 ? 1.531   -9.935  19.913  1.00 84.46  ? 112 GLU B OE2 1 
ATOM   901  N  N   . VAL A 1 134 ? 2.738   -7.274  14.689  1.00 34.64  ? 113 VAL B N   1 
ATOM   902  C  CA  . VAL A 1 134 ? 2.466   -7.005  13.280  1.00 33.93  ? 113 VAL B CA  1 
ATOM   903  C  C   . VAL A 1 134 ? 3.795   -6.727  12.598  1.00 29.26  ? 113 VAL B C   1 
ATOM   904  O  O   . VAL A 1 134 ? 4.427   -5.684  12.849  1.00 33.47  ? 113 VAL B O   1 
ATOM   905  C  CB  . VAL A 1 134 ? 1.464   -5.867  13.087  1.00 32.96  ? 113 VAL B CB  1 
ATOM   906  C  CG1 . VAL A 1 134 ? 1.193   -5.592  11.611  1.00 35.19  ? 113 VAL B CG1 1 
ATOM   907  C  CG2 . VAL A 1 134 ? 0.177   -6.194  13.810  1.00 37.03  ? 113 VAL B CG2 1 
ATOM   908  N  N   . VAL A 1 135 ? 4.230   -7.667  11.758  1.00 34.11  ? 114 VAL B N   1 
ATOM   909  C  CA  . VAL A 1 135 ? 5.583   -7.602  11.245  1.00 33.43  ? 114 VAL B CA  1 
ATOM   910  C  C   . VAL A 1 135 ? 5.551   -7.288  9.734   1.00 31.77  ? 114 VAL B C   1 
ATOM   911  O  O   . VAL A 1 135 ? 5.678   -8.150  8.926   1.00 32.67  ? 114 VAL B O   1 
ATOM   912  C  CB  . VAL A 1 135 ? 6.333   -8.886  11.599  1.00 37.88  ? 114 VAL B CB  1 
ATOM   913  C  CG1 . VAL A 1 135 ? 7.763   -8.840  11.071  1.00 43.21  ? 114 VAL B CG1 1 
ATOM   914  C  CG2 . VAL A 1 135 ? 6.313   -9.109  13.133  1.00 38.86  ? 114 VAL B CG2 1 
ATOM   915  N  N   . TRP A 1 136 ? 5.389   -6.020  9.401   1.00 31.05  ? 115 TRP B N   1 
ATOM   916  C  CA  . TRP A 1 136 ? 5.165   -5.569  8.012   1.00 30.28  ? 115 TRP B CA  1 
ATOM   917  C  C   . TRP A 1 136 ? 4.036   -6.363  7.382   1.00 31.62  ? 115 TRP B C   1 
ATOM   918  O  O   . TRP A 1 136 ? 4.229   -7.115  6.427   1.00 31.11  ? 115 TRP B O   1 
ATOM   919  C  CB  . TRP A 1 136 ? 6.480   -5.637  7.212   1.00 30.32  ? 115 TRP B CB  1 
ATOM   920  C  CG  . TRP A 1 136 ? 7.458   -4.570  7.603   1.00 30.12  ? 115 TRP B CG  1 
ATOM   921  C  CD1 . TRP A 1 136 ? 8.730   -4.775  8.060   1.00 32.27  ? 115 TRP B CD1 1 
ATOM   922  C  CD2 . TRP A 1 136 ? 7.272   -3.141  7.591   1.00 31.18  ? 115 TRP B CD2 1 
ATOM   923  N  NE1 . TRP A 1 136 ? 9.349   -3.583  8.303   1.00 33.37  ? 115 TRP B NE1 1 
ATOM   924  C  CE2 . TRP A 1 136 ? 8.474   -2.568  8.049   1.00 32.74  ? 115 TRP B CE2 1 
ATOM   925  C  CE3 . TRP A 1 136 ? 6.197   -2.289  7.321   1.00 29.63  ? 115 TRP B CE3 1 
ATOM   926  C  CZ2 . TRP A 1 136 ? 8.631   -1.190  8.189   1.00 32.75  ? 115 TRP B CZ2 1 
ATOM   927  C  CZ3 . TRP A 1 136 ? 6.337   -0.939  7.498   1.00 29.48  ? 115 TRP B CZ3 1 
ATOM   928  C  CH2 . TRP A 1 136 ? 7.547   -0.395  7.924   1.00 31.88  ? 115 TRP B CH2 1 
ATOM   929  N  N   . GLN A 1 137 ? 2.842   -6.184  7.965   1.00 30.16  ? 116 GLN B N   1 
ATOM   930  C  CA  . GLN A 1 137 ? 1.619   -6.779  7.544   1.00 29.53  ? 116 GLN B CA  1 
ATOM   931  C  C   . GLN A 1 137 ? 0.544   -5.691  7.601   1.00 30.33  ? 116 GLN B C   1 
ATOM   932  O  O   . GLN A 1 137 ? 0.764   -4.628  8.119   1.00 31.52  ? 116 GLN B O   1 
ATOM   933  C  CB  . GLN A 1 137 ? 1.288   -8.014  8.386   1.00 33.71  ? 116 GLN B CB  1 
ATOM   934  C  CG  . GLN A 1 137 ? 2.304   -9.147  8.247   1.00 36.61  ? 116 GLN B CG  1 
ATOM   935  C  CD  . GLN A 1 137 ? 2.139   -10.205 9.324   1.00 40.11  ? 116 GLN B CD  1 
ATOM   936  O  OE1 . GLN A 1 137 ? 2.430   -9.947  10.489  1.00 36.84  ? 116 GLN B OE1 1 
ATOM   937  N  NE2 . GLN A 1 137 ? 1.678   -11.400 8.950   1.00 31.78  ? 116 GLN B NE2 1 
ATOM   938  N  N   . TRP A 1 138 ? -0.651  -5.948  7.069   1.00 26.84  ? 117 TRP B N   1 
ATOM   939  C  CA  . TRP A 1 138 ? -1.603  -4.894  6.964   1.00 32.17  ? 117 TRP B CA  1 
ATOM   940  C  C   . TRP A 1 138 ? -2.281  -4.576  8.329   1.00 32.07  ? 117 TRP B C   1 
ATOM   941  O  O   . TRP A 1 138 ? -2.537  -5.472  9.109   1.00 35.90  ? 117 TRP B O   1 
ATOM   942  C  CB  . TRP A 1 138 ? -2.700  -5.281  5.978   1.00 29.92  ? 117 TRP B CB  1 
ATOM   943  C  CG  . TRP A 1 138 ? -2.282  -5.767  4.634   1.00 32.93  ? 117 TRP B CG  1 
ATOM   944  C  CD1 . TRP A 1 138 ? -1.093  -5.639  3.976   1.00 34.30  ? 117 TRP B CD1 1 
ATOM   945  C  CD2 . TRP A 1 138 ? -3.192  -6.392  3.737   1.00 34.44  ? 117 TRP B CD2 1 
ATOM   946  N  NE1 . TRP A 1 138 ? -1.189  -6.204  2.741   1.00 37.65  ? 117 TRP B NE1 1 
ATOM   947  C  CE2 . TRP A 1 138 ? -2.470  -6.662  2.562   1.00 37.00  ? 117 TRP B CE2 1 
ATOM   948  C  CE3 . TRP A 1 138 ? -4.528  -6.789  3.848   1.00 33.75  ? 117 TRP B CE3 1 
ATOM   949  C  CZ2 . TRP A 1 138 ? -3.062  -7.334  1.497   1.00 37.71  ? 117 TRP B CZ2 1 
ATOM   950  C  CZ3 . TRP A 1 138 ? -5.121  -7.418  2.773   1.00 36.45  ? 117 TRP B CZ3 1 
ATOM   951  C  CH2 . TRP A 1 138 ? -4.382  -7.704  1.624   1.00 37.19  ? 117 TRP B CH2 1 
ATOM   952  N  N   . ASN A 1 139 ? -2.539  -3.288  8.565   1.00 31.41  ? 118 ASN B N   1 
ATOM   953  C  CA  . ASN A 1 139 ? -3.351  -2.778  9.652   1.00 35.28  ? 118 ASN B CA  1 
ATOM   954  C  C   . ASN A 1 139 ? -4.345  -1.783  9.073   1.00 34.81  ? 118 ASN B C   1 
ATOM   955  O  O   . ASN A 1 139 ? -4.033  -1.115  8.067   1.00 34.02  ? 118 ASN B O   1 
ATOM   956  C  CB  . ASN A 1 139 ? -2.537  -2.135  10.785  1.00 34.18  ? 118 ASN B CB  1 
ATOM   957  C  CG  . ASN A 1 139 ? -3.414  -1.520  11.870  1.00 35.01  ? 118 ASN B CG  1 
ATOM   958  O  OD1 . ASN A 1 139 ? -4.317  -2.165  12.426  1.00 36.65  ? 118 ASN B OD1 1 
ATOM   959  N  ND2 . ASN A 1 139 ? -3.187  -0.243  12.123  1.00 29.20  ? 118 ASN B ND2 1 
ATOM   960  N  N   . ASP A 1 140 ? -5.519  -1.694  9.725   1.00 31.46  ? 119 ASP B N   1 
ATOM   961  C  CA  . ASP A 1 140 ? -6.451  -0.636  9.467   1.00 33.51  ? 119 ASP B CA  1 
ATOM   962  C  C   . ASP A 1 140 ? -6.236  0.459   10.511  1.00 35.70  ? 119 ASP B C   1 
ATOM   963  O  O   . ASP A 1 140 ? -6.340  0.224   11.730  1.00 37.06  ? 119 ASP B O   1 
ATOM   964  C  CB  . ASP A 1 140 ? -7.920  -1.096  9.426   1.00 35.21  ? 119 ASP B CB  1 
ATOM   965  C  CG  . ASP A 1 140 ? -8.405  -1.961  10.575  1.00 34.89  ? 119 ASP B CG  1 
ATOM   966  O  OD1 . ASP A 1 140 ? -7.567  -2.448  11.402  1.00 38.46  ? 119 ASP B OD1 1 
ATOM   967  O  OD2 . ASP A 1 140 ? -9.672  -2.136  10.647  1.00 39.44  ? 119 ASP B OD2 1 
ATOM   968  N  N   . HIS A 1 141 ? -5.935  1.658   9.996   1.00 32.81  ? 120 HIS B N   1 
ATOM   969  C  CA  . HIS A 1 141 ? -5.731  2.832   10.825  1.00 36.28  ? 120 HIS B CA  1 
ATOM   970  C  C   . HIS A 1 141 ? -6.959  3.722   10.769  1.00 38.81  ? 120 HIS B C   1 
ATOM   971  O  O   . HIS A 1 141 ? -7.415  4.101   9.685   1.00 36.29  ? 120 HIS B O   1 
ATOM   972  C  CB  . HIS A 1 141 ? -4.515  3.635   10.386  1.00 34.32  ? 120 HIS B CB  1 
ATOM   973  C  CG  . HIS A 1 141 ? -4.139  4.683   11.364  1.00 32.90  ? 120 HIS B CG  1 
ATOM   974  N  ND1 . HIS A 1 141 ? -3.560  4.366   12.603  1.00 32.76  ? 120 HIS B ND1 1 
ATOM   975  C  CD2 . HIS A 1 141 ? -4.267  6.027   11.305  1.00 30.05  ? 120 HIS B CD2 1 
ATOM   976  C  CE1 . HIS A 1 141 ? -3.364  5.482   13.252  1.00 31.35  ? 120 HIS B CE1 1 
ATOM   977  N  NE2 . HIS A 1 141 ? -3.725  6.532   12.455  1.00 33.18  ? 120 HIS B NE2 1 
ATOM   978  N  N   . VAL A 1 142 ? -7.384  4.160   11.956  1.00 38.69  ? 121 VAL B N   1 
ATOM   979  C  CA  . VAL A 1 142 ? -8.675  4.846   12.105  1.00 36.80  ? 121 VAL B CA  1 
ATOM   980  C  C   . VAL A 1 142 ? -8.704  6.217   11.407  1.00 41.27  ? 121 VAL B C   1 
ATOM   981  O  O   . VAL A 1 142 ? -9.784  6.654   11.031  1.00 41.09  ? 121 VAL B O   1 
ATOM   982  C  CB  . VAL A 1 142 ? -9.044  4.973   13.590  1.00 37.23  ? 121 VAL B CB  1 
ATOM   983  C  CG1 . VAL A 1 142 ? -8.081  5.861   14.342  1.00 39.61  ? 121 VAL B CG1 1 
ATOM   984  C  CG2 . VAL A 1 142 ? -10.489 5.425   13.775  1.00 39.77  ? 121 VAL B CG2 1 
ATOM   985  N  N   . ASP A 1 143 ? -7.541  6.876   11.279  1.00 35.65  ? 122 ASP B N   1 
ATOM   986  C  CA  . ASP A 1 143 ? -7.357  8.242   10.781  1.00 34.59  ? 122 ASP B CA  1 
ATOM   987  C  C   . ASP A 1 143 ? -6.804  8.220   9.355   1.00 37.44  ? 122 ASP B C   1 
ATOM   988  O  O   . ASP A 1 143 ? -5.609  8.047   9.157   1.00 31.50  ? 122 ASP B O   1 
ATOM   989  C  CB  . ASP A 1 143 ? -6.394  9.021   11.682  1.00 37.68  ? 122 ASP B CB  1 
ATOM   990  C  CG  . ASP A 1 143 ? -6.069  10.412  11.199  1.00 39.26  ? 122 ASP B CG  1 
ATOM   991  O  OD1 . ASP A 1 143 ? -6.889  10.984  10.395  1.00 34.72  ? 122 ASP B OD1 1 
ATOM   992  O  OD2 . ASP A 1 143 ? -5.005  10.924  11.614  1.00 39.06  ? 122 ASP B OD2 1 
ATOM   993  N  N   . CYS A 1 144 ? -7.692  8.508   8.399   1.00 35.07  ? 123 CYS B N   1 
ATOM   994  C  CA  . CYS A 1 144 ? -7.374  8.561   6.948   1.00 38.68  ? 123 CYS B CA  1 
ATOM   995  C  C   . CYS A 1 144 ? -6.835  9.919   6.511   1.00 40.83  ? 123 CYS B C   1 
ATOM   996  O  O   . CYS A 1 144 ? -6.409  10.085  5.337   1.00 40.11  ? 123 CYS B O   1 
ATOM   997  C  CB  . CYS A 1 144 ? -8.634  8.232   6.153   1.00 35.79  ? 123 CYS B CB  1 
ATOM   998  S  SG  . CYS A 1 144 ? -9.090  6.491   6.340   1.00 41.62  ? 123 CYS B SG  1 
ATOM   999  N  N   . GLU A 1 145 ? -6.795  10.872  7.448   1.00 39.99  ? 124 GLU B N   1 
ATOM   1000 C  CA  . GLU A 1 145 ? -6.526  12.247  7.090   1.00 45.14  ? 124 GLU B CA  1 
ATOM   1001 C  C   . GLU A 1 145 ? -5.235  12.792  7.700   1.00 42.79  ? 124 GLU B C   1 
ATOM   1002 O  O   . GLU A 1 145 ? -4.414  13.340  6.981   1.00 35.23  ? 124 GLU B O   1 
ATOM   1003 C  CB  . GLU A 1 145 ? -7.680  13.131  7.534   1.00 48.62  ? 124 GLU B CB  1 
ATOM   1004 C  CG  . GLU A 1 145 ? -8.107  14.075  6.451   1.00 67.72  ? 124 GLU B CG  1 
ATOM   1005 C  CD  . GLU A 1 145 ? -9.579  14.391  6.622   1.00 81.65  ? 124 GLU B CD  1 
ATOM   1006 O  OE1 . GLU A 1 145 ? -10.419 13.526  6.257   1.00 86.53  ? 124 GLU B OE1 1 
ATOM   1007 O  OE2 . GLU A 1 145 ? -9.873  15.466  7.179   1.00 80.44  ? 124 GLU B OE2 1 
ATOM   1008 N  N   . ASN A 1 146 ? -5.070  12.642  9.018   1.00 37.60  ? 125 ASN B N   1 
ATOM   1009 C  CA  . ASN A 1 146 ? -4.127  13.477  9.752   1.00 37.69  ? 125 ASN B CA  1 
ATOM   1010 C  C   . ASN A 1 146 ? -2.939  12.651  10.222  1.00 35.05  ? 125 ASN B C   1 
ATOM   1011 O  O   . ASN A 1 146 ? -2.135  13.178  10.938  1.00 36.62  ? 125 ASN B O   1 
ATOM   1012 C  CB  . ASN A 1 146 ? -4.764  14.209  10.940  1.00 36.75  ? 125 ASN B CB  1 
ATOM   1013 C  CG  . ASN A 1 146 ? -5.788  15.210  10.469  1.00 39.62  ? 125 ASN B CG  1 
ATOM   1014 O  OD1 . ASN A 1 146 ? -5.535  15.894  9.498   1.00 36.35  ? 125 ASN B OD1 1 
ATOM   1015 N  ND2 . ASN A 1 146 ? -6.955  15.283  11.092  1.00 32.11  ? 125 ASN B ND2 1 
ATOM   1016 N  N   . THR A 1 147 ? -2.839  11.365  9.857   1.00 31.33  ? 126 THR B N   1 
ATOM   1017 C  CA  . THR A 1 147 ? -1.711  10.603  10.285  1.00 34.54  ? 126 THR B CA  1 
ATOM   1018 C  C   . THR A 1 147 ? -0.677  10.553  9.152   1.00 33.99  ? 126 THR B C   1 
ATOM   1019 O  O   . THR A 1 147 ? -0.880  9.919   8.158   1.00 32.21  ? 126 THR B O   1 
ATOM   1020 C  CB  . THR A 1 147 ? -2.107  9.222   10.800  1.00 33.72  ? 126 THR B CB  1 
ATOM   1021 O  OG1 . THR A 1 147 ? -3.017  9.387   11.904  1.00 32.16  ? 126 THR B OG1 1 
ATOM   1022 C  CG2 . THR A 1 147 ? -0.879  8.435   11.209  1.00 34.81  ? 126 THR B CG2 1 
ATOM   1023 N  N   . ASN A 1 148 ? 0.452   11.212  9.367   1.00 31.56  ? 127 ASN B N   1 
ATOM   1024 C  CA  . ASN A 1 148 ? 1.405   11.433  8.308   1.00 34.88  ? 127 ASN B CA  1 
ATOM   1025 C  C   . ASN A 1 148 ? 2.425   10.313  8.247   1.00 37.86  ? 127 ASN B C   1 
ATOM   1026 O  O   . ASN A 1 148 ? 3.102   9.991   9.263   1.00 37.42  ? 127 ASN B O   1 
ATOM   1027 C  CB  . ASN A 1 148 ? 2.148   12.747  8.493   1.00 35.92  ? 127 ASN B CB  1 
ATOM   1028 C  CG  . ASN A 1 148 ? 1.224   13.921  8.301   1.00 42.78  ? 127 ASN B CG  1 
ATOM   1029 O  OD1 . ASN A 1 148 ? 0.363   13.940  7.432   1.00 40.44  ? 127 ASN B OD1 1 
ATOM   1030 N  ND2 . ASN A 1 148 ? 1.398   14.908  9.143   1.00 48.18  ? 127 ASN B ND2 1 
ATOM   1031 N  N   . GLY A 1 149 ? 2.628   9.796   7.037   1.00 33.40  ? 128 GLY B N   1 
ATOM   1032 C  CA  . GLY A 1 149 ? 3.658   8.790   6.807   1.00 31.51  ? 128 GLY B CA  1 
ATOM   1033 C  C   . GLY A 1 149 ? 4.027   8.705   5.324   1.00 34.84  ? 128 GLY B C   1 
ATOM   1034 O  O   . GLY A 1 149 ? 3.423   9.390   4.491   1.00 30.13  ? 128 GLY B O   1 
ATOM   1035 N  N   . PRO A 1 150 ? 4.956   7.793   4.985   1.00 33.43  ? 129 PRO B N   1 
ATOM   1036 C  CA  . PRO A 1 150 ? 5.338   7.475   3.605   1.00 33.39  ? 129 PRO B CA  1 
ATOM   1037 C  C   . PRO A 1 150 ? 4.299   6.547   2.963   1.00 34.07  ? 129 PRO B C   1 
ATOM   1038 O  O   . PRO A 1 150 ? 3.308   6.119   3.620   1.00 30.08  ? 129 PRO B O   1 
ATOM   1039 C  CB  . PRO A 1 150 ? 6.663   6.767   3.771   1.00 32.56  ? 129 PRO B CB  1 
ATOM   1040 C  CG  . PRO A 1 150 ? 6.446   5.969   5.052   1.00 35.30  ? 129 PRO B CG  1 
ATOM   1041 C  CD  . PRO A 1 150 ? 5.648   6.914   5.945   1.00 36.44  ? 129 PRO B CD  1 
ATOM   1042 N  N   . CYS A 1 151 ? 4.471   6.289   1.667   1.00 30.68  ? 130 CYS B N   1 
ATOM   1043 C  CA  . CYS A 1 151 ? 3.489   5.517   0.932   1.00 30.45  ? 130 CYS B CA  1 
ATOM   1044 C  C   . CYS A 1 151 ? 4.158   4.750   -0.217  1.00 28.97  ? 130 CYS B C   1 
ATOM   1045 O  O   . CYS A 1 151 ? 5.357   4.928   -0.505  1.00 32.49  ? 130 CYS B O   1 
ATOM   1046 C  CB  . CYS A 1 151 ? 2.327   6.398   0.481   1.00 35.57  ? 130 CYS B CB  1 
ATOM   1047 S  SG  . CYS A 1 151 ? 2.816   7.529   -0.864  1.00 34.17  ? 130 CYS B SG  1 
ATOM   1048 N  N   . ILE A 1 152 ? 3.352   3.853   -0.813  1.00 31.42  ? 131 ILE B N   1 
ATOM   1049 C  CA  . ILE A 1 152 ? 3.742   2.983   -1.888  1.00 33.80  ? 131 ILE B CA  1 
ATOM   1050 C  C   . ILE A 1 152 ? 2.777   3.183   -3.060  1.00 33.56  ? 131 ILE B C   1 
ATOM   1051 O  O   . ILE A 1 152 ? 1.581   2.904   -2.960  1.00 32.34  ? 131 ILE B O   1 
ATOM   1052 C  CB  . ILE A 1 152 ? 3.778   1.507   -1.490  1.00 31.33  ? 131 ILE B CB  1 
ATOM   1053 C  CG1 . ILE A 1 152 ? 4.541   1.242   -0.177  1.00 32.68  ? 131 ILE B CG1 1 
ATOM   1054 C  CG2 . ILE A 1 152 ? 4.390   0.745   -2.657  1.00 33.46  ? 131 ILE B CG2 1 
ATOM   1055 C  CD1 . ILE A 1 152 ? 4.464   -0.179  0.268   1.00 35.07  ? 131 ILE B CD1 1 
ATOM   1056 N  N   . CYS A 1 153 ? 3.336   3.665   -4.170  1.00 33.39  ? 132 CYS B N   1 
ATOM   1057 C  CA  . CYS A 1 153 ? 2.552   3.809   -5.408  1.00 34.98  ? 132 CYS B CA  1 
ATOM   1058 C  C   . CYS A 1 153 ? 2.909   2.675   -6.369  1.00 33.68  ? 132 CYS B C   1 
ATOM   1059 O  O   . CYS A 1 153 ? 4.024   2.154   -6.370  1.00 31.83  ? 132 CYS B O   1 
ATOM   1060 C  CB  . CYS A 1 153 ? 2.863   5.112   -6.147  1.00 33.98  ? 132 CYS B CB  1 
ATOM   1061 S  SG  . CYS A 1 153 ? 2.717   6.641   -5.171  1.00 34.56  ? 132 CYS B SG  1 
ATOM   1062 N  N   . GLU A 1 154 ? 1.966   2.366   -7.246  1.00 32.32  ? 133 GLU B N   1 
ATOM   1063 C  CA  . GLU A 1 154 ? 2.144   1.261   -8.191  1.00 37.63  ? 133 GLU B CA  1 
ATOM   1064 C  C   . GLU A 1 154 ? 1.678   1.720   -9.584  1.00 34.92  ? 133 GLU B C   1 
ATOM   1065 O  O   . GLU A 1 154 ? 0.628   2.360   -9.638  1.00 33.40  ? 133 GLU B O   1 
ATOM   1066 C  CB  . GLU A 1 154 ? 1.279   0.059   -7.782  1.00 32.94  ? 133 GLU B CB  1 
ATOM   1067 C  CG  . GLU A 1 154 ? 1.572   -1.234  -8.554  1.00 31.20  ? 133 GLU B CG  1 
ATOM   1068 C  CD  . GLU A 1 154 ? 0.759   -2.452  -8.167  1.00 30.95  ? 133 GLU B CD  1 
ATOM   1069 O  OE1 . GLU A 1 154 ? -0.254  -2.291  -7.405  1.00 34.27  ? 133 GLU B OE1 1 
ATOM   1070 O  OE2 . GLU A 1 154 ? 1.086   -3.572  -8.683  1.00 36.31  ? 133 GLU B OE2 1 
ATOM   1071 N  N   . ILE A 1 155 ? 2.403   1.292   -10.620 1.00 33.86  ? 134 ILE B N   1 
ATOM   1072 C  CA  . ILE A 1 155 ? 1.881   1.270   -12.008 1.00 40.95  ? 134 ILE B CA  1 
ATOM   1073 C  C   . ILE A 1 155 ? 2.039   -0.143  -12.581 1.00 39.68  ? 134 ILE B C   1 
ATOM   1074 O  O   . ILE A 1 155 ? 3.019   -0.851  -12.318 1.00 34.31  ? 134 ILE B O   1 
ATOM   1075 C  CB  . ILE A 1 155 ? 2.594   2.303   -12.906 1.00 36.49  ? 134 ILE B CB  1 
ATOM   1076 C  CG1 . ILE A 1 155 ? 4.089   2.025   -13.075 1.00 40.91  ? 134 ILE B CG1 1 
ATOM   1077 C  CG2 . ILE A 1 155 ? 2.311   3.701   -12.371 1.00 43.34  ? 134 ILE B CG2 1 
ATOM   1078 C  CD1 . ILE A 1 155 ? 4.817   2.906   -14.117 1.00 41.32  ? 134 ILE B CD1 1 
ATOM   1079 N  N   . ASP A 1 156 ? 1.121   -0.503  -13.463 1.00 36.41  ? 135 ASP B N   1 
ATOM   1080 C  CA  . ASP A 1 156 ? 1.247   -1.771  -14.173 1.00 41.86  ? 135 ASP B CA  1 
ATOM   1081 C  C   . ASP A 1 156 ? 1.342   -1.606  -15.706 1.00 43.27  ? 135 ASP B C   1 
ATOM   1082 O  O   . ASP A 1 156 ? 1.165   -2.563  -16.417 1.00 37.09  ? 135 ASP B O   1 
ATOM   1083 C  CB  . ASP A 1 156 ? 0.071   -2.630  -13.781 1.00 39.90  ? 135 ASP B CB  1 
ATOM   1084 C  CG  . ASP A 1 156 ? -1.229  -2.155  -14.375 1.00 46.19  ? 135 ASP B CG  1 
ATOM   1085 O  OD1 . ASP A 1 156 ? -1.210  -1.171  -15.128 1.00 42.80  ? 135 ASP B OD1 1 
ATOM   1086 O  OD2 . ASP A 1 156 ? -2.234  -2.793  -14.076 1.00 47.91  ? 135 ASP B OD2 1 
ATOM   1087 N  N   . CYS A 1 157 ? 1.620   -0.402  -16.204 1.00 42.42  ? 136 CYS B N   1 
ATOM   1088 C  CA  . CYS A 1 157 ? 1.958   -0.150  -17.614 1.00 39.16  ? 136 CYS B CA  1 
ATOM   1089 C  C   . CYS A 1 157 ? 0.904   -0.719  -18.585 1.00 39.04  ? 136 CYS B C   1 
ATOM   1090 O  O   . CYS A 1 157 ? 1.269   -1.224  -19.669 1.00 45.82  ? 136 CYS B O   1 
ATOM   1091 C  CB  . CYS A 1 157 ? 3.265   -0.813  -17.995 1.00 37.57  ? 136 CYS B CB  1 
ATOM   1092 S  SG  . CYS A 1 157 ? 4.675   -0.285  -17.014 1.00 44.67  ? 136 CYS B SG  1 
ATOM   1093 N  N   . SER A 1 158 ? -0.366  -0.684  -18.180 1.00 37.63  ? 137 SER B N   1 
ATOM   1094 C  CA  . SER A 1 158 ? -1.452  -1.288  -18.889 1.00 46.81  ? 137 SER B CA  1 
ATOM   1095 C  C   . SER A 1 158 ? -2.058  -0.238  -19.830 1.00 57.98  ? 137 SER B C   1 
ATOM   1096 O  O   . SER A 1 158 ? -3.091  -0.486  -20.450 1.00 57.94  ? 137 SER B O   1 
ATOM   1097 C  CB  . SER A 1 158 ? -2.465  -1.915  -17.972 1.00 45.03  ? 137 SER B CB  1 
ATOM   1098 O  OG  . SER A 1 158 ? -2.961  -0.964  -17.062 1.00 47.41  ? 137 SER B OG  1 
ATOM   1099 N  N   . ASP A 1 159 ? -1.477  0.962   -19.758 1.00 68.93  ? 138 ASP B N   1 
ATOM   1100 C  CA  . ASP A 1 159 ? -0.836  1.678   -20.862 1.00 88.56  ? 138 ASP B CA  1 
ATOM   1101 C  C   . ASP A 1 159 ? -0.444  3.076   -20.382 1.00 80.57  ? 138 ASP B C   1 
ATOM   1102 O  O   . ASP A 1 159 ? -1.333  3.894   -20.299 1.00 81.43  ? 138 ASP B O   1 
ATOM   1103 C  CB  . ASP A 1 159 ? -1.692  1.744   -22.131 1.00 85.92  ? 138 ASP B CB  1 
ATOM   1104 C  CG  . ASP A 1 159 ? -0.842  1.509   -23.366 1.00 91.29  ? 138 ASP B CG  1 
ATOM   1105 O  OD1 . ASP A 1 159 ? 0.324   1.058   -23.198 1.00 87.50  ? 138 ASP B OD1 1 
ATOM   1106 O  OD2 . ASP A 1 159 ? -1.338  1.779   -24.479 1.00 93.37  ? 138 ASP B OD2 1 
HETATM 1107 C  C1  . NGA B 2 .   ? -0.435  1.715   15.762  1.00 33.65  ? 201 NGA B C1  1 
HETATM 1108 C  C2  . NGA B 2 .   ? -1.213  1.711   14.438  1.00 29.40  ? 201 NGA B C2  1 
HETATM 1109 C  C3  . NGA B 2 .   ? -2.592  2.021   15.005  1.00 30.70  ? 201 NGA B C3  1 
HETATM 1110 C  C4  . NGA B 2 .   ? -2.905  0.997   16.141  1.00 31.02  ? 201 NGA B C4  1 
HETATM 1111 C  C5  . NGA B 2 .   ? -1.755  0.694   17.091  1.00 34.75  ? 201 NGA B C5  1 
HETATM 1112 C  C6  . NGA B 2 .   ? -1.983  -0.305  18.255  1.00 39.71  ? 201 NGA B C6  1 
HETATM 1113 C  C7  . NGA B 2 .   ? -0.818  2.782   12.266  1.00 32.91  ? 201 NGA B C7  1 
HETATM 1114 C  C8  . NGA B 2 .   ? -0.517  4.141   11.651  1.00 36.58  ? 201 NGA B C8  1 
HETATM 1115 N  N2  . NGA B 2 .   ? -0.854  2.825   13.590  1.00 30.98  ? 201 NGA B N2  1 
HETATM 1116 O  O1  . NGA B 2 .   ? 0.722   2.462   16.017  1.00 44.32  ? 201 NGA B O1  1 
HETATM 1117 O  O3  . NGA B 2 .   ? -3.554  2.092   13.964  1.00 32.70  ? 201 NGA B O3  1 
HETATM 1118 O  O4  . NGA B 2 .   ? -3.327  -0.126  15.381  1.00 32.67  ? 201 NGA B O4  1 
HETATM 1119 O  O5  . NGA B 2 .   ? -0.554  0.407   16.314  1.00 37.82  ? 201 NGA B O5  1 
HETATM 1120 O  O6  . NGA B 2 .   ? -3.068  0.193   19.065  1.00 39.66  ? 201 NGA B O6  1 
HETATM 1121 O  O7  . NGA B 2 .   ? -1.079  1.787   11.632  1.00 33.09  ? 201 NGA B O7  1 
HETATM 1122 C  C   . TRS C 3 .   ? -2.739  -2.299  -9.948  1.00 52.07  ? 202 TRS B C   1 
HETATM 1123 C  C1  . TRS C 3 .   ? -4.149  -2.799  -10.302 1.00 52.54  ? 202 TRS B C1  1 
HETATM 1124 C  C2  . TRS C 3 .   ? -2.421  -1.108  -10.857 1.00 44.76  ? 202 TRS B C2  1 
HETATM 1125 C  C3  . TRS C 3 .   ? -1.731  -3.477  -10.081 1.00 47.07  ? 202 TRS B C3  1 
HETATM 1126 N  N   . TRS C 3 .   ? -2.738  -1.811  -8.523  1.00 43.89  ? 202 TRS B N   1 
HETATM 1127 O  O1  . TRS C 3 .   ? -5.023  -1.810  -9.800  1.00 47.52  ? 202 TRS B O1  1 
HETATM 1128 O  O2  . TRS C 3 .   ? -1.171  -0.539  -10.503 1.00 51.26  ? 202 TRS B O2  1 
HETATM 1129 O  O3  . TRS C 3 .   ? -1.968  -4.417  -9.033  1.00 41.41  ? 202 TRS B O3  1 
HETATM 1130 CA CA  . CA  D 4 .   ? -0.378  -5.018  -7.374  1.00 35.65  ? 203 CA  B CA  1 
HETATM 1131 S  S   . SO4 E 5 .   ? -4.743  -14.033 13.749  1.00 85.96  ? 204 SO4 B S   1 
HETATM 1132 O  O1  . SO4 E 5 .   ? -5.616  -12.800 13.708  1.00 102.15 ? 204 SO4 B O1  1 
HETATM 1133 O  O2  . SO4 E 5 .   ? -3.865  -13.977 14.941  1.00 84.77  ? 204 SO4 B O2  1 
HETATM 1134 O  O3  . SO4 E 5 .   ? -5.654  -15.205 13.773  1.00 100.37 ? 204 SO4 B O3  1 
HETATM 1135 O  O4  . SO4 E 5 .   ? -3.852  -14.209 12.558  1.00 103.80 ? 204 SO4 B O4  1 
HETATM 1136 O  O   . HOH F 6 .   ? 0.218   -6.606  17.954  1.00 40.76  ? 301 HOH B O   1 
HETATM 1137 O  O   . HOH F 6 .   ? -1.805  14.983  7.113   1.00 46.96  ? 302 HOH B O   1 
HETATM 1138 O  O   . HOH F 6 .   ? 0.844   -4.106  16.427  1.00 48.31  ? 303 HOH B O   1 
HETATM 1139 O  O   . HOH F 6 .   ? -3.548  -12.704 10.559  1.00 41.14  ? 304 HOH B O   1 
HETATM 1140 O  O   . HOH F 6 .   ? 7.935   -0.778  15.201  1.00 45.55  ? 305 HOH B O   1 
HETATM 1141 O  O   . HOH F 6 .   ? 3.420   14.534  -12.137 1.00 49.70  ? 306 HOH B O   1 
HETATM 1142 O  O   . HOH F 6 .   ? 8.436   -11.863 -3.681  1.00 40.57  ? 307 HOH B O   1 
HETATM 1143 O  O   . HOH F 6 .   ? 6.493   -4.223  -20.722 1.00 40.21  ? 308 HOH B O   1 
HETATM 1144 O  O   . HOH F 6 .   ? -7.123  11.750  -1.658  1.00 47.54  ? 309 HOH B O   1 
HETATM 1145 O  O   . HOH F 6 .   ? 0.952   -6.004  -11.816 1.00 39.18  ? 310 HOH B O   1 
HETATM 1146 O  O   . HOH F 6 .   ? -11.990 5.368   10.857  1.00 56.61  ? 311 HOH B O   1 
HETATM 1147 O  O   . HOH F 6 .   ? 9.000   -13.214 4.479   1.00 35.02  ? 312 HOH B O   1 
HETATM 1148 O  O   . HOH F 6 .   ? 0.912   -8.913  5.006   1.00 30.97  ? 313 HOH B O   1 
HETATM 1149 O  O   . HOH F 6 .   ? 11.037  9.310   -11.732 1.00 49.34  ? 314 HOH B O   1 
HETATM 1150 O  O   . HOH F 6 .   ? -5.799  -9.072  -2.102  1.00 37.29  ? 315 HOH B O   1 
HETATM 1151 O  O   . HOH F 6 .   ? -10.053 9.480   8.859   1.00 52.52  ? 316 HOH B O   1 
HETATM 1152 O  O   . HOH F 6 .   ? 14.542  -6.888  3.770   1.00 50.83  ? 317 HOH B O   1 
HETATM 1153 O  O   . HOH F 6 .   ? 11.831  -7.137  -1.693  1.00 33.48  ? 318 HOH B O   1 
HETATM 1154 O  O   . HOH F 6 .   ? -7.459  11.522  -4.580  1.00 48.27  ? 319 HOH B O   1 
HETATM 1155 O  O   . HOH F 6 .   ? 2.910   9.604   1.931   1.00 34.27  ? 320 HOH B O   1 
HETATM 1156 O  O   . HOH F 6 .   ? -11.677 -11.933 -4.145  1.00 59.22  ? 321 HOH B O   1 
HETATM 1157 O  O   . HOH F 6 .   ? 1.621   5.681   -15.290 1.00 46.45  ? 322 HOH B O   1 
HETATM 1158 O  O   . HOH F 6 .   ? -12.044 -7.449  -0.203  1.00 46.00  ? 323 HOH B O   1 
HETATM 1159 O  O   . HOH F 6 .   ? -7.384  -8.484  -5.111  1.00 41.71  ? 324 HOH B O   1 
HETATM 1160 O  O   . HOH F 6 .   ? 15.415  -4.243  1.225   1.00 50.40  ? 325 HOH B O   1 
HETATM 1161 O  O   . HOH F 6 .   ? -8.187  -11.235 9.574   1.00 49.43  ? 326 HOH B O   1 
HETATM 1162 O  O   . HOH F 6 .   ? -10.206 -8.928  -6.782  1.00 50.21  ? 327 HOH B O   1 
HETATM 1163 O  O   . HOH F 6 .   ? -1.637  1.643   20.772  1.00 42.35  ? 328 HOH B O   1 
HETATM 1164 O  O   . HOH F 6 .   ? 13.110  -4.571  -7.950  1.00 52.07  ? 329 HOH B O   1 
HETATM 1165 O  O   . HOH F 6 .   ? -6.055  -0.073  14.787  1.00 38.47  ? 330 HOH B O   1 
HETATM 1166 O  O   . HOH F 6 .   ? 11.798  4.350   0.133   1.00 46.32  ? 331 HOH B O   1 
HETATM 1167 O  O   . HOH F 6 .   ? -5.445  -1.752  -20.373 1.00 45.55  ? 332 HOH B O   1 
HETATM 1168 O  O   . HOH F 6 .   ? -9.443  11.584  11.023  1.00 41.92  ? 333 HOH B O   1 
HETATM 1169 O  O   . HOH F 6 .   ? 6.213   -10.791 8.641   1.00 35.25  ? 334 HOH B O   1 
HETATM 1170 O  O   . HOH F 6 .   ? 7.129   -3.110  18.329  1.00 38.62  ? 335 HOH B O   1 
HETATM 1171 O  O   . HOH F 6 .   ? 12.779  5.054   5.482   1.00 35.43  ? 336 HOH B O   1 
HETATM 1172 O  O   . HOH F 6 .   ? 8.633   -8.295  -19.029 1.00 38.87  ? 337 HOH B O   1 
HETATM 1173 O  O   . HOH F 6 .   ? 7.601   9.722   5.964   1.00 35.42  ? 338 HOH B O   1 
HETATM 1174 O  O   . HOH F 6 .   ? -3.380  14.428  -7.370  1.00 43.65  ? 339 HOH B O   1 
HETATM 1175 O  O   . HOH F 6 .   ? -3.996  6.710   -5.410  1.00 34.02  ? 340 HOH B O   1 
HETATM 1176 O  O   . HOH F 6 .   ? 12.158  -2.527  9.734   1.00 38.20  ? 341 HOH B O   1 
HETATM 1177 O  O   . HOH F 6 .   ? 9.956   -12.115 -1.351  1.00 38.06  ? 342 HOH B O   1 
HETATM 1178 O  O   . HOH F 6 .   ? 0.291   15.040  -12.485 1.00 46.59  ? 343 HOH B O   1 
HETATM 1179 O  O   . HOH F 6 .   ? 0.283   -1.762  -22.197 1.00 36.83  ? 344 HOH B O   1 
HETATM 1180 O  O   . HOH F 6 .   ? 7.173   -5.548  14.723  1.00 40.32  ? 345 HOH B O   1 
HETATM 1181 O  O   . HOH F 6 .   ? 11.806  -7.979  -9.094  1.00 45.60  ? 346 HOH B O   1 
HETATM 1182 O  O   . HOH F 6 .   ? 11.216  9.083   -1.302  1.00 41.62  ? 347 HOH B O   1 
HETATM 1183 O  O   . HOH F 6 .   ? 3.802   -12.990 1.561   1.00 41.82  ? 348 HOH B O   1 
HETATM 1184 O  O   . HOH F 6 .   ? 16.242  3.280   8.226   1.00 48.64  ? 349 HOH B O   1 
HETATM 1185 O  O   . HOH F 6 .   ? -13.021 -1.347  16.043  1.00 55.20  ? 350 HOH B O   1 
HETATM 1186 O  O   . HOH F 6 .   ? -5.975  6.449   -7.008  1.00 43.46  ? 351 HOH B O   1 
HETATM 1187 O  O   . HOH F 6 .   ? -3.066  -1.081  -23.209 1.00 39.47  ? 352 HOH B O   1 
HETATM 1188 O  O   . HOH F 6 .   ? -0.457  14.884  -1.960  1.00 40.55  ? 353 HOH B O   1 
HETATM 1189 O  O   . HOH F 6 .   ? 11.023  3.342   -4.918  1.00 34.98  ? 354 HOH B O   1 
HETATM 1190 O  O   . HOH F 6 .   ? -3.738  12.199  13.820  1.00 36.82  ? 355 HOH B O   1 
HETATM 1191 O  O   . HOH F 6 .   ? -4.320  13.207  4.139   1.00 37.90  ? 356 HOH B O   1 
HETATM 1192 O  O   . HOH F 6 .   ? 10.132  -0.137  11.193  1.00 34.00  ? 357 HOH B O   1 
HETATM 1193 O  O   . HOH F 6 .   ? 9.808   -8.082  8.245   1.00 36.66  ? 358 HOH B O   1 
HETATM 1194 O  O   . HOH F 6 .   ? 10.028  -6.347  11.750  1.00 48.30  ? 359 HOH B O   1 
HETATM 1195 O  O   . HOH F 6 .   ? 1.054   12.142  12.004  1.00 40.79  ? 360 HOH B O   1 
HETATM 1196 O  O   . HOH F 6 .   ? 4.084   14.989  -7.473  0.50 47.62  ? 361 HOH B O   1 
HETATM 1197 O  O   . HOH F 6 .   ? 3.052   -7.391  -9.150  1.00 36.77  ? 362 HOH B O   1 
HETATM 1198 O  O   . HOH F 6 .   ? -1.439  14.846  3.921   1.00 42.36  ? 363 HOH B O   1 
HETATM 1199 O  O   . HOH F 6 .   ? -3.737  9.557   7.546   1.00 37.35  ? 364 HOH B O   1 
HETATM 1200 O  O   . HOH F 6 .   ? -1.239  -2.528  15.702  1.00 36.03  ? 365 HOH B O   1 
HETATM 1201 O  O   . HOH F 6 .   ? 6.146   5.619   9.175   1.00 36.14  ? 366 HOH B O   1 
HETATM 1202 O  O   . HOH F 6 .   ? -14.480 -1.620  9.849   1.00 44.96  ? 367 HOH B O   1 
HETATM 1203 O  O   . HOH F 6 .   ? 5.244   -15.922 -1.180  1.00 39.59  ? 368 HOH B O   1 
HETATM 1204 O  O   . HOH F 6 .   ? 16.226  4.199   -11.086 1.00 58.54  ? 369 HOH B O   1 
HETATM 1205 O  O   . HOH F 6 .   ? 6.113   15.080  2.018   1.00 46.52  ? 370 HOH B O   1 
HETATM 1206 O  O   . HOH F 6 .   ? 12.389  8.189   -15.725 1.00 56.66  ? 371 HOH B O   1 
HETATM 1207 O  O   . HOH F 6 .   ? -4.307  -15.191 1.382   1.00 42.54  ? 372 HOH B O   1 
HETATM 1208 O  O   . HOH F 6 .   ? 8.717   9.618   -10.292 1.00 48.26  ? 373 HOH B O   1 
HETATM 1209 O  O   . HOH F 6 .   ? -1.088  1.546   -13.795 1.00 37.86  ? 374 HOH B O   1 
HETATM 1210 O  O   . HOH F 6 .   ? -5.295  -11.661 -7.675  1.00 53.58  ? 375 HOH B O   1 
HETATM 1211 O  O   . HOH F 6 .   ? 0.502   -6.672  -9.003  1.00 34.02  ? 376 HOH B O   1 
HETATM 1212 O  O   . HOH F 6 .   ? -4.448  -12.293 7.163   1.00 41.68  ? 377 HOH B O   1 
HETATM 1213 O  O   . HOH F 6 .   ? 6.332   10.669  8.294   1.00 39.54  ? 378 HOH B O   1 
HETATM 1214 O  O   . HOH F 6 .   ? 11.052  -7.491  -17.189 1.00 41.05  ? 379 HOH B O   1 
HETATM 1215 O  O   . HOH F 6 .   ? 1.144   2.850   -16.523 1.00 45.41  ? 380 HOH B O   1 
HETATM 1216 O  O   . HOH F 6 .   ? -6.767  -0.545  17.219  1.00 36.91  ? 381 HOH B O   1 
HETATM 1217 O  O   . HOH F 6 .   ? 7.351   -14.759 -1.433  1.00 54.24  ? 382 HOH B O   1 
HETATM 1218 O  O   . HOH F 6 .   ? 10.081  10.241  -7.276  1.00 50.98  ? 383 HOH B O   1 
HETATM 1219 O  O   . HOH F 6 .   ? 11.678  -9.989  -1.741  1.00 50.49  ? 384 HOH B O   1 
HETATM 1220 O  O   . HOH F 6 .   ? 8.120   14.829  0.192   1.00 50.46  ? 385 HOH B O   1 
HETATM 1221 O  O   . HOH F 6 .   ? 6.773   -3.979  -23.627 1.00 37.07  ? 386 HOH B O   1 
HETATM 1222 O  O   . HOH F 6 .   ? 12.115  -8.942  -6.670  1.00 46.77  ? 387 HOH B O   1 
# 
